data_2DA3
#
_entry.id   2DA3
#
_entity_poly.entity_id   1
_entity_poly.type   'polypeptide(L)'
_entity_poly.pdbx_seq_one_letter_code
;GSSGSSGGTGGEEPQRDKRLRTTITPEQLEILYQKYLLDSNPTRKMLDHIAHEVGLKKRVVQVWFQNTRARERKSGPSSG
;
_entity_poly.pdbx_strand_id   A
#
# COMPACT_ATOMS: atom_id res chain seq x y z
N GLY A 1 1.03 32.02 -2.03
CA GLY A 1 2.37 31.80 -2.53
C GLY A 1 3.42 31.92 -1.43
N SER A 2 3.61 30.85 -0.67
CA SER A 2 4.58 30.84 0.42
C SER A 2 5.47 29.61 0.35
N SER A 3 6.69 29.72 0.86
CA SER A 3 7.63 28.62 0.86
C SER A 3 8.87 28.96 1.70
N GLY A 4 9.72 27.96 1.90
CA GLY A 4 10.93 28.16 2.68
C GLY A 4 11.36 26.91 3.42
N SER A 5 12.42 26.27 2.92
CA SER A 5 12.92 25.06 3.54
C SER A 5 14.42 25.16 3.81
N SER A 6 14.97 24.17 4.51
CA SER A 6 16.39 24.15 4.82
C SER A 6 16.99 22.78 4.54
N GLY A 7 18.30 22.76 4.30
CA GLY A 7 18.98 21.51 4.01
C GLY A 7 20.45 21.54 4.42
N GLY A 8 21.15 20.46 4.13
CA GLY A 8 22.57 20.38 4.47
C GLY A 8 22.96 19.02 5.02
N THR A 9 22.92 18.01 4.16
CA THR A 9 23.27 16.65 4.57
C THR A 9 23.45 15.75 3.36
N GLY A 10 24.58 15.04 3.31
CA GLY A 10 24.83 14.13 2.20
C GLY A 10 23.75 13.09 2.04
N GLY A 11 23.41 12.79 0.79
CA GLY A 11 22.37 11.80 0.52
C GLY A 11 22.95 10.41 0.31
N GLU A 12 22.07 9.45 0.03
CA GLU A 12 22.50 8.08 -0.18
C GLU A 12 21.77 7.46 -1.37
N GLU A 13 22.41 6.48 -2.01
CA GLU A 13 21.82 5.81 -3.16
C GLU A 13 20.36 5.48 -2.91
N PRO A 14 19.57 5.42 -3.99
CA PRO A 14 18.14 5.10 -3.91
C PRO A 14 17.88 3.65 -3.53
N GLN A 15 16.61 3.31 -3.35
CA GLN A 15 16.23 1.95 -2.97
C GLN A 15 15.58 1.23 -4.15
N ARG A 16 16.25 0.21 -4.65
CA ARG A 16 15.75 -0.58 -5.77
C ARG A 16 15.66 -2.05 -5.41
N ASP A 17 14.60 -2.71 -5.88
CA ASP A 17 14.39 -4.12 -5.61
C ASP A 17 13.33 -4.71 -6.53
N LYS A 18 13.37 -6.02 -6.72
CA LYS A 18 12.42 -6.71 -7.58
C LYS A 18 11.21 -7.19 -6.77
N ARG A 19 10.76 -6.35 -5.85
CA ARG A 19 9.60 -6.70 -5.01
C ARG A 19 8.35 -5.97 -5.49
N LEU A 20 8.55 -4.84 -6.17
CA LEU A 20 7.44 -4.05 -6.67
C LEU A 20 6.61 -4.84 -7.66
N ARG A 21 5.40 -5.22 -7.25
CA ARG A 21 4.51 -5.99 -8.11
C ARG A 21 3.20 -5.23 -8.35
N THR A 22 2.48 -5.62 -9.39
CA THR A 22 1.22 -4.98 -9.74
C THR A 22 0.13 -5.32 -8.72
N THR A 23 -0.13 -6.61 -8.56
CA THR A 23 -1.15 -7.07 -7.62
C THR A 23 -0.72 -6.82 -6.17
N ILE A 24 -1.69 -6.74 -5.28
CA ILE A 24 -1.41 -6.50 -3.86
C ILE A 24 -1.28 -7.81 -3.09
N THR A 25 -0.65 -7.75 -1.93
CA THR A 25 -0.47 -8.94 -1.10
C THR A 25 -1.28 -8.84 0.18
N PRO A 26 -1.62 -10.00 0.75
CA PRO A 26 -2.42 -10.09 1.98
C PRO A 26 -1.64 -9.60 3.20
N GLU A 27 -0.32 -9.46 3.04
CA GLU A 27 0.53 -9.00 4.13
C GLU A 27 0.78 -7.51 4.04
N GLN A 28 0.61 -6.96 2.83
CA GLN A 28 0.82 -5.53 2.61
C GLN A 28 -0.46 -4.75 2.88
N LEU A 29 -1.58 -5.28 2.40
CA LEU A 29 -2.87 -4.62 2.59
C LEU A 29 -3.02 -4.10 4.01
N GLU A 30 -2.84 -4.98 4.99
CA GLU A 30 -2.95 -4.61 6.39
C GLU A 30 -2.46 -3.18 6.61
N ILE A 31 -1.21 -2.94 6.24
CA ILE A 31 -0.60 -1.61 6.39
C ILE A 31 -1.47 -0.54 5.73
N LEU A 32 -1.87 -0.79 4.49
CA LEU A 32 -2.69 0.16 3.75
C LEU A 32 -4.01 0.42 4.49
N TYR A 33 -4.69 -0.65 4.88
CA TYR A 33 -5.95 -0.52 5.60
C TYR A 33 -5.78 0.28 6.88
N GLN A 34 -4.73 -0.04 7.64
CA GLN A 34 -4.45 0.65 8.90
C GLN A 34 -4.16 2.12 8.66
N LYS A 35 -3.42 2.40 7.59
CA LYS A 35 -3.07 3.77 7.24
C LYS A 35 -4.28 4.53 6.68
N TYR A 36 -5.16 3.80 6.00
CA TYR A 36 -6.36 4.40 5.43
C TYR A 36 -7.35 4.78 6.52
N LEU A 37 -7.64 3.82 7.40
CA LEU A 37 -8.58 4.05 8.49
C LEU A 37 -8.22 5.32 9.26
N LEU A 38 -6.93 5.54 9.46
CA LEU A 38 -6.45 6.72 10.19
C LEU A 38 -6.31 7.92 9.24
N ASP A 39 -5.94 7.65 8.00
CA ASP A 39 -5.79 8.70 7.01
C ASP A 39 -6.44 8.30 5.68
N SER A 40 -7.60 8.87 5.41
CA SER A 40 -8.33 8.57 4.18
C SER A 40 -8.19 9.71 3.17
N ASN A 41 -7.55 10.80 3.60
CA ASN A 41 -7.34 11.96 2.74
C ASN A 41 -5.88 12.40 2.76
N PRO A 42 -4.96 11.44 2.60
CA PRO A 42 -3.52 11.70 2.61
C PRO A 42 -3.08 12.47 1.37
N THR A 43 -1.89 13.07 1.45
CA THR A 43 -1.35 13.84 0.33
C THR A 43 -0.30 13.04 -0.44
N ARG A 44 -0.07 13.43 -1.69
CA ARG A 44 0.91 12.75 -2.52
C ARG A 44 2.11 12.30 -1.70
N LYS A 45 2.59 13.18 -0.82
CA LYS A 45 3.74 12.87 0.03
C LYS A 45 3.51 11.56 0.79
N MET A 46 2.42 11.50 1.53
CA MET A 46 2.10 10.31 2.31
C MET A 46 2.03 9.08 1.41
N LEU A 47 1.19 9.15 0.38
CA LEU A 47 1.03 8.05 -0.56
C LEU A 47 2.39 7.52 -1.02
N ASP A 48 3.32 8.44 -1.26
CA ASP A 48 4.66 8.07 -1.70
C ASP A 48 5.40 7.31 -0.61
N HIS A 49 5.39 7.86 0.60
CA HIS A 49 6.07 7.24 1.72
C HIS A 49 5.46 5.87 2.03
N ILE A 50 4.17 5.86 2.33
CA ILE A 50 3.47 4.61 2.64
C ILE A 50 3.81 3.53 1.63
N ALA A 51 3.73 3.87 0.35
CA ALA A 51 4.02 2.93 -0.72
C ALA A 51 5.48 2.51 -0.69
N HIS A 52 6.32 3.32 -0.05
CA HIS A 52 7.74 3.03 0.06
C HIS A 52 8.02 2.09 1.21
N GLU A 53 7.26 2.24 2.29
CA GLU A 53 7.43 1.40 3.47
C GLU A 53 6.78 0.04 3.27
N VAL A 54 5.62 0.04 2.63
CA VAL A 54 4.89 -1.20 2.37
C VAL A 54 5.52 -1.97 1.21
N GLY A 55 6.22 -1.26 0.35
CA GLY A 55 6.86 -1.90 -0.79
C GLY A 55 5.88 -2.23 -1.90
N LEU A 56 4.96 -1.32 -2.16
CA LEU A 56 3.95 -1.53 -3.20
C LEU A 56 3.93 -0.35 -4.18
N LYS A 57 3.83 -0.66 -5.46
CA LYS A 57 3.79 0.37 -6.50
C LYS A 57 3.03 1.60 -6.01
N LYS A 58 3.73 2.71 -5.87
CA LYS A 58 3.13 3.95 -5.43
C LYS A 58 1.74 4.14 -6.06
N ARG A 59 1.68 4.01 -7.38
CA ARG A 59 0.43 4.16 -8.10
C ARG A 59 -0.66 3.27 -7.51
N VAL A 60 -0.36 1.99 -7.38
CA VAL A 60 -1.30 1.03 -6.82
C VAL A 60 -1.76 1.45 -5.43
N VAL A 61 -0.84 2.01 -4.66
CA VAL A 61 -1.15 2.47 -3.30
C VAL A 61 -1.94 3.78 -3.33
N GLN A 62 -1.68 4.59 -4.34
CA GLN A 62 -2.37 5.88 -4.48
C GLN A 62 -3.82 5.68 -4.90
N VAL A 63 -4.03 4.87 -5.93
CA VAL A 63 -5.37 4.58 -6.43
C VAL A 63 -6.17 3.77 -5.42
N TRP A 64 -5.53 2.77 -4.83
CA TRP A 64 -6.19 1.93 -3.85
C TRP A 64 -6.91 2.76 -2.80
N PHE A 65 -6.41 3.98 -2.58
CA PHE A 65 -7.01 4.87 -1.59
C PHE A 65 -8.21 5.61 -2.20
N GLN A 66 -8.00 6.20 -3.37
CA GLN A 66 -9.07 6.93 -4.04
C GLN A 66 -10.25 6.02 -4.35
N ASN A 67 -9.97 4.75 -4.59
CA ASN A 67 -11.01 3.77 -4.90
C ASN A 67 -11.80 3.41 -3.64
N THR A 68 -11.09 3.15 -2.54
CA THR A 68 -11.73 2.80 -1.29
C THR A 68 -12.67 3.89 -0.82
N ARG A 69 -12.22 5.14 -0.91
CA ARG A 69 -13.04 6.28 -0.50
C ARG A 69 -14.37 6.29 -1.22
N ALA A 70 -14.32 6.26 -2.55
CA ALA A 70 -15.54 6.26 -3.36
C ALA A 70 -16.54 5.22 -2.85
N ARG A 71 -16.04 4.06 -2.47
CA ARG A 71 -16.88 2.99 -1.96
C ARG A 71 -17.45 3.34 -0.59
N GLU A 72 -16.59 3.83 0.29
CA GLU A 72 -17.01 4.21 1.64
C GLU A 72 -18.08 5.29 1.59
N ARG A 73 -17.89 6.27 0.72
CA ARG A 73 -18.84 7.36 0.57
C ARG A 73 -20.12 6.88 -0.10
N LYS A 74 -19.97 6.06 -1.14
CA LYS A 74 -21.11 5.53 -1.88
C LYS A 74 -22.18 5.01 -0.92
N SER A 75 -23.30 5.72 -0.84
CA SER A 75 -24.39 5.33 0.03
C SER A 75 -24.62 3.83 -0.02
N GLY A 76 -24.97 3.25 1.12
CA GLY A 76 -25.22 1.82 1.19
C GLY A 76 -24.22 1.10 2.07
N PRO A 77 -24.38 1.25 3.40
CA PRO A 77 -23.49 0.62 4.37
C PRO A 77 -23.68 -0.89 4.43
N SER A 78 -22.58 -1.61 4.68
CA SER A 78 -22.62 -3.07 4.75
C SER A 78 -22.21 -3.55 6.14
N SER A 79 -23.20 -4.05 6.90
CA SER A 79 -22.94 -4.54 8.25
C SER A 79 -22.62 -6.03 8.23
N GLY A 80 -21.35 -6.37 8.36
CA GLY A 80 -20.94 -7.76 8.36
C GLY A 80 -21.45 -8.52 9.57
N GLY A 1 -14.10 -28.30 -21.79
CA GLY A 1 -14.09 -27.50 -20.58
C GLY A 1 -12.71 -27.39 -19.97
N SER A 2 -12.53 -26.39 -19.10
CA SER A 2 -11.25 -26.17 -18.45
C SER A 2 -11.10 -27.05 -17.21
N SER A 3 -9.92 -27.00 -16.60
CA SER A 3 -9.65 -27.80 -15.41
C SER A 3 -9.06 -26.94 -14.30
N GLY A 4 -8.01 -26.19 -14.64
CA GLY A 4 -7.36 -25.33 -13.66
C GLY A 4 -6.02 -25.89 -13.21
N SER A 5 -5.20 -25.02 -12.61
CA SER A 5 -3.89 -25.43 -12.13
C SER A 5 -3.21 -24.29 -11.38
N SER A 6 -2.63 -24.61 -10.22
CA SER A 6 -1.96 -23.62 -9.40
C SER A 6 -0.78 -24.24 -8.65
N GLY A 7 0.20 -23.41 -8.32
CA GLY A 7 1.37 -23.89 -7.61
C GLY A 7 2.10 -22.78 -6.88
N GLY A 8 2.31 -22.97 -5.58
CA GLY A 8 3.01 -21.97 -4.79
C GLY A 8 2.36 -21.75 -3.44
N THR A 9 3.15 -21.85 -2.37
CA THR A 9 2.65 -21.66 -1.02
C THR A 9 3.34 -20.48 -0.33
N GLY A 10 2.78 -19.30 -0.49
CA GLY A 10 3.36 -18.12 0.11
C GLY A 10 3.53 -16.98 -0.87
N GLY A 11 4.28 -15.96 -0.47
CA GLY A 11 4.51 -14.81 -1.34
C GLY A 11 5.62 -13.92 -0.84
N GLU A 12 6.83 -14.48 -0.72
CA GLU A 12 7.98 -13.72 -0.25
C GLU A 12 9.03 -13.58 -1.35
N GLU A 13 9.48 -12.35 -1.57
CA GLU A 13 10.48 -12.08 -2.59
C GLU A 13 11.59 -11.19 -2.05
N PRO A 14 12.78 -11.29 -2.64
CA PRO A 14 13.95 -10.50 -2.23
C PRO A 14 13.80 -9.03 -2.60
N GLN A 15 13.89 -8.16 -1.60
CA GLN A 15 13.77 -6.72 -1.81
C GLN A 15 14.55 -6.30 -3.05
N ARG A 16 13.82 -5.96 -4.12
CA ARG A 16 14.44 -5.54 -5.36
C ARG A 16 13.48 -4.70 -6.19
N ASP A 17 14.03 -3.94 -7.14
CA ASP A 17 13.21 -3.10 -8.01
C ASP A 17 12.19 -3.93 -8.78
N LYS A 18 12.63 -5.07 -9.29
CA LYS A 18 11.76 -5.96 -10.05
C LYS A 18 10.70 -6.59 -9.14
N ARG A 19 11.09 -6.88 -7.90
CA ARG A 19 10.19 -7.49 -6.94
C ARG A 19 8.85 -6.76 -6.92
N LEU A 20 8.86 -5.50 -7.32
CA LEU A 20 7.65 -4.68 -7.36
C LEU A 20 6.63 -5.27 -8.33
N ARG A 21 5.35 -4.99 -8.08
CA ARG A 21 4.28 -5.49 -8.94
C ARG A 21 3.05 -4.59 -8.84
N THR A 22 2.14 -4.75 -9.80
CA THR A 22 0.92 -3.94 -9.83
C THR A 22 -0.12 -4.49 -8.84
N THR A 23 -0.12 -5.81 -8.65
CA THR A 23 -1.06 -6.44 -7.74
C THR A 23 -0.72 -6.11 -6.29
N ILE A 24 -1.47 -6.71 -5.37
CA ILE A 24 -1.25 -6.47 -3.94
C ILE A 24 -1.13 -7.80 -3.18
N THR A 25 -0.52 -7.74 -2.01
CA THR A 25 -0.34 -8.92 -1.18
C THR A 25 -1.20 -8.85 0.07
N PRO A 26 -1.55 -10.03 0.61
CA PRO A 26 -2.39 -10.13 1.83
C PRO A 26 -1.65 -9.66 3.07
N GLU A 27 -0.32 -9.52 2.96
CA GLU A 27 0.49 -9.08 4.07
C GLU A 27 0.74 -7.57 4.01
N GLN A 28 0.57 -7.01 2.82
CA GLN A 28 0.78 -5.57 2.62
C GLN A 28 -0.50 -4.79 2.93
N LEU A 29 -1.62 -5.31 2.45
CA LEU A 29 -2.91 -4.65 2.67
C LEU A 29 -3.02 -4.13 4.11
N GLU A 30 -2.85 -5.03 5.07
CA GLU A 30 -2.93 -4.65 6.48
C GLU A 30 -2.38 -3.25 6.70
N ILE A 31 -1.19 -3.00 6.17
CA ILE A 31 -0.54 -1.70 6.32
C ILE A 31 -1.41 -0.60 5.71
N LEU A 32 -1.84 -0.81 4.47
CA LEU A 32 -2.67 0.17 3.77
C LEU A 32 -3.97 0.42 4.53
N TYR A 33 -4.67 -0.66 4.87
CA TYR A 33 -5.93 -0.54 5.59
C TYR A 33 -5.75 0.28 6.87
N GLN A 34 -4.69 -0.02 7.61
CA GLN A 34 -4.40 0.68 8.86
C GLN A 34 -4.19 2.18 8.59
N LYS A 35 -3.40 2.49 7.57
CA LYS A 35 -3.12 3.88 7.22
C LYS A 35 -4.36 4.55 6.65
N TYR A 36 -5.25 3.76 6.07
CA TYR A 36 -6.49 4.28 5.48
C TYR A 36 -7.50 4.63 6.58
N LEU A 37 -7.70 3.70 7.51
CA LEU A 37 -8.64 3.90 8.60
C LEU A 37 -8.31 5.18 9.37
N LEU A 38 -7.04 5.54 9.40
CA LEU A 38 -6.60 6.75 10.09
C LEU A 38 -6.55 7.93 9.15
N ASP A 39 -6.40 7.66 7.86
CA ASP A 39 -6.34 8.71 6.85
C ASP A 39 -6.59 8.15 5.46
N SER A 40 -7.72 8.51 4.86
CA SER A 40 -8.07 8.04 3.53
C SER A 40 -7.95 9.15 2.50
N ASN A 41 -7.67 10.36 2.99
CA ASN A 41 -7.53 11.52 2.11
C ASN A 41 -6.11 12.08 2.17
N PRO A 42 -5.12 11.19 2.13
CA PRO A 42 -3.71 11.57 2.19
C PRO A 42 -3.25 12.28 0.92
N THR A 43 -2.10 12.96 1.01
CA THR A 43 -1.56 13.68 -0.14
C THR A 43 -0.47 12.88 -0.83
N ARG A 44 -0.15 13.26 -2.06
CA ARG A 44 0.88 12.57 -2.83
C ARG A 44 2.08 12.22 -1.96
N LYS A 45 2.49 13.17 -1.12
CA LYS A 45 3.63 12.97 -0.23
C LYS A 45 3.45 11.71 0.60
N MET A 46 2.29 11.57 1.23
CA MET A 46 1.99 10.42 2.05
C MET A 46 2.00 9.14 1.22
N LEU A 47 1.16 9.11 0.18
CA LEU A 47 1.07 7.96 -0.70
C LEU A 47 2.45 7.45 -1.09
N ASP A 48 3.39 8.38 -1.22
CA ASP A 48 4.76 8.03 -1.59
C ASP A 48 5.45 7.27 -0.46
N HIS A 49 5.36 7.82 0.74
CA HIS A 49 5.98 7.20 1.91
C HIS A 49 5.38 5.83 2.18
N ILE A 50 4.07 5.80 2.42
CA ILE A 50 3.36 4.55 2.69
C ILE A 50 3.74 3.48 1.67
N ALA A 51 3.72 3.85 0.39
CA ALA A 51 4.06 2.92 -0.68
C ALA A 51 5.53 2.52 -0.60
N HIS A 52 6.34 3.34 0.06
CA HIS A 52 7.76 3.06 0.19
C HIS A 52 8.02 2.10 1.35
N GLU A 53 7.22 2.21 2.40
CA GLU A 53 7.35 1.35 3.57
C GLU A 53 6.71 -0.01 3.33
N VAL A 54 5.58 0.00 2.61
CA VAL A 54 4.86 -1.23 2.31
C VAL A 54 5.54 -2.00 1.18
N GLY A 55 6.32 -1.30 0.37
CA GLY A 55 7.02 -1.93 -0.73
C GLY A 55 6.10 -2.27 -1.88
N LEU A 56 5.14 -1.38 -2.15
CA LEU A 56 4.19 -1.58 -3.24
C LEU A 56 4.22 -0.43 -4.23
N LYS A 57 3.81 -0.69 -5.46
CA LYS A 57 3.78 0.33 -6.50
C LYS A 57 3.07 1.59 -6.01
N LYS A 58 3.82 2.68 -5.91
CA LYS A 58 3.26 3.96 -5.46
C LYS A 58 1.88 4.18 -6.06
N ARG A 59 1.80 4.09 -7.39
CA ARG A 59 0.54 4.29 -8.10
C ARG A 59 -0.55 3.40 -7.52
N VAL A 60 -0.25 2.11 -7.40
CA VAL A 60 -1.21 1.14 -6.87
C VAL A 60 -1.72 1.57 -5.50
N VAL A 61 -0.82 2.11 -4.69
CA VAL A 61 -1.17 2.56 -3.35
C VAL A 61 -1.94 3.88 -3.39
N GLN A 62 -1.64 4.70 -4.40
CA GLN A 62 -2.30 5.99 -4.56
C GLN A 62 -3.75 5.80 -5.01
N VAL A 63 -3.96 4.83 -5.90
CA VAL A 63 -5.30 4.55 -6.40
C VAL A 63 -6.11 3.72 -5.41
N TRP A 64 -5.43 2.78 -4.75
CA TRP A 64 -6.09 1.91 -3.78
C TRP A 64 -6.77 2.74 -2.69
N PHE A 65 -6.42 4.03 -2.62
CA PHE A 65 -7.00 4.92 -1.62
C PHE A 65 -8.20 5.67 -2.21
N GLN A 66 -8.01 6.25 -3.39
CA GLN A 66 -9.06 7.00 -4.05
C GLN A 66 -10.29 6.12 -4.28
N ASN A 67 -10.06 4.82 -4.45
CA ASN A 67 -11.14 3.88 -4.68
C ASN A 67 -11.87 3.55 -3.38
N THR A 68 -11.10 3.14 -2.37
CA THR A 68 -11.68 2.79 -1.08
C THR A 68 -12.56 3.91 -0.54
N ARG A 69 -12.13 5.15 -0.79
CA ARG A 69 -12.88 6.32 -0.34
C ARG A 69 -14.22 6.43 -1.07
N ALA A 70 -14.20 6.15 -2.36
CA ALA A 70 -15.42 6.22 -3.17
C ALA A 70 -16.42 5.15 -2.75
N ARG A 71 -15.93 3.93 -2.53
CA ARG A 71 -16.78 2.83 -2.11
C ARG A 71 -17.21 2.98 -0.65
N GLU A 72 -16.31 3.53 0.17
CA GLU A 72 -16.60 3.73 1.58
C GLU A 72 -17.62 4.85 1.78
N ARG A 73 -17.54 5.87 0.93
CA ARG A 73 -18.46 7.00 1.01
C ARG A 73 -19.82 6.63 0.42
N LYS A 74 -19.82 5.73 -0.55
CA LYS A 74 -21.05 5.29 -1.20
C LYS A 74 -22.04 4.74 -0.16
N SER A 75 -21.56 3.85 0.69
CA SER A 75 -22.39 3.26 1.72
C SER A 75 -22.90 4.31 2.70
N GLY A 76 -24.21 4.54 2.70
CA GLY A 76 -24.78 5.52 3.60
C GLY A 76 -24.20 5.47 4.99
N PRO A 77 -24.09 6.63 5.64
CA PRO A 77 -23.54 6.74 6.99
C PRO A 77 -24.46 6.12 8.04
N SER A 78 -25.74 6.49 7.98
CA SER A 78 -26.73 5.97 8.93
C SER A 78 -27.83 5.20 8.20
N SER A 79 -28.44 4.26 8.91
CA SER A 79 -29.50 3.44 8.33
C SER A 79 -30.69 3.35 9.30
N GLY A 80 -31.90 3.37 8.74
CA GLY A 80 -33.09 3.29 9.55
C GLY A 80 -33.04 2.16 10.56
N GLY A 1 -4.89 -23.70 14.17
CA GLY A 1 -4.62 -25.11 14.03
C GLY A 1 -3.67 -25.63 15.09
N SER A 2 -2.64 -26.34 14.65
CA SER A 2 -1.65 -26.90 15.57
C SER A 2 -0.23 -26.52 15.13
N SER A 3 0.03 -26.64 13.83
CA SER A 3 1.35 -26.31 13.29
C SER A 3 1.22 -25.37 12.10
N GLY A 4 2.37 -24.89 11.62
CA GLY A 4 2.37 -23.99 10.49
C GLY A 4 3.12 -22.70 10.78
N SER A 5 4.42 -22.81 11.03
CA SER A 5 5.25 -21.64 11.32
C SER A 5 6.71 -22.03 11.42
N SER A 6 7.53 -21.51 10.51
CA SER A 6 8.95 -21.82 10.50
C SER A 6 9.74 -20.69 9.83
N GLY A 7 10.72 -20.14 10.56
CA GLY A 7 11.52 -19.07 10.02
C GLY A 7 11.85 -18.01 11.05
N GLY A 8 12.96 -17.30 10.84
CA GLY A 8 13.37 -16.27 11.78
C GLY A 8 14.71 -15.65 11.41
N THR A 9 14.90 -15.39 10.12
CA THR A 9 16.14 -14.80 9.64
C THR A 9 15.94 -13.34 9.26
N GLY A 10 17.05 -12.62 9.09
CA GLY A 10 16.97 -11.22 8.74
C GLY A 10 18.26 -10.70 8.14
N GLY A 11 18.20 -9.54 7.50
CA GLY A 11 19.38 -8.95 6.89
C GLY A 11 19.33 -7.44 6.84
N GLU A 12 20.47 -6.79 6.98
CA GLU A 12 20.54 -5.33 6.95
C GLU A 12 21.56 -4.86 5.91
N GLU A 13 21.07 -4.64 4.69
CA GLU A 13 21.94 -4.18 3.61
C GLU A 13 21.25 -3.10 2.77
N PRO A 14 22.05 -2.14 2.27
CA PRO A 14 21.53 -1.04 1.46
C PRO A 14 21.07 -1.50 0.08
N GLN A 15 19.76 -1.54 -0.12
CA GLN A 15 19.19 -1.98 -1.39
C GLN A 15 18.26 -0.91 -1.96
N ARG A 16 18.20 -0.83 -3.29
CA ARG A 16 17.34 0.15 -3.95
C ARG A 16 16.63 -0.48 -5.14
N ASP A 17 15.31 -0.27 -5.20
CA ASP A 17 14.50 -0.82 -6.29
C ASP A 17 13.41 0.17 -6.71
N LYS A 18 13.02 0.12 -7.97
CA LYS A 18 11.98 1.00 -8.48
C LYS A 18 10.71 0.22 -8.80
N ARG A 19 10.85 -0.85 -9.57
CA ARG A 19 9.72 -1.69 -9.94
C ARG A 19 9.82 -3.07 -9.28
N LEU A 20 8.73 -3.50 -8.66
CA LEU A 20 8.69 -4.81 -8.01
C LEU A 20 7.56 -5.66 -8.55
N ARG A 21 6.32 -5.31 -8.17
CA ARG A 21 5.15 -6.05 -8.62
C ARG A 21 3.97 -5.11 -8.82
N THR A 22 2.92 -5.61 -9.47
CA THR A 22 1.72 -4.82 -9.73
C THR A 22 0.61 -5.17 -8.76
N THR A 23 0.27 -6.46 -8.70
CA THR A 23 -0.79 -6.94 -7.82
C THR A 23 -0.49 -6.57 -6.36
N ILE A 24 -1.39 -6.95 -5.47
CA ILE A 24 -1.23 -6.66 -4.05
C ILE A 24 -1.21 -7.94 -3.22
N THR A 25 -0.55 -7.89 -2.08
CA THR A 25 -0.45 -9.04 -1.20
C THR A 25 -1.34 -8.88 0.04
N PRO A 26 -1.76 -10.01 0.62
CA PRO A 26 -2.62 -10.01 1.81
C PRO A 26 -1.88 -9.52 3.05
N GLU A 27 -0.56 -9.45 2.97
CA GLU A 27 0.26 -9.00 4.09
C GLU A 27 0.58 -7.51 3.95
N GLN A 28 0.47 -6.98 2.74
CA GLN A 28 0.75 -5.58 2.49
C GLN A 28 -0.49 -4.72 2.75
N LEU A 29 -1.64 -5.19 2.30
CA LEU A 29 -2.89 -4.47 2.50
C LEU A 29 -3.02 -3.98 3.94
N GLU A 30 -2.88 -4.88 4.89
CA GLU A 30 -2.98 -4.54 6.30
C GLU A 30 -2.41 -3.15 6.56
N ILE A 31 -1.14 -2.96 6.19
CA ILE A 31 -0.48 -1.68 6.38
C ILE A 31 -1.26 -0.55 5.71
N LEU A 32 -1.78 -0.83 4.52
CA LEU A 32 -2.54 0.16 3.77
C LEU A 32 -3.84 0.51 4.49
N TYR A 33 -4.55 -0.51 4.94
CA TYR A 33 -5.81 -0.32 5.65
C TYR A 33 -5.60 0.48 6.93
N GLN A 34 -4.59 0.09 7.70
CA GLN A 34 -4.28 0.77 8.95
C GLN A 34 -4.04 2.25 8.72
N LYS A 35 -3.36 2.57 7.63
CA LYS A 35 -3.06 3.96 7.29
C LYS A 35 -4.31 4.68 6.80
N TYR A 36 -5.20 3.93 6.16
CA TYR A 36 -6.44 4.50 5.63
C TYR A 36 -7.42 4.81 6.75
N LEU A 37 -7.73 3.79 7.56
CA LEU A 37 -8.66 3.96 8.68
C LEU A 37 -8.30 5.20 9.48
N LEU A 38 -7.01 5.44 9.66
CA LEU A 38 -6.54 6.59 10.43
C LEU A 38 -6.44 7.83 9.54
N ASP A 39 -6.12 7.61 8.26
CA ASP A 39 -6.00 8.70 7.30
C ASP A 39 -6.36 8.24 5.90
N SER A 40 -7.54 8.63 5.44
CA SER A 40 -8.00 8.26 4.11
C SER A 40 -7.96 9.44 3.15
N ASN A 41 -7.39 10.55 3.63
CA ASN A 41 -7.28 11.76 2.82
C ASN A 41 -5.84 12.27 2.80
N PRO A 42 -4.89 11.36 2.57
CA PRO A 42 -3.46 11.70 2.52
C PRO A 42 -3.10 12.53 1.29
N THR A 43 -1.82 12.84 1.15
CA THR A 43 -1.35 13.63 0.02
C THR A 43 -0.21 12.92 -0.71
N ARG A 44 0.07 13.36 -1.94
CA ARG A 44 1.12 12.76 -2.74
C ARG A 44 2.32 12.40 -1.88
N LYS A 45 2.68 13.31 -0.97
CA LYS A 45 3.83 13.08 -0.09
C LYS A 45 3.66 11.78 0.70
N MET A 46 2.51 11.63 1.35
CA MET A 46 2.22 10.44 2.13
C MET A 46 2.19 9.20 1.24
N LEU A 47 1.34 9.24 0.22
CA LEU A 47 1.21 8.11 -0.71
C LEU A 47 2.59 7.54 -1.05
N ASP A 48 3.56 8.42 -1.23
CA ASP A 48 4.92 8.01 -1.56
C ASP A 48 5.55 7.23 -0.40
N HIS A 49 5.44 7.79 0.79
CA HIS A 49 6.01 7.16 1.99
C HIS A 49 5.35 5.81 2.24
N ILE A 50 4.03 5.82 2.43
CA ILE A 50 3.29 4.59 2.67
C ILE A 50 3.65 3.51 1.67
N ALA A 51 3.63 3.88 0.39
CA ALA A 51 3.96 2.93 -0.67
C ALA A 51 5.43 2.51 -0.60
N HIS A 52 6.24 3.33 0.08
CA HIS A 52 7.66 3.03 0.22
C HIS A 52 7.90 2.05 1.36
N GLU A 53 7.09 2.16 2.41
CA GLU A 53 7.22 1.28 3.57
C GLU A 53 6.57 -0.08 3.29
N VAL A 54 5.43 -0.06 2.61
CA VAL A 54 4.71 -1.29 2.29
C VAL A 54 5.41 -2.04 1.17
N GLY A 55 6.16 -1.32 0.34
CA GLY A 55 6.87 -1.93 -0.76
C GLY A 55 5.97 -2.23 -1.93
N LEU A 56 5.01 -1.34 -2.17
CA LEU A 56 4.07 -1.51 -3.28
C LEU A 56 4.06 -0.28 -4.19
N LYS A 57 3.98 -0.51 -5.49
CA LYS A 57 3.96 0.57 -6.46
C LYS A 57 3.18 1.78 -5.92
N LYS A 58 3.78 2.95 -6.00
CA LYS A 58 3.16 4.17 -5.53
C LYS A 58 1.77 4.35 -6.16
N ARG A 59 1.68 4.08 -7.46
CA ARG A 59 0.43 4.22 -8.17
C ARG A 59 -0.63 3.29 -7.59
N VAL A 60 -0.31 2.00 -7.51
CA VAL A 60 -1.23 1.01 -6.96
C VAL A 60 -1.66 1.38 -5.55
N VAL A 61 -0.79 2.06 -4.82
CA VAL A 61 -1.07 2.48 -3.46
C VAL A 61 -1.91 3.76 -3.43
N GLN A 62 -1.65 4.64 -4.39
CA GLN A 62 -2.38 5.90 -4.47
C GLN A 62 -3.83 5.66 -4.88
N VAL A 63 -4.02 4.87 -5.92
CA VAL A 63 -5.37 4.57 -6.41
C VAL A 63 -6.15 3.75 -5.40
N TRP A 64 -5.45 2.83 -4.74
CA TRP A 64 -6.08 1.97 -3.74
C TRP A 64 -6.82 2.80 -2.69
N PHE A 65 -6.42 4.06 -2.55
CA PHE A 65 -7.05 4.96 -1.59
C PHE A 65 -8.28 5.63 -2.20
N GLN A 66 -8.11 6.17 -3.40
CA GLN A 66 -9.21 6.84 -4.10
C GLN A 66 -10.35 5.88 -4.37
N ASN A 67 -10.01 4.60 -4.56
CA ASN A 67 -11.02 3.58 -4.83
C ASN A 67 -11.78 3.22 -3.55
N THR A 68 -11.04 2.84 -2.51
CA THR A 68 -11.65 2.47 -1.25
C THR A 68 -12.63 3.52 -0.76
N ARG A 69 -12.28 4.79 -0.99
CA ARG A 69 -13.13 5.90 -0.58
C ARG A 69 -14.48 5.83 -1.27
N ALA A 70 -14.47 5.72 -2.59
CA ALA A 70 -15.70 5.64 -3.37
C ALA A 70 -16.57 4.49 -2.90
N ARG A 71 -16.00 3.28 -2.87
CA ARG A 71 -16.73 2.11 -2.44
C ARG A 71 -17.16 2.23 -0.98
N GLU A 72 -16.31 2.84 -0.17
CA GLU A 72 -16.60 3.02 1.25
C GLU A 72 -17.92 3.76 1.44
N ARG A 73 -18.25 4.62 0.49
CA ARG A 73 -19.50 5.39 0.55
C ARG A 73 -20.69 4.52 0.17
N LYS A 74 -20.51 3.66 -0.83
CA LYS A 74 -21.57 2.78 -1.29
C LYS A 74 -22.29 2.14 -0.11
N SER A 75 -23.61 2.34 -0.04
CA SER A 75 -24.40 1.78 1.04
C SER A 75 -24.13 0.28 1.21
N GLY A 76 -23.50 -0.07 2.33
CA GLY A 76 -23.19 -1.47 2.59
C GLY A 76 -21.84 -1.87 2.02
N PRO A 77 -21.16 -2.80 2.71
CA PRO A 77 -19.85 -3.29 2.29
C PRO A 77 -19.94 -4.16 1.03
N SER A 78 -21.16 -4.40 0.57
CA SER A 78 -21.38 -5.21 -0.63
C SER A 78 -20.34 -4.89 -1.70
N SER A 79 -20.13 -3.60 -1.94
CA SER A 79 -19.17 -3.15 -2.94
C SER A 79 -19.54 -3.69 -4.32
N GLY A 80 -20.82 -3.59 -4.67
CA GLY A 80 -21.27 -4.07 -5.96
C GLY A 80 -22.12 -5.33 -5.84
N GLY A 1 4.72 -36.22 13.67
CA GLY A 1 5.78 -35.29 14.03
C GLY A 1 6.27 -34.49 12.83
N SER A 2 6.15 -33.18 12.92
CA SER A 2 6.59 -32.30 11.84
C SER A 2 6.81 -30.88 12.34
N SER A 3 7.77 -30.19 11.73
CA SER A 3 8.08 -28.82 12.13
C SER A 3 8.12 -27.89 10.91
N GLY A 4 7.86 -26.61 11.13
CA GLY A 4 7.86 -25.65 10.05
C GLY A 4 9.26 -25.14 9.73
N SER A 5 10.23 -26.05 9.71
CA SER A 5 11.61 -25.68 9.42
C SER A 5 11.97 -24.36 10.09
N SER A 6 11.53 -24.19 11.32
CA SER A 6 11.80 -22.96 12.07
C SER A 6 13.04 -23.12 12.95
N GLY A 7 13.71 -22.01 13.24
CA GLY A 7 14.90 -22.05 14.05
C GLY A 7 15.54 -20.68 14.20
N GLY A 8 16.32 -20.50 15.26
CA GLY A 8 16.99 -19.24 15.50
C GLY A 8 18.40 -19.21 14.94
N THR A 9 18.54 -18.71 13.72
CA THR A 9 19.84 -18.63 13.06
C THR A 9 19.99 -17.34 12.28
N GLY A 10 21.02 -16.56 12.61
CA GLY A 10 21.26 -15.31 11.93
C GLY A 10 20.98 -14.11 12.80
N GLY A 11 19.75 -13.58 12.71
CA GLY A 11 19.39 -12.42 13.51
C GLY A 11 18.39 -11.52 12.81
N GLU A 12 17.99 -10.44 13.47
CA GLU A 12 17.04 -9.50 12.89
C GLU A 12 17.68 -8.67 11.79
N GLU A 13 17.36 -8.99 10.55
CA GLU A 13 17.91 -8.28 9.41
C GLU A 13 16.89 -7.25 8.87
N PRO A 14 17.42 -6.15 8.31
CA PRO A 14 16.58 -5.08 7.75
C PRO A 14 15.86 -5.52 6.48
N GLN A 15 14.55 -5.30 6.45
CA GLN A 15 13.75 -5.67 5.29
C GLN A 15 13.67 -4.52 4.30
N ARG A 16 14.11 -4.78 3.07
CA ARG A 16 14.09 -3.76 2.02
C ARG A 16 13.59 -4.35 0.70
N ASP A 17 12.59 -3.69 0.12
CA ASP A 17 12.02 -4.15 -1.15
C ASP A 17 12.82 -3.60 -2.33
N LYS A 18 12.87 -4.38 -3.41
CA LYS A 18 13.60 -3.97 -4.60
C LYS A 18 12.68 -3.97 -5.83
N ARG A 19 11.91 -5.05 -5.98
CA ARG A 19 10.99 -5.18 -7.10
C ARG A 19 9.61 -4.64 -6.75
N LEU A 20 8.86 -4.23 -7.75
CA LEU A 20 7.52 -3.69 -7.55
C LEU A 20 6.54 -4.26 -8.57
N ARG A 21 5.44 -4.81 -8.08
CA ARG A 21 4.42 -5.39 -8.95
C ARG A 21 3.09 -4.64 -8.81
N THR A 22 2.25 -4.73 -9.84
CA THR A 22 0.95 -4.07 -9.82
C THR A 22 0.04 -4.66 -8.76
N THR A 23 -0.18 -5.97 -8.85
CA THR A 23 -1.05 -6.66 -7.89
C THR A 23 -0.66 -6.30 -6.46
N ILE A 24 -1.40 -6.86 -5.50
CA ILE A 24 -1.13 -6.60 -4.09
C ILE A 24 -1.08 -7.90 -3.29
N THR A 25 -0.47 -7.83 -2.11
CA THR A 25 -0.35 -9.01 -1.26
C THR A 25 -1.19 -8.85 0.01
N PRO A 26 -1.60 -10.00 0.60
CA PRO A 26 -2.41 -10.01 1.82
C PRO A 26 -1.63 -9.55 3.03
N GLU A 27 -0.31 -9.41 2.87
CA GLU A 27 0.55 -8.98 3.97
C GLU A 27 0.81 -7.48 3.89
N GLN A 28 0.51 -6.89 2.74
CA GLN A 28 0.72 -5.46 2.53
C GLN A 28 -0.55 -4.68 2.83
N LEU A 29 -1.67 -5.16 2.29
CA LEU A 29 -2.95 -4.50 2.50
C LEU A 29 -3.09 -4.01 3.95
N GLU A 30 -2.99 -4.93 4.89
CA GLU A 30 -3.11 -4.60 6.30
C GLU A 30 -2.52 -3.21 6.58
N ILE A 31 -1.26 -3.02 6.21
CA ILE A 31 -0.59 -1.74 6.42
C ILE A 31 -1.37 -0.60 5.77
N LEU A 32 -1.85 -0.84 4.55
CA LEU A 32 -2.62 0.17 3.83
C LEU A 32 -3.93 0.49 4.56
N TYR A 33 -4.65 -0.56 4.93
CA TYR A 33 -5.92 -0.39 5.63
C TYR A 33 -5.73 0.42 6.91
N GLN A 34 -4.72 0.07 7.69
CA GLN A 34 -4.43 0.76 8.94
C GLN A 34 -4.14 2.24 8.68
N LYS A 35 -3.40 2.51 7.61
CA LYS A 35 -3.04 3.88 7.26
C LYS A 35 -4.26 4.65 6.75
N TYR A 36 -5.15 3.93 6.05
CA TYR A 36 -6.36 4.54 5.51
C TYR A 36 -7.33 4.91 6.63
N LEU A 37 -7.59 3.95 7.51
CA LEU A 37 -8.51 4.18 8.63
C LEU A 37 -8.13 5.43 9.40
N LEU A 38 -6.83 5.65 9.58
CA LEU A 38 -6.32 6.81 10.29
C LEU A 38 -6.22 8.02 9.37
N ASP A 39 -5.86 7.76 8.11
CA ASP A 39 -5.71 8.83 7.12
C ASP A 39 -6.38 8.45 5.81
N SER A 40 -7.55 9.04 5.55
CA SER A 40 -8.29 8.75 4.34
C SER A 40 -8.15 9.89 3.33
N ASN A 41 -7.51 10.97 3.75
CA ASN A 41 -7.30 12.13 2.90
C ASN A 41 -5.83 12.55 2.90
N PRO A 42 -4.93 11.57 2.74
CA PRO A 42 -3.48 11.81 2.72
C PRO A 42 -3.05 12.56 1.46
N THR A 43 -1.88 13.20 1.55
CA THR A 43 -1.34 13.95 0.42
C THR A 43 -0.32 13.13 -0.36
N ARG A 44 -0.09 13.51 -1.61
CA ARG A 44 0.87 12.80 -2.46
C ARG A 44 2.08 12.34 -1.65
N LYS A 45 2.60 13.23 -0.81
CA LYS A 45 3.76 12.91 0.02
C LYS A 45 3.54 11.61 0.78
N MET A 46 2.44 11.54 1.53
CA MET A 46 2.11 10.35 2.30
C MET A 46 2.03 9.13 1.40
N LEU A 47 1.16 9.20 0.40
CA LEU A 47 0.98 8.08 -0.54
C LEU A 47 2.33 7.55 -1.01
N ASP A 48 3.28 8.45 -1.22
CA ASP A 48 4.61 8.08 -1.67
C ASP A 48 5.35 7.31 -0.59
N HIS A 49 5.34 7.85 0.62
CA HIS A 49 6.03 7.23 1.75
C HIS A 49 5.41 5.86 2.06
N ILE A 50 4.12 5.85 2.34
CA ILE A 50 3.41 4.61 2.65
C ILE A 50 3.75 3.52 1.64
N ALA A 51 3.71 3.87 0.36
CA ALA A 51 4.02 2.93 -0.70
C ALA A 51 5.47 2.48 -0.64
N HIS A 52 6.31 3.29 0.01
CA HIS A 52 7.73 2.98 0.14
C HIS A 52 7.96 2.00 1.29
N GLU A 53 7.17 2.13 2.35
CA GLU A 53 7.30 1.26 3.51
C GLU A 53 6.63 -0.09 3.25
N VAL A 54 5.51 -0.06 2.52
CA VAL A 54 4.77 -1.27 2.21
C VAL A 54 5.45 -2.05 1.08
N GLY A 55 6.23 -1.35 0.29
CA GLY A 55 6.93 -1.99 -0.82
C GLY A 55 6.01 -2.31 -1.98
N LEU A 56 5.07 -1.42 -2.25
CA LEU A 56 4.11 -1.61 -3.34
C LEU A 56 4.09 -0.40 -4.26
N LYS A 57 3.97 -0.65 -5.56
CA LYS A 57 3.92 0.42 -6.55
C LYS A 57 3.15 1.62 -6.02
N LYS A 58 3.81 2.78 -5.97
CA LYS A 58 3.19 4.00 -5.49
C LYS A 58 1.80 4.19 -6.11
N ARG A 59 1.72 3.98 -7.42
CA ARG A 59 0.46 4.12 -8.13
C ARG A 59 -0.62 3.24 -7.51
N VAL A 60 -0.34 1.94 -7.41
CA VAL A 60 -1.29 1.01 -6.83
C VAL A 60 -1.74 1.45 -5.44
N VAL A 61 -0.79 1.98 -4.67
CA VAL A 61 -1.08 2.44 -3.32
C VAL A 61 -1.88 3.74 -3.35
N GLN A 62 -1.58 4.59 -4.33
CA GLN A 62 -2.28 5.87 -4.46
C GLN A 62 -3.73 5.65 -4.88
N VAL A 63 -3.94 4.83 -5.90
CA VAL A 63 -5.27 4.54 -6.40
C VAL A 63 -6.07 3.73 -5.38
N TRP A 64 -5.42 2.73 -4.78
CA TRP A 64 -6.07 1.88 -3.79
C TRP A 64 -6.81 2.71 -2.76
N PHE A 65 -6.36 3.94 -2.56
CA PHE A 65 -6.99 4.85 -1.60
C PHE A 65 -8.21 5.53 -2.21
N GLN A 66 -8.03 6.13 -3.38
CA GLN A 66 -9.12 6.82 -4.06
C GLN A 66 -10.27 5.86 -4.34
N ASN A 67 -9.95 4.60 -4.60
CA ASN A 67 -10.95 3.59 -4.88
C ASN A 67 -11.77 3.26 -3.63
N THR A 68 -11.07 3.01 -2.52
CA THR A 68 -11.72 2.68 -1.27
C THR A 68 -12.73 3.75 -0.88
N ARG A 69 -12.31 5.01 -0.91
CA ARG A 69 -13.19 6.11 -0.56
C ARG A 69 -14.48 6.06 -1.38
N ALA A 70 -14.35 5.86 -2.69
CA ALA A 70 -15.51 5.79 -3.57
C ALA A 70 -16.60 4.91 -2.97
N ARG A 71 -16.20 3.80 -2.37
CA ARG A 71 -17.15 2.87 -1.74
C ARG A 71 -17.72 3.47 -0.46
N GLU A 72 -16.85 3.89 0.44
CA GLU A 72 -17.27 4.47 1.71
C GLU A 72 -18.30 5.57 1.47
N ARG A 73 -18.04 6.42 0.48
CA ARG A 73 -18.94 7.52 0.16
C ARG A 73 -20.23 7.00 -0.47
N LYS A 74 -20.17 5.79 -1.01
CA LYS A 74 -21.34 5.18 -1.64
C LYS A 74 -22.24 4.53 -0.60
N SER A 75 -22.48 5.23 0.50
CA SER A 75 -23.32 4.71 1.57
C SER A 75 -24.80 4.85 1.22
N GLY A 76 -25.18 6.04 0.76
CA GLY A 76 -26.57 6.29 0.39
C GLY A 76 -26.96 5.57 -0.89
N PRO A 77 -26.83 6.29 -2.03
CA PRO A 77 -27.18 5.74 -3.34
C PRO A 77 -26.20 4.66 -3.80
N SER A 78 -26.73 3.49 -4.15
CA SER A 78 -25.90 2.39 -4.60
C SER A 78 -26.42 1.81 -5.91
N SER A 79 -25.62 0.95 -6.53
CA SER A 79 -26.00 0.33 -7.79
C SER A 79 -27.50 0.05 -7.83
N GLY A 80 -28.22 0.81 -8.66
CA GLY A 80 -29.65 0.62 -8.78
C GLY A 80 -30.28 1.59 -9.76
N GLY A 1 26.23 -2.05 13.17
CA GLY A 1 26.67 -2.07 14.55
C GLY A 1 25.73 -2.84 15.46
N SER A 2 25.92 -4.16 15.52
CA SER A 2 25.06 -5.01 16.35
C SER A 2 24.96 -4.46 17.77
N SER A 3 26.11 -4.28 18.40
CA SER A 3 26.15 -3.75 19.76
C SER A 3 25.33 -2.47 19.89
N GLY A 4 24.80 -2.22 21.08
CA GLY A 4 24.01 -1.03 21.31
C GLY A 4 24.77 0.04 22.07
N SER A 5 25.87 0.51 21.50
CA SER A 5 26.69 1.54 22.13
C SER A 5 26.35 2.92 21.59
N SER A 6 26.46 3.07 20.27
CA SER A 6 26.17 4.34 19.62
C SER A 6 24.68 4.70 19.75
N GLY A 7 23.82 3.76 19.33
CA GLY A 7 22.39 3.99 19.41
C GLY A 7 21.60 2.91 18.70
N GLY A 8 21.28 3.14 17.43
CA GLY A 8 20.52 2.17 16.66
C GLY A 8 20.67 2.38 15.17
N THR A 9 19.94 1.59 14.39
CA THR A 9 19.99 1.69 12.94
C THR A 9 19.64 3.10 12.47
N GLY A 10 20.34 3.57 11.44
CA GLY A 10 20.08 4.90 10.91
C GLY A 10 18.65 5.08 10.46
N GLY A 11 18.41 5.00 9.16
CA GLY A 11 17.07 5.16 8.64
C GLY A 11 17.04 5.24 7.12
N GLU A 12 17.28 6.43 6.58
CA GLU A 12 17.29 6.63 5.14
C GLU A 12 18.56 6.08 4.52
N GLU A 13 18.40 5.16 3.56
CA GLU A 13 19.54 4.56 2.89
C GLU A 13 19.36 4.59 1.37
N PRO A 14 20.48 4.51 0.65
CA PRO A 14 20.47 4.53 -0.82
C PRO A 14 19.88 3.25 -1.42
N GLN A 15 19.38 2.38 -0.54
CA GLN A 15 18.77 1.13 -0.98
C GLN A 15 17.33 1.34 -1.42
N ARG A 16 17.09 1.28 -2.72
CA ARG A 16 15.75 1.47 -3.26
C ARG A 16 15.42 0.40 -4.30
N ASP A 17 14.17 -0.05 -4.32
CA ASP A 17 13.74 -1.07 -5.27
C ASP A 17 12.93 -0.45 -6.39
N LYS A 18 13.26 -0.82 -7.63
CA LYS A 18 12.56 -0.30 -8.80
C LYS A 18 11.50 -1.28 -9.28
N ARG A 19 11.90 -2.52 -9.53
CA ARG A 19 10.98 -3.55 -9.99
C ARG A 19 10.02 -3.95 -8.88
N LEU A 20 8.73 -3.71 -9.09
CA LEU A 20 7.71 -4.05 -8.11
C LEU A 20 6.53 -4.75 -8.77
N ARG A 21 5.83 -5.58 -8.00
CA ARG A 21 4.68 -6.31 -8.50
C ARG A 21 3.47 -5.39 -8.65
N THR A 22 2.61 -5.72 -9.60
CA THR A 22 1.40 -4.92 -9.85
C THR A 22 0.29 -5.27 -8.88
N THR A 23 0.03 -6.58 -8.73
CA THR A 23 -1.01 -7.05 -7.82
C THR A 23 -0.69 -6.69 -6.38
N ILE A 24 -1.62 -6.99 -5.48
CA ILE A 24 -1.43 -6.70 -4.07
C ILE A 24 -1.40 -7.99 -3.24
N THR A 25 -0.74 -7.93 -2.08
CA THR A 25 -0.64 -9.08 -1.20
C THR A 25 -1.50 -8.90 0.04
N PRO A 26 -1.91 -10.02 0.64
CA PRO A 26 -2.74 -10.02 1.86
C PRO A 26 -1.98 -9.53 3.08
N GLU A 27 -0.65 -9.45 2.95
CA GLU A 27 0.20 -9.00 4.05
C GLU A 27 0.51 -7.50 3.91
N GLN A 28 0.37 -6.99 2.70
CA GLN A 28 0.65 -5.58 2.43
C GLN A 28 -0.58 -4.72 2.72
N LEU A 29 -1.75 -5.19 2.27
CA LEU A 29 -3.00 -4.47 2.48
C LEU A 29 -3.09 -3.96 3.91
N GLU A 30 -2.95 -4.86 4.87
CA GLU A 30 -3.02 -4.50 6.28
C GLU A 30 -2.46 -3.11 6.52
N ILE A 31 -1.18 -2.92 6.16
CA ILE A 31 -0.51 -1.64 6.33
C ILE A 31 -1.31 -0.51 5.68
N LEU A 32 -1.80 -0.77 4.47
CA LEU A 32 -2.58 0.22 3.73
C LEU A 32 -3.86 0.56 4.49
N TYR A 33 -4.58 -0.46 4.91
CA TYR A 33 -5.83 -0.28 5.64
C TYR A 33 -5.59 0.51 6.92
N GLN A 34 -4.55 0.12 7.66
CA GLN A 34 -4.22 0.78 8.92
C GLN A 34 -3.97 2.27 8.69
N LYS A 35 -3.36 2.61 7.57
CA LYS A 35 -3.06 4.00 7.23
C LYS A 35 -4.31 4.73 6.79
N TYR A 36 -5.23 4.00 6.15
CA TYR A 36 -6.47 4.58 5.67
C TYR A 36 -7.43 4.86 6.82
N LEU A 37 -7.60 3.86 7.68
CA LEU A 37 -8.49 4.00 8.83
C LEU A 37 -8.16 5.26 9.63
N LEU A 38 -6.87 5.54 9.78
CA LEU A 38 -6.43 6.72 10.52
C LEU A 38 -6.38 7.95 9.61
N ASP A 39 -6.12 7.71 8.32
CA ASP A 39 -6.05 8.79 7.35
C ASP A 39 -6.38 8.28 5.94
N SER A 40 -7.58 8.62 5.47
CA SER A 40 -8.02 8.19 4.14
C SER A 40 -7.93 9.34 3.15
N ASN A 41 -7.33 10.45 3.58
CA ASN A 41 -7.19 11.62 2.73
C ASN A 41 -5.74 12.08 2.68
N PRO A 42 -4.81 11.12 2.51
CA PRO A 42 -3.38 11.40 2.45
C PRO A 42 -2.98 12.13 1.16
N THR A 43 -1.90 12.89 1.22
CA THR A 43 -1.42 13.64 0.07
C THR A 43 -0.22 12.95 -0.58
N ARG A 44 0.07 13.33 -1.82
CA ARG A 44 1.20 12.75 -2.55
C ARG A 44 2.36 12.45 -1.60
N LYS A 45 2.62 13.38 -0.69
CA LYS A 45 3.71 13.22 0.28
C LYS A 45 3.59 11.90 1.01
N MET A 46 2.41 11.61 1.53
CA MET A 46 2.17 10.37 2.25
C MET A 46 2.10 9.19 1.29
N LEU A 47 1.28 9.30 0.27
CA LEU A 47 1.13 8.24 -0.73
C LEU A 47 2.50 7.70 -1.15
N ASP A 48 3.49 8.57 -1.15
CA ASP A 48 4.84 8.18 -1.54
C ASP A 48 5.52 7.38 -0.43
N HIS A 49 5.40 7.87 0.80
CA HIS A 49 6.00 7.20 1.95
C HIS A 49 5.35 5.85 2.18
N ILE A 50 4.03 5.84 2.35
CA ILE A 50 3.29 4.61 2.58
C ILE A 50 3.68 3.54 1.57
N ALA A 51 3.69 3.90 0.30
CA ALA A 51 4.04 2.98 -0.77
C ALA A 51 5.50 2.54 -0.65
N HIS A 52 6.29 3.32 0.08
CA HIS A 52 7.70 3.03 0.27
C HIS A 52 7.90 2.04 1.42
N GLU A 53 7.04 2.13 2.42
CA GLU A 53 7.12 1.24 3.58
C GLU A 53 6.47 -0.11 3.27
N VAL A 54 5.36 -0.06 2.54
CA VAL A 54 4.64 -1.29 2.18
C VAL A 54 5.35 -2.03 1.05
N GLY A 55 6.11 -1.29 0.25
CA GLY A 55 6.83 -1.90 -0.86
C GLY A 55 5.93 -2.21 -2.03
N LEU A 56 4.94 -1.36 -2.26
CA LEU A 56 4.01 -1.55 -3.37
C LEU A 56 4.04 -0.36 -4.32
N LYS A 57 3.92 -0.64 -5.61
CA LYS A 57 3.93 0.41 -6.63
C LYS A 57 3.16 1.63 -6.16
N LYS A 58 3.84 2.77 -6.06
CA LYS A 58 3.21 4.02 -5.62
C LYS A 58 1.83 4.16 -6.23
N ARG A 59 1.76 4.08 -7.55
CA ARG A 59 0.48 4.20 -8.27
C ARG A 59 -0.57 3.29 -7.65
N VAL A 60 -0.24 2.00 -7.55
CA VAL A 60 -1.16 1.02 -6.98
C VAL A 60 -1.61 1.43 -5.58
N VAL A 61 -0.70 2.06 -4.84
CA VAL A 61 -1.00 2.50 -3.48
C VAL A 61 -1.80 3.79 -3.49
N GLN A 62 -1.58 4.61 -4.52
CA GLN A 62 -2.28 5.88 -4.64
C GLN A 62 -3.73 5.67 -5.06
N VAL A 63 -3.94 4.73 -5.99
CA VAL A 63 -5.28 4.43 -6.47
C VAL A 63 -6.07 3.62 -5.44
N TRP A 64 -5.39 2.67 -4.80
CA TRP A 64 -6.02 1.83 -3.79
C TRP A 64 -6.77 2.67 -2.78
N PHE A 65 -6.39 3.94 -2.66
CA PHE A 65 -7.03 4.85 -1.71
C PHE A 65 -8.27 5.48 -2.33
N GLN A 66 -8.12 6.03 -3.54
CA GLN A 66 -9.22 6.67 -4.23
C GLN A 66 -10.36 5.69 -4.46
N ASN A 67 -10.03 4.41 -4.55
CA ASN A 67 -11.02 3.36 -4.76
C ASN A 67 -11.77 3.05 -3.47
N THR A 68 -11.02 2.82 -2.40
CA THR A 68 -11.60 2.50 -1.10
C THR A 68 -12.63 3.56 -0.69
N ARG A 69 -12.22 4.82 -0.76
CA ARG A 69 -13.10 5.93 -0.39
C ARG A 69 -14.45 5.81 -1.09
N ALA A 70 -14.42 5.64 -2.40
CA ALA A 70 -15.65 5.50 -3.19
C ALA A 70 -16.52 4.37 -2.64
N ARG A 71 -15.89 3.26 -2.31
CA ARG A 71 -16.61 2.10 -1.78
C ARG A 71 -17.21 2.41 -0.42
N GLU A 72 -16.41 3.02 0.45
CA GLU A 72 -16.86 3.37 1.79
C GLU A 72 -18.10 4.27 1.73
N ARG A 73 -18.05 5.26 0.84
CA ARG A 73 -19.16 6.19 0.69
C ARG A 73 -20.36 5.50 0.02
N LYS A 74 -20.08 4.69 -0.99
CA LYS A 74 -21.13 3.98 -1.70
C LYS A 74 -22.11 3.33 -0.73
N SER A 75 -23.37 3.24 -1.14
CA SER A 75 -24.41 2.64 -0.30
C SER A 75 -24.97 1.39 -0.96
N GLY A 76 -24.72 0.23 -0.35
CA GLY A 76 -25.21 -1.02 -0.88
C GLY A 76 -25.60 -2.00 0.21
N PRO A 77 -24.70 -2.96 0.49
CA PRO A 77 -24.94 -3.98 1.52
C PRO A 77 -24.92 -3.39 2.92
N SER A 78 -24.70 -2.09 3.02
CA SER A 78 -24.66 -1.41 4.31
C SER A 78 -25.98 -1.57 5.06
N SER A 79 -25.92 -1.44 6.38
CA SER A 79 -27.12 -1.58 7.21
C SER A 79 -27.27 -0.37 8.12
N GLY A 80 -28.46 0.24 8.08
CA GLY A 80 -28.72 1.41 8.92
C GLY A 80 -28.76 2.69 8.11
N GLY A 1 15.53 -6.31 -12.21
CA GLY A 1 16.76 -7.07 -12.44
C GLY A 1 16.54 -8.22 -13.42
N SER A 2 17.62 -8.63 -14.09
CA SER A 2 17.55 -9.70 -15.06
C SER A 2 17.88 -11.05 -14.41
N SER A 3 16.83 -11.78 -14.03
CA SER A 3 17.00 -13.08 -13.39
C SER A 3 15.79 -13.97 -13.63
N GLY A 4 16.02 -15.13 -14.24
CA GLY A 4 14.94 -16.05 -14.53
C GLY A 4 15.12 -17.39 -13.83
N SER A 5 14.23 -17.70 -12.90
CA SER A 5 14.29 -18.94 -12.16
C SER A 5 13.54 -20.06 -12.89
N SER A 6 13.91 -21.30 -12.61
CA SER A 6 13.27 -22.46 -13.24
C SER A 6 12.61 -23.35 -12.20
N GLY A 7 13.36 -23.67 -11.15
CA GLY A 7 12.84 -24.53 -10.09
C GLY A 7 13.79 -24.66 -8.93
N GLY A 8 13.23 -24.69 -7.72
CA GLY A 8 14.06 -24.81 -6.53
C GLY A 8 13.57 -23.91 -5.40
N THR A 9 14.29 -22.82 -5.17
CA THR A 9 13.95 -21.88 -4.11
C THR A 9 13.89 -20.45 -4.63
N GLY A 10 12.76 -19.79 -4.41
CA GLY A 10 12.59 -18.42 -4.87
C GLY A 10 11.86 -17.56 -3.87
N GLY A 11 11.38 -16.41 -4.33
CA GLY A 11 10.66 -15.51 -3.44
C GLY A 11 11.55 -14.93 -2.36
N GLU A 12 12.66 -14.32 -2.76
CA GLU A 12 13.59 -13.73 -1.82
C GLU A 12 14.23 -12.46 -2.40
N GLU A 13 13.94 -11.33 -1.78
CA GLU A 13 14.47 -10.05 -2.23
C GLU A 13 15.46 -9.48 -1.21
N PRO A 14 16.42 -8.69 -1.70
CA PRO A 14 17.44 -8.06 -0.84
C PRO A 14 16.86 -6.98 0.05
N GLN A 15 17.61 -6.60 1.09
CA GLN A 15 17.17 -5.58 2.01
C GLN A 15 16.39 -4.48 1.28
N ARG A 16 16.90 -4.06 0.13
CA ARG A 16 16.24 -3.02 -0.66
C ARG A 16 15.45 -3.64 -1.81
N ASP A 17 14.20 -3.21 -1.95
CA ASP A 17 13.33 -3.72 -3.00
C ASP A 17 14.05 -3.67 -4.36
N LYS A 18 13.55 -4.45 -5.31
CA LYS A 18 14.13 -4.50 -6.65
C LYS A 18 13.05 -4.42 -7.71
N ARG A 19 12.11 -5.35 -7.67
CA ARG A 19 11.01 -5.39 -8.63
C ARG A 19 9.67 -5.31 -7.92
N LEU A 20 8.83 -4.39 -8.36
CA LEU A 20 7.50 -4.21 -7.77
C LEU A 20 6.43 -4.89 -8.63
N ARG A 21 5.24 -5.04 -8.06
CA ARG A 21 4.13 -5.67 -8.77
C ARG A 21 2.88 -4.81 -8.70
N THR A 22 2.02 -4.94 -9.71
CA THR A 22 0.79 -4.17 -9.76
C THR A 22 -0.23 -4.67 -8.73
N THR A 23 -0.38 -5.99 -8.66
CA THR A 23 -1.31 -6.59 -7.72
C THR A 23 -0.95 -6.25 -6.29
N ILE A 24 -1.74 -6.75 -5.34
CA ILE A 24 -1.50 -6.49 -3.93
C ILE A 24 -1.45 -7.79 -3.14
N THR A 25 -0.74 -7.76 -2.01
CA THR A 25 -0.62 -8.93 -1.16
C THR A 25 -1.46 -8.79 0.11
N PRO A 26 -1.85 -9.93 0.70
CA PRO A 26 -2.65 -9.95 1.92
C PRO A 26 -1.88 -9.47 3.14
N GLU A 27 -0.56 -9.37 2.99
CA GLU A 27 0.30 -8.91 4.08
C GLU A 27 0.59 -7.41 3.97
N GLN A 28 0.45 -6.89 2.76
CA GLN A 28 0.69 -5.47 2.51
C GLN A 28 -0.56 -4.64 2.79
N LEU A 29 -1.71 -5.18 2.40
CA LEU A 29 -2.98 -4.49 2.60
C LEU A 29 -3.08 -3.95 4.03
N GLU A 30 -2.89 -4.83 5.00
CA GLU A 30 -2.95 -4.44 6.41
C GLU A 30 -2.43 -3.02 6.60
N ILE A 31 -1.22 -2.76 6.12
CA ILE A 31 -0.61 -1.45 6.24
C ILE A 31 -1.49 -0.38 5.60
N LEU A 32 -1.92 -0.62 4.37
CA LEU A 32 -2.76 0.33 3.66
C LEU A 32 -4.05 0.60 4.43
N TYR A 33 -4.71 -0.46 4.87
CA TYR A 33 -5.95 -0.33 5.62
C TYR A 33 -5.72 0.47 6.91
N GLN A 34 -4.68 0.11 7.64
CA GLN A 34 -4.36 0.78 8.89
C GLN A 34 -4.13 2.27 8.66
N LYS A 35 -3.49 2.60 7.54
CA LYS A 35 -3.21 3.99 7.20
C LYS A 35 -4.49 4.71 6.76
N TYR A 36 -5.41 3.97 6.15
CA TYR A 36 -6.66 4.53 5.69
C TYR A 36 -7.61 4.79 6.85
N LEU A 37 -7.75 3.80 7.73
CA LEU A 37 -8.62 3.92 8.89
C LEU A 37 -8.26 5.14 9.73
N LEU A 38 -6.97 5.42 9.82
CA LEU A 38 -6.48 6.57 10.58
C LEU A 38 -6.37 7.81 9.70
N ASP A 39 -6.11 7.59 8.41
CA ASP A 39 -5.98 8.68 7.46
C ASP A 39 -6.29 8.21 6.04
N SER A 40 -7.47 8.59 5.55
CA SER A 40 -7.90 8.20 4.20
C SER A 40 -7.76 9.37 3.24
N ASN A 41 -7.30 10.51 3.75
CA ASN A 41 -7.13 11.70 2.93
C ASN A 41 -5.67 12.15 2.92
N PRO A 42 -4.75 11.19 2.75
CA PRO A 42 -3.31 11.45 2.72
C PRO A 42 -2.90 12.20 1.46
N THR A 43 -1.80 12.96 1.57
CA THR A 43 -1.30 13.72 0.43
C THR A 43 -0.22 12.95 -0.32
N ARG A 44 0.09 13.41 -1.53
CA ARG A 44 1.10 12.77 -2.36
C ARG A 44 2.32 12.37 -1.52
N LYS A 45 2.73 13.27 -0.62
CA LYS A 45 3.88 13.02 0.23
C LYS A 45 3.73 11.69 0.97
N MET A 46 2.57 11.48 1.58
CA MET A 46 2.30 10.25 2.31
C MET A 46 2.23 9.05 1.36
N LEU A 47 1.35 9.15 0.37
CA LEU A 47 1.19 8.08 -0.61
C LEU A 47 2.54 7.55 -1.06
N ASP A 48 3.48 8.45 -1.29
CA ASP A 48 4.83 8.08 -1.73
C ASP A 48 5.56 7.30 -0.64
N HIS A 49 5.51 7.83 0.58
CA HIS A 49 6.17 7.19 1.72
C HIS A 49 5.54 5.83 2.02
N ILE A 50 4.25 5.84 2.31
CA ILE A 50 3.53 4.61 2.63
C ILE A 50 3.84 3.53 1.59
N ALA A 51 3.80 3.90 0.32
CA ALA A 51 4.07 2.96 -0.76
C ALA A 51 5.53 2.50 -0.73
N HIS A 52 6.38 3.31 -0.10
CA HIS A 52 7.80 2.98 0.00
C HIS A 52 8.06 1.98 1.13
N GLU A 53 7.34 2.16 2.23
CA GLU A 53 7.50 1.29 3.38
C GLU A 53 6.79 -0.05 3.15
N VAL A 54 5.65 0.01 2.46
CA VAL A 54 4.87 -1.19 2.16
C VAL A 54 5.51 -2.00 1.04
N GLY A 55 6.26 -1.31 0.18
CA GLY A 55 6.91 -1.97 -0.93
C GLY A 55 5.96 -2.27 -2.07
N LEU A 56 5.06 -1.33 -2.34
CA LEU A 56 4.08 -1.49 -3.41
C LEU A 56 4.08 -0.27 -4.34
N LYS A 57 3.93 -0.52 -5.64
CA LYS A 57 3.91 0.54 -6.63
C LYS A 57 3.18 1.77 -6.10
N LYS A 58 3.85 2.91 -6.10
CA LYS A 58 3.26 4.15 -5.62
C LYS A 58 1.84 4.32 -6.17
N ARG A 59 1.68 4.11 -7.46
CA ARG A 59 0.37 4.23 -8.10
C ARG A 59 -0.64 3.29 -7.46
N VAL A 60 -0.34 1.99 -7.50
CA VAL A 60 -1.22 0.98 -6.93
C VAL A 60 -1.64 1.36 -5.51
N VAL A 61 -0.74 1.98 -4.77
CA VAL A 61 -1.01 2.41 -3.41
C VAL A 61 -1.89 3.67 -3.38
N GLN A 62 -1.58 4.60 -4.28
CA GLN A 62 -2.33 5.85 -4.35
C GLN A 62 -3.78 5.58 -4.75
N VAL A 63 -3.97 4.88 -5.87
CA VAL A 63 -5.31 4.57 -6.35
C VAL A 63 -6.07 3.75 -5.33
N TRP A 64 -5.41 2.77 -4.74
CA TRP A 64 -6.04 1.90 -3.73
C TRP A 64 -6.86 2.73 -2.75
N PHE A 65 -6.48 3.99 -2.58
CA PHE A 65 -7.18 4.88 -1.66
C PHE A 65 -8.42 5.48 -2.33
N GLN A 66 -8.23 6.04 -3.52
CA GLN A 66 -9.33 6.66 -4.27
C GLN A 66 -10.43 5.63 -4.54
N ASN A 67 -10.04 4.36 -4.62
CA ASN A 67 -11.00 3.29 -4.88
C ASN A 67 -11.79 2.94 -3.63
N THR A 68 -11.09 2.85 -2.51
CA THR A 68 -11.73 2.53 -1.23
C THR A 68 -12.70 3.62 -0.81
N ARG A 69 -12.32 4.88 -1.07
CA ARG A 69 -13.15 6.02 -0.71
C ARG A 69 -14.49 5.96 -1.43
N ALA A 70 -14.47 5.50 -2.68
CA ALA A 70 -15.68 5.39 -3.48
C ALA A 70 -16.66 4.40 -2.86
N ARG A 71 -16.15 3.26 -2.40
CA ARG A 71 -16.98 2.24 -1.78
C ARG A 71 -17.39 2.64 -0.37
N GLU A 72 -16.44 3.21 0.38
CA GLU A 72 -16.70 3.64 1.74
C GLU A 72 -17.73 4.77 1.77
N ARG A 73 -17.63 5.68 0.82
CA ARG A 73 -18.55 6.81 0.73
C ARG A 73 -19.94 6.34 0.33
N LYS A 74 -19.99 5.33 -0.53
CA LYS A 74 -21.27 4.79 -1.00
C LYS A 74 -22.13 4.34 0.17
N SER A 75 -23.10 5.18 0.53
CA SER A 75 -24.00 4.87 1.64
C SER A 75 -25.21 4.07 1.16
N GLY A 76 -25.95 3.51 2.10
CA GLY A 76 -27.13 2.73 1.76
C GLY A 76 -26.84 1.25 1.69
N PRO A 77 -27.68 0.50 0.96
CA PRO A 77 -27.53 -0.95 0.81
C PRO A 77 -26.32 -1.32 -0.04
N SER A 78 -25.23 -1.68 0.63
CA SER A 78 -24.00 -2.06 -0.08
C SER A 78 -23.60 -3.49 0.27
N SER A 79 -22.65 -4.02 -0.48
CA SER A 79 -22.17 -5.38 -0.26
C SER A 79 -21.03 -5.40 0.74
N GLY A 80 -19.97 -4.66 0.45
CA GLY A 80 -18.82 -4.60 1.34
C GLY A 80 -19.09 -3.76 2.57
N GLY A 1 16.20 -20.95 2.98
CA GLY A 1 15.28 -19.84 3.04
C GLY A 1 15.81 -18.68 3.86
N SER A 2 14.91 -17.92 4.48
CA SER A 2 15.30 -16.78 5.30
C SER A 2 15.10 -17.08 6.78
N SER A 3 15.80 -16.33 7.63
CA SER A 3 15.70 -16.51 9.07
C SER A 3 15.72 -15.16 9.79
N GLY A 4 15.30 -15.18 11.05
CA GLY A 4 15.26 -13.95 11.83
C GLY A 4 16.36 -13.91 12.88
N SER A 5 17.46 -13.23 12.56
CA SER A 5 18.58 -13.13 13.48
C SER A 5 18.93 -11.66 13.75
N SER A 6 19.04 -11.30 15.01
CA SER A 6 19.37 -9.93 15.41
C SER A 6 20.84 -9.80 15.76
N GLY A 7 21.57 -9.05 14.95
CA GLY A 7 23.00 -8.86 15.20
C GLY A 7 23.77 -8.59 13.94
N GLY A 8 24.71 -7.64 14.01
CA GLY A 8 25.51 -7.29 12.86
C GLY A 8 26.17 -5.94 12.99
N THR A 9 25.57 -4.92 12.37
CA THR A 9 26.11 -3.56 12.42
C THR A 9 25.00 -2.53 12.32
N GLY A 10 25.23 -1.36 12.90
CA GLY A 10 24.23 -0.30 12.86
C GLY A 10 24.31 0.52 11.59
N GLY A 11 24.50 -0.14 10.46
CA GLY A 11 24.59 0.55 9.20
C GLY A 11 23.40 0.27 8.29
N GLU A 12 22.77 1.34 7.80
CA GLU A 12 21.62 1.20 6.93
C GLU A 12 22.01 1.44 5.47
N GLU A 13 21.33 0.74 4.56
CA GLU A 13 21.60 0.88 3.14
C GLU A 13 20.30 1.01 2.34
N PRO A 14 20.40 1.62 1.16
CA PRO A 14 19.25 1.82 0.27
C PRO A 14 18.76 0.51 -0.34
N GLN A 15 17.44 0.31 -0.29
CA GLN A 15 16.83 -0.90 -0.84
C GLN A 15 16.71 -0.81 -2.35
N ARG A 16 16.28 0.36 -2.84
CA ARG A 16 16.10 0.58 -4.27
C ARG A 16 15.53 -0.67 -4.94
N ASP A 17 14.56 -1.30 -4.28
CA ASP A 17 13.93 -2.50 -4.82
C ASP A 17 13.79 -2.41 -6.34
N LYS A 18 14.51 -3.28 -7.04
CA LYS A 18 14.47 -3.30 -8.50
C LYS A 18 13.40 -4.26 -9.00
N ARG A 19 12.25 -4.27 -8.32
CA ARG A 19 11.15 -5.15 -8.71
C ARG A 19 9.86 -4.73 -8.00
N LEU A 20 8.75 -4.80 -8.71
CA LEU A 20 7.45 -4.44 -8.15
C LEU A 20 6.32 -5.20 -8.84
N ARG A 21 5.20 -5.34 -8.16
CA ARG A 21 4.04 -6.05 -8.71
C ARG A 21 2.85 -5.11 -8.86
N THR A 22 1.99 -5.40 -9.83
CA THR A 22 0.82 -4.59 -10.09
C THR A 22 -0.28 -4.87 -9.07
N THR A 23 -0.49 -6.15 -8.79
CA THR A 23 -1.52 -6.55 -7.82
C THR A 23 -1.08 -6.27 -6.40
N ILE A 24 -1.95 -6.57 -5.44
CA ILE A 24 -1.65 -6.34 -4.03
C ILE A 24 -1.61 -7.66 -3.26
N THR A 25 -0.88 -7.66 -2.15
CA THR A 25 -0.77 -8.86 -1.32
C THR A 25 -1.60 -8.73 -0.05
N PRO A 26 -2.00 -9.87 0.52
CA PRO A 26 -2.80 -9.91 1.75
C PRO A 26 -2.02 -9.46 2.97
N GLU A 27 -0.69 -9.39 2.83
CA GLU A 27 0.17 -8.98 3.92
C GLU A 27 0.50 -7.49 3.83
N GLN A 28 0.39 -6.94 2.62
CA GLN A 28 0.68 -5.53 2.39
C GLN A 28 -0.55 -4.67 2.69
N LEU A 29 -1.72 -5.16 2.29
CA LEU A 29 -2.96 -4.44 2.51
C LEU A 29 -3.06 -3.94 3.94
N GLU A 30 -2.91 -4.86 4.90
CA GLU A 30 -2.98 -4.51 6.31
C GLU A 30 -2.40 -3.13 6.56
N ILE A 31 -1.15 -2.94 6.17
CA ILE A 31 -0.48 -1.65 6.35
C ILE A 31 -1.26 -0.53 5.68
N LEU A 32 -1.78 -0.79 4.50
CA LEU A 32 -2.56 0.20 3.75
C LEU A 32 -3.84 0.55 4.50
N TYR A 33 -4.56 -0.47 4.97
CA TYR A 33 -5.80 -0.27 5.69
C TYR A 33 -5.56 0.55 6.97
N GLN A 34 -4.54 0.15 7.72
CA GLN A 34 -4.20 0.84 8.96
C GLN A 34 -3.95 2.32 8.71
N LYS A 35 -3.29 2.62 7.59
CA LYS A 35 -2.99 4.01 7.23
C LYS A 35 -4.22 4.72 6.70
N TYR A 36 -5.11 3.96 6.06
CA TYR A 36 -6.34 4.51 5.51
C TYR A 36 -7.32 4.89 6.61
N LEU A 37 -7.57 3.95 7.52
CA LEU A 37 -8.49 4.19 8.62
C LEU A 37 -8.11 5.46 9.39
N LEU A 38 -6.81 5.66 9.57
CA LEU A 38 -6.32 6.83 10.28
C LEU A 38 -6.22 8.04 9.34
N ASP A 39 -5.95 7.78 8.07
CA ASP A 39 -5.83 8.83 7.07
C ASP A 39 -6.47 8.42 5.76
N SER A 40 -7.65 8.97 5.47
CA SER A 40 -8.37 8.65 4.24
C SER A 40 -8.23 9.78 3.22
N ASN A 41 -7.61 10.88 3.64
CA ASN A 41 -7.41 12.02 2.76
C ASN A 41 -5.95 12.47 2.78
N PRO A 42 -5.04 11.50 2.66
CA PRO A 42 -3.60 11.78 2.65
C PRO A 42 -3.15 12.50 1.39
N THR A 43 -1.97 13.12 1.44
CA THR A 43 -1.43 13.85 0.31
C THR A 43 -0.37 13.02 -0.43
N ARG A 44 -0.13 13.36 -1.69
CA ARG A 44 0.85 12.65 -2.50
C ARG A 44 2.05 12.23 -1.66
N LYS A 45 2.54 13.15 -0.84
CA LYS A 45 3.69 12.87 0.02
C LYS A 45 3.48 11.59 0.82
N MET A 46 2.35 11.51 1.52
CA MET A 46 2.02 10.33 2.31
C MET A 46 1.95 9.08 1.43
N LEU A 47 1.10 9.12 0.43
CA LEU A 47 0.94 7.99 -0.48
C LEU A 47 2.29 7.48 -0.96
N ASP A 48 3.21 8.41 -1.20
CA ASP A 48 4.55 8.05 -1.66
C ASP A 48 5.30 7.28 -0.58
N HIS A 49 5.32 7.82 0.63
CA HIS A 49 6.00 7.19 1.76
C HIS A 49 5.38 5.83 2.07
N ILE A 50 4.08 5.83 2.34
CA ILE A 50 3.37 4.60 2.66
C ILE A 50 3.68 3.50 1.66
N ALA A 51 3.68 3.86 0.37
CA ALA A 51 3.98 2.91 -0.69
C ALA A 51 5.43 2.43 -0.61
N HIS A 52 6.29 3.25 -0.01
CA HIS A 52 7.69 2.91 0.13
C HIS A 52 7.91 1.94 1.28
N GLU A 53 7.15 2.11 2.35
CA GLU A 53 7.27 1.25 3.51
C GLU A 53 6.56 -0.09 3.26
N VAL A 54 5.45 -0.04 2.53
CA VAL A 54 4.68 -1.23 2.22
C VAL A 54 5.35 -2.05 1.10
N GLY A 55 6.16 -1.37 0.30
CA GLY A 55 6.85 -2.04 -0.79
C GLY A 55 5.93 -2.29 -1.97
N LEU A 56 5.00 -1.37 -2.21
CA LEU A 56 4.06 -1.51 -3.31
C LEU A 56 4.12 -0.29 -4.22
N LYS A 57 4.00 -0.51 -5.52
CA LYS A 57 4.04 0.57 -6.50
C LYS A 57 3.25 1.78 -6.00
N LYS A 58 3.93 2.92 -5.86
CA LYS A 58 3.30 4.14 -5.40
C LYS A 58 1.92 4.31 -6.03
N ARG A 59 1.84 4.13 -7.34
CA ARG A 59 0.58 4.26 -8.06
C ARG A 59 -0.49 3.36 -7.44
N VAL A 60 -0.22 2.06 -7.40
CA VAL A 60 -1.15 1.10 -6.84
C VAL A 60 -1.65 1.55 -5.46
N VAL A 61 -0.74 2.12 -4.68
CA VAL A 61 -1.09 2.60 -3.34
C VAL A 61 -1.90 3.89 -3.41
N GLN A 62 -1.55 4.74 -4.37
CA GLN A 62 -2.25 6.01 -4.54
C GLN A 62 -3.69 5.79 -4.98
N VAL A 63 -3.90 4.82 -5.87
CA VAL A 63 -5.23 4.50 -6.37
C VAL A 63 -6.01 3.67 -5.36
N TRP A 64 -5.33 2.72 -4.74
CA TRP A 64 -5.97 1.86 -3.75
C TRP A 64 -6.72 2.68 -2.71
N PHE A 65 -6.32 3.93 -2.55
CA PHE A 65 -6.95 4.82 -1.59
C PHE A 65 -8.20 5.47 -2.19
N GLN A 66 -8.05 6.00 -3.40
CA GLN A 66 -9.17 6.65 -4.09
C GLN A 66 -10.30 5.66 -4.36
N ASN A 67 -9.93 4.39 -4.53
CA ASN A 67 -10.90 3.35 -4.80
C ASN A 67 -11.72 3.02 -3.55
N THR A 68 -11.03 2.79 -2.44
CA THR A 68 -11.68 2.48 -1.19
C THR A 68 -12.71 3.54 -0.81
N ARG A 69 -12.28 4.80 -0.87
CA ARG A 69 -13.16 5.92 -0.54
C ARG A 69 -14.44 5.86 -1.37
N ALA A 70 -14.28 5.81 -2.68
CA ALA A 70 -15.43 5.75 -3.59
C ALA A 70 -16.45 4.71 -3.12
N ARG A 71 -15.95 3.57 -2.67
CA ARG A 71 -16.81 2.49 -2.20
C ARG A 71 -17.52 2.89 -0.91
N GLU A 72 -16.74 3.32 0.08
CA GLU A 72 -17.29 3.73 1.36
C GLU A 72 -18.36 4.80 1.17
N ARG A 73 -18.07 5.78 0.32
CA ARG A 73 -19.00 6.87 0.06
C ARG A 73 -20.19 6.38 -0.77
N LYS A 74 -19.91 5.56 -1.78
CA LYS A 74 -20.95 5.02 -2.64
C LYS A 74 -22.02 4.31 -1.81
N SER A 75 -23.26 4.35 -2.30
CA SER A 75 -24.38 3.72 -1.61
C SER A 75 -25.14 2.80 -2.55
N GLY A 76 -25.30 1.54 -2.14
CA GLY A 76 -26.01 0.58 -2.96
C GLY A 76 -25.54 -0.85 -2.72
N PRO A 77 -26.05 -1.79 -3.53
CA PRO A 77 -25.69 -3.20 -3.42
C PRO A 77 -24.25 -3.47 -3.82
N SER A 78 -23.75 -4.66 -3.47
CA SER A 78 -22.39 -5.04 -3.80
C SER A 78 -22.35 -5.85 -5.08
N SER A 79 -22.24 -5.17 -6.22
CA SER A 79 -22.20 -5.83 -7.51
C SER A 79 -23.49 -6.60 -7.77
N GLY A 80 -24.62 -5.99 -7.43
CA GLY A 80 -25.90 -6.63 -7.64
C GLY A 80 -26.95 -5.67 -8.16
N GLY A 1 -6.87 -22.08 -4.10
CA GLY A 1 -6.80 -23.47 -4.48
C GLY A 1 -6.78 -24.40 -3.29
N SER A 2 -6.07 -25.52 -3.41
CA SER A 2 -5.98 -26.50 -2.35
C SER A 2 -4.53 -26.88 -2.08
N SER A 3 -4.07 -26.63 -0.85
CA SER A 3 -2.70 -26.94 -0.47
C SER A 3 -2.52 -26.82 1.05
N GLY A 4 -1.34 -27.20 1.53
CA GLY A 4 -1.06 -27.12 2.94
C GLY A 4 -0.18 -25.93 3.31
N SER A 5 0.16 -25.82 4.59
CA SER A 5 0.99 -24.72 5.05
C SER A 5 2.44 -25.17 5.22
N SER A 6 3.36 -24.34 4.72
CA SER A 6 4.78 -24.66 4.81
C SER A 6 5.49 -23.71 5.76
N GLY A 7 5.71 -24.18 6.99
CA GLY A 7 6.38 -23.35 7.99
C GLY A 7 7.56 -22.59 7.42
N GLY A 8 8.60 -23.32 7.02
CA GLY A 8 9.78 -22.69 6.47
C GLY A 8 10.36 -21.63 7.39
N THR A 9 10.45 -20.40 6.89
CA THR A 9 11.00 -19.30 7.68
C THR A 9 10.08 -18.93 8.83
N GLY A 10 10.63 -18.81 10.02
CA GLY A 10 9.84 -18.45 11.18
C GLY A 10 10.20 -17.09 11.74
N GLY A 11 10.28 -16.09 10.87
CA GLY A 11 10.61 -14.75 11.30
C GLY A 11 10.70 -13.77 10.14
N GLU A 12 11.45 -12.69 10.33
CA GLU A 12 11.59 -11.67 9.29
C GLU A 12 13.05 -11.56 8.85
N GLU A 13 13.25 -11.14 7.61
CA GLU A 13 14.60 -10.99 7.07
C GLU A 13 14.76 -9.64 6.36
N PRO A 14 15.98 -9.10 6.40
CA PRO A 14 16.29 -7.81 5.77
C PRO A 14 16.27 -7.88 4.25
N GLN A 15 15.19 -7.38 3.66
CA GLN A 15 15.05 -7.39 2.21
C GLN A 15 14.43 -6.09 1.72
N ARG A 16 14.61 -5.81 0.43
CA ARG A 16 14.07 -4.60 -0.17
C ARG A 16 13.17 -4.92 -1.36
N ASP A 17 12.04 -4.23 -1.45
CA ASP A 17 11.09 -4.45 -2.55
C ASP A 17 11.54 -3.71 -3.81
N LYS A 18 12.08 -4.46 -4.76
CA LYS A 18 12.55 -3.88 -6.02
C LYS A 18 11.61 -4.23 -7.16
N ARG A 19 11.05 -5.43 -7.11
CA ARG A 19 10.13 -5.89 -8.15
C ARG A 19 8.91 -4.97 -8.23
N LEU A 20 8.60 -4.31 -7.13
CA LEU A 20 7.45 -3.40 -7.08
C LEU A 20 6.32 -3.91 -7.96
N ARG A 21 5.90 -5.15 -7.72
CA ARG A 21 4.82 -5.75 -8.50
C ARG A 21 3.61 -4.82 -8.57
N THR A 22 2.69 -5.12 -9.47
CA THR A 22 1.49 -4.30 -9.64
C THR A 22 0.41 -4.71 -8.65
N THR A 23 -0.06 -5.94 -8.75
CA THR A 23 -1.10 -6.45 -7.86
C THR A 23 -0.76 -6.15 -6.41
N ILE A 24 -1.66 -6.54 -5.50
CA ILE A 24 -1.45 -6.32 -4.08
C ILE A 24 -1.40 -7.64 -3.31
N THR A 25 -0.75 -7.62 -2.15
CA THR A 25 -0.63 -8.81 -1.33
C THR A 25 -1.50 -8.71 -0.08
N PRO A 26 -1.89 -9.87 0.47
CA PRO A 26 -2.73 -9.93 1.67
C PRO A 26 -1.99 -9.48 2.92
N GLU A 27 -0.66 -9.37 2.82
CA GLU A 27 0.16 -8.94 3.94
C GLU A 27 0.44 -7.45 3.87
N GLN A 28 0.37 -6.90 2.66
CA GLN A 28 0.63 -5.47 2.44
C GLN A 28 -0.63 -4.65 2.72
N LEU A 29 -1.77 -5.15 2.26
CA LEU A 29 -3.04 -4.46 2.45
C LEU A 29 -3.16 -3.91 3.87
N GLU A 30 -3.04 -4.80 4.85
CA GLU A 30 -3.13 -4.41 6.25
C GLU A 30 -2.54 -3.02 6.47
N ILE A 31 -1.31 -2.84 6.02
CA ILE A 31 -0.62 -1.56 6.16
C ILE A 31 -1.43 -0.42 5.52
N LEU A 32 -1.94 -0.68 4.32
CA LEU A 32 -2.74 0.31 3.61
C LEU A 32 -4.03 0.61 4.35
N TYR A 33 -4.71 -0.44 4.80
CA TYR A 33 -5.96 -0.29 5.53
C TYR A 33 -5.75 0.49 6.82
N GLN A 34 -4.71 0.12 7.56
CA GLN A 34 -4.39 0.78 8.82
C GLN A 34 -4.10 2.26 8.60
N LYS A 35 -3.32 2.57 7.57
CA LYS A 35 -2.98 3.94 7.25
C LYS A 35 -4.20 4.71 6.73
N TYR A 36 -5.11 3.98 6.10
CA TYR A 36 -6.32 4.59 5.55
C TYR A 36 -7.30 4.95 6.67
N LEU A 37 -7.59 3.99 7.54
CA LEU A 37 -8.50 4.20 8.65
C LEU A 37 -8.12 5.46 9.43
N LEU A 38 -6.83 5.69 9.59
CA LEU A 38 -6.34 6.86 10.32
C LEU A 38 -6.22 8.06 9.39
N ASP A 39 -5.84 7.81 8.15
CA ASP A 39 -5.69 8.88 7.16
C ASP A 39 -6.31 8.48 5.82
N SER A 40 -7.49 9.02 5.55
CA SER A 40 -8.20 8.71 4.31
C SER A 40 -8.10 9.87 3.32
N ASN A 41 -7.46 10.96 3.75
CA ASN A 41 -7.29 12.13 2.91
C ASN A 41 -5.83 12.58 2.91
N PRO A 42 -4.92 11.62 2.73
CA PRO A 42 -3.47 11.90 2.69
C PRO A 42 -3.06 12.66 1.44
N THR A 43 -1.80 13.08 1.40
CA THR A 43 -1.28 13.83 0.25
C THR A 43 -0.21 13.03 -0.48
N ARG A 44 0.01 13.37 -1.74
CA ARG A 44 1.00 12.68 -2.55
C ARG A 44 2.21 12.28 -1.71
N LYS A 45 2.64 13.18 -0.83
CA LYS A 45 3.78 12.92 0.04
C LYS A 45 3.57 11.64 0.84
N MET A 46 2.45 11.57 1.54
CA MET A 46 2.13 10.39 2.35
C MET A 46 2.04 9.14 1.49
N LEU A 47 1.21 9.21 0.45
CA LEU A 47 1.03 8.08 -0.45
C LEU A 47 2.38 7.56 -0.95
N ASP A 48 3.32 8.48 -1.17
CA ASP A 48 4.65 8.10 -1.64
C ASP A 48 5.40 7.32 -0.58
N HIS A 49 5.42 7.86 0.64
CA HIS A 49 6.11 7.22 1.75
C HIS A 49 5.49 5.85 2.06
N ILE A 50 4.20 5.85 2.37
CA ILE A 50 3.49 4.61 2.69
C ILE A 50 3.83 3.52 1.68
N ALA A 51 3.78 3.86 0.40
CA ALA A 51 4.08 2.91 -0.66
C ALA A 51 5.53 2.44 -0.59
N HIS A 52 6.39 3.28 0.01
CA HIS A 52 7.80 2.95 0.16
C HIS A 52 8.02 1.95 1.29
N GLU A 53 7.30 2.14 2.39
CA GLU A 53 7.41 1.26 3.54
C GLU A 53 6.70 -0.06 3.29
N VAL A 54 5.62 -0.01 2.52
CA VAL A 54 4.86 -1.21 2.20
C VAL A 54 5.53 -2.01 1.09
N GLY A 55 6.29 -1.32 0.25
CA GLY A 55 6.98 -1.99 -0.84
C GLY A 55 6.07 -2.26 -2.03
N LEU A 56 5.19 -1.33 -2.31
CA LEU A 56 4.25 -1.47 -3.43
C LEU A 56 4.28 -0.23 -4.33
N LYS A 57 4.09 -0.45 -5.62
CA LYS A 57 4.09 0.65 -6.59
C LYS A 57 3.28 1.83 -6.06
N LYS A 58 3.95 2.98 -5.93
CA LYS A 58 3.30 4.19 -5.44
C LYS A 58 1.89 4.32 -6.02
N ARG A 59 1.80 4.22 -7.34
CA ARG A 59 0.51 4.34 -8.02
C ARG A 59 -0.52 3.39 -7.39
N VAL A 60 -0.23 2.10 -7.43
CA VAL A 60 -1.13 1.10 -6.86
C VAL A 60 -1.57 1.49 -5.45
N VAL A 61 -0.63 2.06 -4.68
CA VAL A 61 -0.93 2.47 -3.32
C VAL A 61 -1.80 3.72 -3.30
N GLN A 62 -1.55 4.63 -4.23
CA GLN A 62 -2.32 5.86 -4.32
C GLN A 62 -3.75 5.58 -4.75
N VAL A 63 -3.90 4.95 -5.91
CA VAL A 63 -5.23 4.62 -6.44
C VAL A 63 -6.02 3.78 -5.43
N TRP A 64 -5.37 2.76 -4.88
CA TRP A 64 -6.02 1.88 -3.91
C TRP A 64 -6.86 2.69 -2.91
N PHE A 65 -6.31 3.81 -2.46
CA PHE A 65 -7.01 4.67 -1.50
C PHE A 65 -8.29 5.24 -2.13
N GLN A 66 -8.18 5.64 -3.39
CA GLN A 66 -9.32 6.21 -4.10
C GLN A 66 -10.47 5.22 -4.19
N ASN A 67 -10.15 3.98 -4.54
CA ASN A 67 -11.15 2.93 -4.65
C ASN A 67 -11.89 2.74 -3.34
N THR A 68 -11.15 2.74 -2.24
CA THR A 68 -11.74 2.57 -0.91
C THR A 68 -12.69 3.71 -0.59
N ARG A 69 -12.25 4.94 -0.79
CA ARG A 69 -13.07 6.10 -0.52
C ARG A 69 -14.33 6.10 -1.40
N ALA A 70 -14.14 5.95 -2.70
CA ALA A 70 -15.25 5.93 -3.64
C ALA A 70 -16.29 4.89 -3.23
N ARG A 71 -15.81 3.74 -2.76
CA ARG A 71 -16.69 2.66 -2.34
C ARG A 71 -17.39 3.00 -1.02
N GLU A 72 -16.60 3.37 -0.03
CA GLU A 72 -17.13 3.72 1.28
C GLU A 72 -18.17 4.84 1.16
N ARG A 73 -17.88 5.81 0.32
CA ARG A 73 -18.79 6.94 0.11
C ARG A 73 -20.01 6.51 -0.71
N LYS A 74 -19.76 5.69 -1.73
CA LYS A 74 -20.83 5.20 -2.60
C LYS A 74 -21.77 4.27 -1.83
N SER A 75 -23.05 4.34 -2.15
CA SER A 75 -24.05 3.51 -1.50
C SER A 75 -24.27 2.20 -2.27
N GLY A 76 -24.46 1.11 -1.53
CA GLY A 76 -24.67 -0.18 -2.16
C GLY A 76 -24.67 -1.31 -1.15
N PRO A 77 -25.62 -2.25 -1.31
CA PRO A 77 -25.74 -3.41 -0.42
C PRO A 77 -24.59 -4.40 -0.59
N SER A 78 -23.87 -4.67 0.49
CA SER A 78 -22.75 -5.59 0.46
C SER A 78 -22.34 -6.00 1.86
N SER A 79 -21.68 -7.15 1.97
CA SER A 79 -21.24 -7.67 3.26
C SER A 79 -19.90 -7.04 3.66
N GLY A 80 -19.94 -6.20 4.68
CA GLY A 80 -18.73 -5.55 5.15
C GLY A 80 -18.62 -5.56 6.67
N GLY A 1 -10.92 -13.66 11.97
CA GLY A 1 -9.58 -13.09 11.93
C GLY A 1 -8.60 -13.96 11.18
N SER A 2 -7.36 -13.50 11.11
CA SER A 2 -6.31 -14.24 10.40
C SER A 2 -5.16 -14.58 11.35
N SER A 3 -4.18 -15.32 10.84
CA SER A 3 -3.02 -15.72 11.62
C SER A 3 -1.73 -15.42 10.88
N GLY A 4 -0.73 -14.93 11.61
CA GLY A 4 0.54 -14.61 11.00
C GLY A 4 1.71 -15.19 11.77
N SER A 5 2.90 -14.61 11.58
CA SER A 5 4.10 -15.09 12.25
C SER A 5 4.18 -14.51 13.67
N SER A 6 4.86 -15.25 14.55
CA SER A 6 5.01 -14.81 15.94
C SER A 6 6.37 -14.16 16.16
N GLY A 7 6.43 -12.85 15.91
CA GLY A 7 7.67 -12.12 16.08
C GLY A 7 8.02 -11.27 14.88
N GLY A 8 8.04 -11.88 13.70
CA GLY A 8 8.36 -11.15 12.49
C GLY A 8 7.22 -11.18 11.48
N THR A 9 6.55 -10.05 11.30
CA THR A 9 5.44 -9.95 10.36
C THR A 9 5.93 -10.06 8.93
N GLY A 10 5.24 -10.88 8.13
CA GLY A 10 5.62 -11.07 6.74
C GLY A 10 6.98 -11.72 6.59
N GLY A 11 7.37 -11.99 5.34
CA GLY A 11 8.65 -12.62 5.09
C GLY A 11 9.81 -11.81 5.61
N GLU A 12 10.99 -12.00 5.02
CA GLU A 12 12.18 -11.28 5.43
C GLU A 12 12.82 -10.55 4.25
N GLU A 13 11.98 -9.94 3.42
CA GLU A 13 12.45 -9.21 2.25
C GLU A 13 13.24 -7.98 2.67
N PRO A 14 14.21 -7.58 1.82
CA PRO A 14 15.06 -6.42 2.08
C PRO A 14 14.28 -5.11 1.98
N GLN A 15 14.51 -4.22 2.94
CA GLN A 15 13.84 -2.92 2.96
C GLN A 15 13.90 -2.25 1.58
N ARG A 16 15.07 -2.30 0.96
CA ARG A 16 15.26 -1.71 -0.36
C ARG A 16 14.89 -2.69 -1.46
N ASP A 17 13.63 -2.67 -1.86
CA ASP A 17 13.14 -3.56 -2.91
C ASP A 17 13.54 -3.04 -4.29
N LYS A 18 13.83 -3.96 -5.21
CA LYS A 18 14.22 -3.59 -6.55
C LYS A 18 13.06 -3.79 -7.53
N ARG A 19 12.37 -4.91 -7.41
CA ARG A 19 11.24 -5.22 -8.27
C ARG A 19 9.92 -4.92 -7.57
N LEU A 20 8.94 -4.46 -8.34
CA LEU A 20 7.62 -4.14 -7.80
C LEU A 20 6.52 -4.84 -8.57
N ARG A 21 5.48 -5.27 -7.86
CA ARG A 21 4.35 -5.96 -8.48
C ARG A 21 3.10 -5.08 -8.45
N THR A 22 2.35 -5.11 -9.55
CA THR A 22 1.13 -4.32 -9.65
C THR A 22 0.10 -4.77 -8.62
N THR A 23 -0.34 -6.02 -8.73
CA THR A 23 -1.33 -6.57 -7.81
C THR A 23 -0.95 -6.27 -6.35
N ILE A 24 -1.84 -6.64 -5.43
CA ILE A 24 -1.59 -6.40 -4.01
C ILE A 24 -1.57 -7.71 -3.24
N THR A 25 -0.86 -7.71 -2.11
CA THR A 25 -0.76 -8.90 -1.27
C THR A 25 -1.59 -8.76 0.00
N PRO A 26 -2.00 -9.89 0.58
CA PRO A 26 -2.79 -9.92 1.81
C PRO A 26 -2.00 -9.46 3.03
N GLU A 27 -0.68 -9.42 2.88
CA GLU A 27 0.19 -9.00 3.97
C GLU A 27 0.52 -7.51 3.87
N GLN A 28 0.38 -6.96 2.67
CA GLN A 28 0.66 -5.55 2.44
C GLN A 28 -0.57 -4.69 2.74
N LEU A 29 -1.72 -5.15 2.26
CA LEU A 29 -2.98 -4.44 2.47
C LEU A 29 -3.08 -3.93 3.91
N GLU A 30 -2.94 -4.85 4.86
CA GLU A 30 -3.01 -4.50 6.27
C GLU A 30 -2.45 -3.10 6.52
N ILE A 31 -1.18 -2.92 6.19
CA ILE A 31 -0.51 -1.63 6.36
C ILE A 31 -1.29 -0.50 5.68
N LEU A 32 -1.79 -0.79 4.48
CA LEU A 32 -2.56 0.20 3.73
C LEU A 32 -3.85 0.56 4.46
N TYR A 33 -4.55 -0.47 4.93
CA TYR A 33 -5.81 -0.26 5.65
C TYR A 33 -5.58 0.52 6.94
N GLN A 34 -4.57 0.11 7.70
CA GLN A 34 -4.24 0.76 8.95
C GLN A 34 -3.96 2.24 8.75
N LYS A 35 -3.34 2.57 7.62
CA LYS A 35 -3.01 3.95 7.30
C LYS A 35 -4.25 4.70 6.83
N TYR A 36 -5.16 3.99 6.17
CA TYR A 36 -6.39 4.60 5.67
C TYR A 36 -7.36 4.90 6.82
N LEU A 37 -7.63 3.87 7.63
CA LEU A 37 -8.53 4.03 8.76
C LEU A 37 -8.19 5.26 9.58
N LEU A 38 -6.88 5.51 9.73
CA LEU A 38 -6.42 6.66 10.49
C LEU A 38 -6.36 7.91 9.61
N ASP A 39 -6.08 7.71 8.32
CA ASP A 39 -6.00 8.82 7.38
C ASP A 39 -6.39 8.37 5.98
N SER A 40 -7.58 8.76 5.54
CA SER A 40 -8.07 8.39 4.22
C SER A 40 -8.00 9.57 3.26
N ASN A 41 -7.46 10.68 3.75
CA ASN A 41 -7.34 11.89 2.93
C ASN A 41 -5.89 12.37 2.88
N PRO A 42 -4.97 11.42 2.64
CA PRO A 42 -3.54 11.72 2.55
C PRO A 42 -3.18 12.52 1.30
N THR A 43 -1.89 12.70 1.07
CA THR A 43 -1.42 13.45 -0.09
C THR A 43 -0.20 12.78 -0.72
N ARG A 44 0.10 13.16 -1.96
CA ARG A 44 1.24 12.60 -2.68
C ARG A 44 2.38 12.29 -1.72
N LYS A 45 2.67 13.24 -0.81
CA LYS A 45 3.74 13.07 0.15
C LYS A 45 3.57 11.78 0.95
N MET A 46 2.36 11.58 1.48
CA MET A 46 2.06 10.38 2.26
C MET A 46 2.01 9.15 1.36
N LEU A 47 1.25 9.24 0.27
CA LEU A 47 1.13 8.14 -0.66
C LEU A 47 2.50 7.59 -1.05
N ASP A 48 3.46 8.47 -1.23
CA ASP A 48 4.81 8.08 -1.59
C ASP A 48 5.48 7.31 -0.46
N HIS A 49 5.41 7.86 0.75
CA HIS A 49 6.01 7.24 1.92
C HIS A 49 5.37 5.88 2.19
N ILE A 50 4.05 5.87 2.38
CA ILE A 50 3.33 4.64 2.64
C ILE A 50 3.70 3.55 1.64
N ALA A 51 3.67 3.91 0.36
CA ALA A 51 4.00 2.97 -0.70
C ALA A 51 5.46 2.54 -0.61
N HIS A 52 6.27 3.35 0.05
CA HIS A 52 7.69 3.05 0.20
C HIS A 52 7.92 2.06 1.35
N GLU A 53 7.12 2.19 2.40
CA GLU A 53 7.23 1.32 3.55
C GLU A 53 6.57 -0.03 3.28
N VAL A 54 5.46 0.00 2.55
CA VAL A 54 4.73 -1.21 2.22
C VAL A 54 5.43 -2.00 1.12
N GLY A 55 6.20 -1.28 0.29
CA GLY A 55 6.92 -1.93 -0.79
C GLY A 55 6.03 -2.24 -1.98
N LEU A 56 5.09 -1.36 -2.25
CA LEU A 56 4.16 -1.55 -3.37
C LEU A 56 4.20 -0.36 -4.32
N LYS A 57 3.88 -0.61 -5.58
CA LYS A 57 3.89 0.44 -6.60
C LYS A 57 3.12 1.67 -6.11
N LYS A 58 3.81 2.79 -6.02
CA LYS A 58 3.19 4.04 -5.57
C LYS A 58 1.81 4.21 -6.18
N ARG A 59 1.73 4.01 -7.50
CA ARG A 59 0.46 4.15 -8.21
C ARG A 59 -0.62 3.28 -7.58
N VAL A 60 -0.36 1.97 -7.50
CA VAL A 60 -1.30 1.03 -6.92
C VAL A 60 -1.73 1.47 -5.52
N VAL A 61 -0.78 2.01 -4.76
CA VAL A 61 -1.04 2.48 -3.40
C VAL A 61 -1.85 3.77 -3.42
N GLN A 62 -1.58 4.62 -4.42
CA GLN A 62 -2.28 5.89 -4.54
C GLN A 62 -3.74 5.67 -4.92
N VAL A 63 -3.97 4.88 -5.96
CA VAL A 63 -5.32 4.59 -6.42
C VAL A 63 -6.10 3.78 -5.39
N TRP A 64 -5.42 2.80 -4.79
CA TRP A 64 -6.04 1.94 -3.79
C TRP A 64 -6.80 2.77 -2.76
N PHE A 65 -6.34 4.00 -2.54
CA PHE A 65 -6.98 4.89 -1.58
C PHE A 65 -8.23 5.53 -2.19
N GLN A 66 -8.08 6.08 -3.38
CA GLN A 66 -9.19 6.73 -4.07
C GLN A 66 -10.29 5.73 -4.38
N ASN A 67 -9.91 4.47 -4.57
CA ASN A 67 -10.86 3.41 -4.88
C ASN A 67 -11.66 3.02 -3.65
N THR A 68 -10.95 2.84 -2.53
CA THR A 68 -11.59 2.46 -1.28
C THR A 68 -12.68 3.46 -0.89
N ARG A 69 -12.32 4.74 -0.88
CA ARG A 69 -13.26 5.79 -0.53
C ARG A 69 -14.59 5.61 -1.25
N ALA A 70 -14.53 5.55 -2.58
CA ALA A 70 -15.73 5.37 -3.39
C ALA A 70 -16.61 4.27 -2.82
N ARG A 71 -16.05 3.08 -2.67
CA ARG A 71 -16.79 1.94 -2.14
C ARG A 71 -17.40 2.28 -0.79
N GLU A 72 -16.59 2.87 0.09
CA GLU A 72 -17.05 3.24 1.42
C GLU A 72 -18.30 4.10 1.35
N ARG A 73 -18.35 4.97 0.34
CA ARG A 73 -19.49 5.86 0.15
C ARG A 73 -20.72 5.09 -0.30
N LYS A 74 -20.53 4.15 -1.22
CA LYS A 74 -21.61 3.33 -1.74
C LYS A 74 -22.45 2.76 -0.59
N SER A 75 -21.78 2.12 0.36
CA SER A 75 -22.45 1.53 1.51
C SER A 75 -22.28 2.39 2.75
N GLY A 76 -23.39 2.84 3.33
CA GLY A 76 -23.34 3.67 4.51
C GLY A 76 -24.50 3.41 5.45
N PRO A 77 -24.49 4.08 6.62
CA PRO A 77 -25.53 3.93 7.63
C PRO A 77 -26.86 4.54 7.17
N SER A 78 -27.71 3.73 6.58
CA SER A 78 -29.01 4.19 6.10
C SER A 78 -28.84 5.10 4.88
N SER A 79 -27.85 4.80 4.05
CA SER A 79 -27.58 5.59 2.86
C SER A 79 -28.72 5.46 1.85
N GLY A 80 -29.19 4.22 1.66
CA GLY A 80 -30.27 3.98 0.73
C GLY A 80 -30.93 2.63 0.93
N GLY A 1 19.23 -22.08 0.07
CA GLY A 1 19.96 -22.99 0.93
C GLY A 1 19.59 -22.82 2.39
N SER A 2 20.30 -23.53 3.27
CA SER A 2 20.04 -23.46 4.70
C SER A 2 20.88 -22.38 5.36
N SER A 3 20.22 -21.32 5.82
CA SER A 3 20.91 -20.21 6.47
C SER A 3 21.70 -20.70 7.68
N GLY A 4 23.03 -20.52 7.62
CA GLY A 4 23.87 -20.95 8.71
C GLY A 4 24.47 -19.78 9.47
N SER A 5 23.62 -19.07 10.22
CA SER A 5 24.06 -17.92 11.00
C SER A 5 22.96 -17.45 11.94
N SER A 6 23.24 -17.50 13.24
CA SER A 6 22.27 -17.08 14.24
C SER A 6 22.63 -15.69 14.80
N GLY A 7 21.61 -14.97 15.25
CA GLY A 7 21.83 -13.64 15.80
C GLY A 7 20.83 -12.63 15.29
N GLY A 8 21.33 -11.57 14.65
CA GLY A 8 20.45 -10.55 14.12
C GLY A 8 19.85 -9.68 15.22
N THR A 9 20.71 -8.97 15.94
CA THR A 9 20.26 -8.10 17.02
C THR A 9 20.23 -6.64 16.58
N GLY A 10 19.12 -5.97 16.84
CA GLY A 10 18.98 -4.57 16.46
C GLY A 10 17.78 -4.33 15.57
N GLY A 11 17.95 -3.46 14.57
CA GLY A 11 16.87 -3.15 13.66
C GLY A 11 16.98 -3.88 12.34
N GLU A 12 17.45 -3.18 11.32
CA GLU A 12 17.61 -3.77 9.99
C GLU A 12 18.45 -2.87 9.09
N GLU A 13 19.13 -3.49 8.13
CA GLU A 13 19.99 -2.75 7.21
C GLU A 13 19.14 -2.03 6.16
N PRO A 14 19.60 -0.83 5.77
CA PRO A 14 18.90 -0.01 4.76
C PRO A 14 19.00 -0.61 3.36
N GLN A 15 17.85 -0.68 2.69
CA GLN A 15 17.80 -1.24 1.34
C GLN A 15 16.54 -0.78 0.61
N ARG A 16 16.71 -0.33 -0.63
CA ARG A 16 15.59 0.14 -1.43
C ARG A 16 14.86 -1.02 -2.08
N ASP A 17 13.63 -0.77 -2.51
CA ASP A 17 12.82 -1.80 -3.16
C ASP A 17 12.99 -1.76 -4.67
N LYS A 18 13.85 -2.64 -5.19
CA LYS A 18 14.10 -2.69 -6.62
C LYS A 18 13.00 -3.48 -7.34
N ARG A 19 12.67 -4.64 -6.80
CA ARG A 19 11.64 -5.49 -7.40
C ARG A 19 10.24 -4.99 -7.01
N LEU A 20 9.37 -4.87 -7.99
CA LEU A 20 8.01 -4.41 -7.76
C LEU A 20 7.00 -5.26 -8.53
N ARG A 21 5.73 -5.14 -8.17
CA ARG A 21 4.67 -5.89 -8.82
C ARG A 21 3.39 -5.06 -8.91
N THR A 22 2.46 -5.51 -9.75
CA THR A 22 1.19 -4.81 -9.93
C THR A 22 0.17 -5.26 -8.89
N THR A 23 -0.10 -6.56 -8.84
CA THR A 23 -1.06 -7.11 -7.90
C THR A 23 -0.70 -6.71 -6.46
N ILE A 24 -1.58 -7.08 -5.52
CA ILE A 24 -1.36 -6.76 -4.12
C ILE A 24 -1.29 -8.01 -3.27
N THR A 25 -0.62 -7.92 -2.12
CA THR A 25 -0.49 -9.06 -1.22
C THR A 25 -1.36 -8.88 0.01
N PRO A 26 -1.77 -10.01 0.62
CA PRO A 26 -2.60 -10.00 1.82
C PRO A 26 -1.86 -9.49 3.05
N GLU A 27 -0.55 -9.37 2.93
CA GLU A 27 0.28 -8.88 4.03
C GLU A 27 0.55 -7.39 3.90
N GLN A 28 0.43 -6.88 2.67
CA GLN A 28 0.67 -5.47 2.41
C GLN A 28 -0.58 -4.64 2.69
N LEU A 29 -1.73 -5.16 2.26
CA LEU A 29 -3.00 -4.47 2.47
C LEU A 29 -3.12 -3.98 3.91
N GLU A 30 -2.99 -4.90 4.86
CA GLU A 30 -3.09 -4.57 6.27
C GLU A 30 -2.52 -3.17 6.54
N ILE A 31 -1.27 -2.96 6.15
CA ILE A 31 -0.61 -1.68 6.35
C ILE A 31 -1.41 -0.55 5.71
N LEU A 32 -1.87 -0.79 4.48
CA LEU A 32 -2.65 0.22 3.76
C LEU A 32 -3.95 0.53 4.50
N TYR A 33 -4.67 -0.51 4.89
CA TYR A 33 -5.93 -0.33 5.61
C TYR A 33 -5.72 0.46 6.90
N GLN A 34 -4.73 0.04 7.69
CA GLN A 34 -4.42 0.70 8.94
C GLN A 34 -4.15 2.19 8.73
N LYS A 35 -3.49 2.51 7.63
CA LYS A 35 -3.17 3.89 7.30
C LYS A 35 -4.41 4.64 6.84
N TYR A 36 -5.33 3.92 6.20
CA TYR A 36 -6.57 4.52 5.70
C TYR A 36 -7.52 4.82 6.86
N LEU A 37 -7.76 3.82 7.69
CA LEU A 37 -8.65 3.98 8.83
C LEU A 37 -8.30 5.23 9.64
N LEU A 38 -7.00 5.48 9.77
CA LEU A 38 -6.52 6.65 10.51
C LEU A 38 -6.41 7.87 9.60
N ASP A 39 -6.06 7.63 8.35
CA ASP A 39 -5.92 8.71 7.37
C ASP A 39 -6.23 8.21 5.96
N SER A 40 -7.41 8.59 5.46
CA SER A 40 -7.84 8.18 4.13
C SER A 40 -7.77 9.35 3.15
N ASN A 41 -7.25 10.48 3.63
CA ASN A 41 -7.13 11.67 2.80
C ASN A 41 -5.70 12.20 2.82
N PRO A 42 -4.72 11.28 2.63
CA PRO A 42 -3.30 11.63 2.62
C PRO A 42 -2.91 12.42 1.38
N THR A 43 -1.76 13.08 1.44
CA THR A 43 -1.27 13.89 0.32
C THR A 43 -0.22 13.13 -0.48
N ARG A 44 -0.05 13.53 -1.73
CA ARG A 44 0.92 12.88 -2.61
C ARG A 44 2.19 12.50 -1.84
N LYS A 45 2.63 13.40 -0.97
CA LYS A 45 3.83 13.16 -0.17
C LYS A 45 3.70 11.85 0.60
N MET A 46 2.61 11.71 1.36
CA MET A 46 2.38 10.50 2.14
C MET A 46 2.32 9.28 1.24
N LEU A 47 1.40 9.29 0.29
CA LEU A 47 1.23 8.17 -0.63
C LEU A 47 2.59 7.61 -1.06
N ASP A 48 3.59 8.49 -1.12
CA ASP A 48 4.93 8.08 -1.51
C ASP A 48 5.61 7.30 -0.39
N HIS A 49 5.55 7.84 0.82
CA HIS A 49 6.16 7.19 1.98
C HIS A 49 5.51 5.83 2.25
N ILE A 50 4.19 5.84 2.45
CA ILE A 50 3.45 4.62 2.71
C ILE A 50 3.79 3.54 1.68
N ALA A 51 3.71 3.91 0.41
CA ALA A 51 4.02 2.98 -0.68
C ALA A 51 5.47 2.54 -0.64
N HIS A 52 6.31 3.36 -0.01
CA HIS A 52 7.74 3.05 0.09
C HIS A 52 7.99 2.03 1.20
N GLU A 53 7.23 2.14 2.29
CA GLU A 53 7.38 1.23 3.41
C GLU A 53 6.70 -0.10 3.12
N VAL A 54 5.54 -0.05 2.46
CA VAL A 54 4.80 -1.25 2.13
C VAL A 54 5.46 -2.02 0.99
N GLY A 55 6.23 -1.30 0.17
CA GLY A 55 6.91 -1.92 -0.94
C GLY A 55 5.97 -2.26 -2.08
N LEU A 56 5.02 -1.38 -2.36
CA LEU A 56 4.05 -1.59 -3.43
C LEU A 56 4.02 -0.41 -4.38
N LYS A 57 3.92 -0.69 -5.67
CA LYS A 57 3.87 0.35 -6.69
C LYS A 57 3.14 1.58 -6.18
N LYS A 58 3.87 2.67 -5.98
CA LYS A 58 3.28 3.91 -5.49
C LYS A 58 1.90 4.13 -6.10
N ARG A 59 1.81 4.02 -7.42
CA ARG A 59 0.55 4.21 -8.12
C ARG A 59 -0.55 3.33 -7.51
N VAL A 60 -0.28 2.04 -7.41
CA VAL A 60 -1.23 1.10 -6.84
C VAL A 60 -1.70 1.55 -5.46
N VAL A 61 -0.77 2.07 -4.67
CA VAL A 61 -1.08 2.54 -3.33
C VAL A 61 -1.90 3.83 -3.38
N GLN A 62 -1.58 4.68 -4.34
CA GLN A 62 -2.28 5.95 -4.50
C GLN A 62 -3.72 5.73 -4.96
N VAL A 63 -3.89 4.88 -5.96
CA VAL A 63 -5.22 4.58 -6.50
C VAL A 63 -6.04 3.78 -5.48
N TRP A 64 -5.42 2.76 -4.90
CA TRP A 64 -6.10 1.93 -3.92
C TRP A 64 -6.94 2.77 -2.96
N PHE A 65 -6.38 3.89 -2.52
CA PHE A 65 -7.09 4.78 -1.60
C PHE A 65 -8.31 5.39 -2.27
N GLN A 66 -8.17 5.78 -3.53
CA GLN A 66 -9.27 6.37 -4.28
C GLN A 66 -10.45 5.41 -4.37
N ASN A 67 -10.14 4.14 -4.63
CA ASN A 67 -11.18 3.12 -4.75
C ASN A 67 -11.91 2.93 -3.41
N THR A 68 -11.13 2.83 -2.34
CA THR A 68 -11.70 2.64 -1.00
C THR A 68 -12.65 3.79 -0.64
N ARG A 69 -12.17 5.01 -0.80
CA ARG A 69 -12.97 6.19 -0.49
C ARG A 69 -14.23 6.23 -1.35
N ALA A 70 -14.05 6.16 -2.67
CA ALA A 70 -15.17 6.19 -3.59
C ALA A 70 -16.26 5.21 -3.17
N ARG A 71 -15.85 4.01 -2.75
CA ARG A 71 -16.79 2.99 -2.32
C ARG A 71 -17.40 3.34 -0.96
N GLU A 72 -16.54 3.70 -0.01
CA GLU A 72 -16.99 4.07 1.33
C GLU A 72 -18.04 5.17 1.27
N ARG A 73 -17.81 6.15 0.38
CA ARG A 73 -18.73 7.27 0.23
C ARG A 73 -20.05 6.79 -0.40
N LYS A 74 -19.96 5.81 -1.27
CA LYS A 74 -21.14 5.27 -1.94
C LYS A 74 -22.11 4.65 -0.93
N SER A 75 -23.18 5.37 -0.60
CA SER A 75 -24.17 4.89 0.35
C SER A 75 -24.70 3.53 -0.07
N GLY A 76 -24.89 2.65 0.91
CA GLY A 76 -25.40 1.32 0.63
C GLY A 76 -24.85 0.27 1.58
N PRO A 77 -25.68 -0.73 1.90
CA PRO A 77 -25.29 -1.82 2.81
C PRO A 77 -24.24 -2.74 2.20
N SER A 78 -23.18 -3.00 2.95
CA SER A 78 -22.10 -3.86 2.49
C SER A 78 -22.22 -5.26 3.09
N SER A 79 -22.51 -6.24 2.23
CA SER A 79 -22.66 -7.63 2.67
C SER A 79 -21.32 -8.32 2.76
N GLY A 80 -21.13 -9.10 3.82
CA GLY A 80 -19.86 -9.80 4.02
C GLY A 80 -19.26 -9.55 5.38
N GLY A 1 41.06 -24.15 -4.47
CA GLY A 1 39.73 -23.58 -4.45
C GLY A 1 39.16 -23.39 -5.85
N SER A 2 38.76 -22.16 -6.15
CA SER A 2 38.20 -21.85 -7.46
C SER A 2 38.53 -20.41 -7.86
N SER A 3 38.95 -20.23 -9.12
CA SER A 3 39.29 -18.91 -9.62
C SER A 3 38.40 -18.53 -10.79
N GLY A 4 38.53 -17.29 -11.24
CA GLY A 4 37.73 -16.81 -12.37
C GLY A 4 38.18 -15.46 -12.87
N SER A 5 37.35 -14.82 -13.69
CA SER A 5 37.67 -13.52 -14.24
C SER A 5 38.31 -12.62 -13.19
N SER A 6 39.59 -12.35 -13.37
CA SER A 6 40.32 -11.50 -12.43
C SER A 6 39.60 -10.17 -12.22
N GLY A 7 39.24 -9.91 -10.96
CA GLY A 7 38.54 -8.69 -10.63
C GLY A 7 37.05 -8.91 -10.43
N GLY A 8 36.37 -7.90 -9.87
CA GLY A 8 34.96 -8.01 -9.62
C GLY A 8 34.63 -8.54 -8.25
N THR A 9 34.57 -7.65 -7.26
CA THR A 9 34.27 -8.03 -5.89
C THR A 9 33.08 -7.27 -5.35
N GLY A 10 32.09 -7.03 -6.21
CA GLY A 10 30.90 -6.31 -5.80
C GLY A 10 30.57 -5.16 -6.73
N GLY A 11 31.58 -4.39 -7.10
CA GLY A 11 31.37 -3.26 -7.99
C GLY A 11 30.16 -2.44 -7.59
N GLU A 12 29.75 -1.54 -8.49
CA GLU A 12 28.59 -0.68 -8.23
C GLU A 12 27.45 -1.00 -9.18
N GLU A 13 26.22 -0.83 -8.71
CA GLU A 13 25.05 -1.09 -9.53
C GLU A 13 23.94 -0.07 -9.24
N PRO A 14 23.09 0.18 -10.25
CA PRO A 14 21.98 1.13 -10.14
C PRO A 14 20.89 0.62 -9.21
N GLN A 15 20.80 1.19 -8.02
CA GLN A 15 19.81 0.80 -7.04
C GLN A 15 18.54 1.64 -7.18
N ARG A 16 17.56 1.12 -7.91
CA ARG A 16 16.31 1.83 -8.13
C ARG A 16 15.23 0.88 -8.65
N ASP A 17 14.12 0.79 -7.92
CA ASP A 17 13.03 -0.08 -8.30
C ASP A 17 11.91 0.73 -8.98
N LYS A 18 11.76 0.52 -10.29
CA LYS A 18 10.74 1.22 -11.06
C LYS A 18 9.54 0.31 -11.33
N ARG A 19 9.82 -0.94 -11.70
CA ARG A 19 8.77 -1.91 -11.98
C ARG A 19 8.78 -3.04 -10.97
N LEU A 20 7.66 -3.21 -10.27
CA LEU A 20 7.54 -4.27 -9.26
C LEU A 20 6.43 -5.24 -9.62
N ARG A 21 5.20 -4.74 -9.66
CA ARG A 21 4.05 -5.57 -9.99
C ARG A 21 2.78 -4.73 -10.10
N THR A 22 1.71 -5.34 -10.60
CA THR A 22 0.44 -4.64 -10.75
C THR A 22 -0.64 -5.29 -9.90
N THR A 23 -0.25 -5.80 -8.73
CA THR A 23 -1.19 -6.45 -7.83
C THR A 23 -0.86 -6.14 -6.38
N ILE A 24 -1.68 -6.64 -5.47
CA ILE A 24 -1.46 -6.43 -4.03
C ILE A 24 -1.42 -7.75 -3.28
N THR A 25 -0.72 -7.76 -2.15
CA THR A 25 -0.61 -8.96 -1.33
C THR A 25 -1.40 -8.81 -0.03
N PRO A 26 -1.80 -9.96 0.55
CA PRO A 26 -2.56 -9.98 1.80
C PRO A 26 -1.73 -9.54 3.00
N GLU A 27 -0.42 -9.45 2.80
CA GLU A 27 0.48 -9.04 3.87
C GLU A 27 0.79 -7.54 3.78
N GLN A 28 0.47 -6.95 2.63
CA GLN A 28 0.72 -5.53 2.42
C GLN A 28 -0.54 -4.71 2.70
N LEU A 29 -1.69 -5.22 2.24
CA LEU A 29 -2.96 -4.54 2.44
C LEU A 29 -3.10 -4.06 3.89
N GLU A 30 -3.01 -4.99 4.83
CA GLU A 30 -3.12 -4.66 6.24
C GLU A 30 -2.53 -3.28 6.53
N ILE A 31 -1.27 -3.09 6.15
CA ILE A 31 -0.59 -1.83 6.36
C ILE A 31 -1.34 -0.68 5.68
N LEU A 32 -1.82 -0.93 4.47
CA LEU A 32 -2.55 0.08 3.72
C LEU A 32 -3.86 0.44 4.42
N TYR A 33 -4.60 -0.57 4.84
CA TYR A 33 -5.87 -0.35 5.53
C TYR A 33 -5.67 0.45 6.80
N GLN A 34 -4.67 0.05 7.60
CA GLN A 34 -4.37 0.74 8.85
C GLN A 34 -4.06 2.21 8.61
N LYS A 35 -3.32 2.48 7.54
CA LYS A 35 -2.94 3.85 7.20
C LYS A 35 -4.14 4.62 6.66
N TYR A 36 -5.06 3.91 6.02
CA TYR A 36 -6.26 4.52 5.46
C TYR A 36 -7.23 4.93 6.56
N LEU A 37 -7.54 4.00 7.45
CA LEU A 37 -8.45 4.25 8.55
C LEU A 37 -8.08 5.55 9.27
N LEU A 38 -6.78 5.77 9.44
CA LEU A 38 -6.29 6.97 10.11
C LEU A 38 -6.19 8.14 9.13
N ASP A 39 -5.80 7.83 7.90
CA ASP A 39 -5.67 8.85 6.86
C ASP A 39 -6.30 8.39 5.56
N SER A 40 -7.50 8.91 5.27
CA SER A 40 -8.21 8.55 4.05
C SER A 40 -8.10 9.66 3.01
N ASN A 41 -7.53 10.79 3.42
CA ASN A 41 -7.37 11.92 2.52
C ASN A 41 -5.94 12.45 2.55
N PRO A 42 -4.97 11.52 2.44
CA PRO A 42 -3.55 11.85 2.46
C PRO A 42 -3.11 12.59 1.19
N THR A 43 -1.92 13.17 1.23
CA THR A 43 -1.39 13.91 0.09
C THR A 43 -0.32 13.09 -0.63
N ARG A 44 -0.07 13.45 -1.89
CA ARG A 44 0.93 12.76 -2.69
C ARG A 44 2.15 12.39 -1.84
N LYS A 45 2.60 13.33 -1.03
CA LYS A 45 3.75 13.10 -0.16
C LYS A 45 3.57 11.84 0.67
N MET A 46 2.41 11.73 1.32
CA MET A 46 2.12 10.57 2.15
C MET A 46 2.02 9.31 1.31
N LEU A 47 1.15 9.34 0.30
CA LEU A 47 0.96 8.19 -0.58
C LEU A 47 2.30 7.61 -1.02
N ASP A 48 3.31 8.48 -1.10
CA ASP A 48 4.64 8.06 -1.51
C ASP A 48 5.33 7.29 -0.39
N HIS A 49 5.27 7.82 0.83
CA HIS A 49 5.89 7.19 1.98
C HIS A 49 5.27 5.82 2.24
N ILE A 50 3.96 5.80 2.48
CA ILE A 50 3.24 4.56 2.75
C ILE A 50 3.62 3.49 1.75
N ALA A 51 3.59 3.84 0.46
CA ALA A 51 3.94 2.91 -0.60
C ALA A 51 5.40 2.46 -0.49
N HIS A 52 6.21 3.27 0.17
CA HIS A 52 7.63 2.96 0.35
C HIS A 52 7.81 1.96 1.49
N GLU A 53 7.05 2.14 2.55
CA GLU A 53 7.14 1.25 3.71
C GLU A 53 6.47 -0.09 3.43
N VAL A 54 5.39 -0.06 2.67
CA VAL A 54 4.66 -1.27 2.32
C VAL A 54 5.37 -2.03 1.20
N GLY A 55 6.11 -1.30 0.38
CA GLY A 55 6.83 -1.93 -0.72
C GLY A 55 5.92 -2.27 -1.89
N LEU A 56 4.98 -1.37 -2.17
CA LEU A 56 4.04 -1.58 -3.28
C LEU A 56 4.06 -0.38 -4.24
N LYS A 57 3.88 -0.66 -5.52
CA LYS A 57 3.88 0.38 -6.54
C LYS A 57 3.14 1.62 -6.03
N LYS A 58 3.87 2.73 -5.93
CA LYS A 58 3.30 3.99 -5.47
C LYS A 58 1.93 4.22 -6.10
N ARG A 59 1.84 4.02 -7.40
CA ARG A 59 0.59 4.21 -8.12
C ARG A 59 -0.52 3.36 -7.52
N VAL A 60 -0.29 2.05 -7.47
CA VAL A 60 -1.28 1.12 -6.91
C VAL A 60 -1.72 1.56 -5.53
N VAL A 61 -0.78 2.07 -4.74
CA VAL A 61 -1.08 2.53 -3.38
C VAL A 61 -1.85 3.84 -3.42
N GLN A 62 -1.54 4.69 -4.39
CA GLN A 62 -2.20 5.98 -4.53
C GLN A 62 -3.65 5.80 -4.97
N VAL A 63 -3.87 4.94 -5.95
CA VAL A 63 -5.21 4.68 -6.46
C VAL A 63 -6.02 3.84 -5.47
N TRP A 64 -5.39 2.81 -4.92
CA TRP A 64 -6.05 1.93 -3.96
C TRP A 64 -6.83 2.73 -2.94
N PHE A 65 -6.27 3.85 -2.51
CA PHE A 65 -6.92 4.72 -1.53
C PHE A 65 -8.19 5.34 -2.10
N GLN A 66 -8.10 5.79 -3.36
CA GLN A 66 -9.25 6.40 -4.03
C GLN A 66 -10.41 5.43 -4.11
N ASN A 67 -10.11 4.18 -4.50
CA ASN A 67 -11.14 3.16 -4.62
C ASN A 67 -11.87 2.95 -3.30
N THR A 68 -11.11 2.93 -2.21
CA THR A 68 -11.68 2.73 -0.89
C THR A 68 -12.61 3.88 -0.52
N ARG A 69 -12.11 5.10 -0.62
CA ARG A 69 -12.91 6.28 -0.30
C ARG A 69 -14.20 6.31 -1.11
N ALA A 70 -14.08 6.12 -2.42
CA ALA A 70 -15.23 6.12 -3.31
C ALA A 70 -16.20 4.99 -2.95
N ARG A 71 -15.65 3.80 -2.70
CA ARG A 71 -16.47 2.65 -2.35
C ARG A 71 -17.24 2.90 -1.06
N GLU A 72 -16.54 3.36 -0.04
CA GLU A 72 -17.17 3.64 1.26
C GLU A 72 -18.46 4.43 1.06
N ARG A 73 -18.45 5.35 0.10
CA ARG A 73 -19.63 6.16 -0.18
C ARG A 73 -20.75 5.32 -0.78
N LYS A 74 -20.39 4.45 -1.70
CA LYS A 74 -21.37 3.58 -2.36
C LYS A 74 -22.18 2.80 -1.33
N SER A 75 -21.49 2.24 -0.33
CA SER A 75 -22.13 1.47 0.71
C SER A 75 -21.50 1.75 2.07
N GLY A 76 -22.34 2.15 3.03
CA GLY A 76 -21.85 2.45 4.36
C GLY A 76 -22.87 2.15 5.43
N PRO A 77 -22.50 2.39 6.70
CA PRO A 77 -23.37 2.14 7.85
C PRO A 77 -24.54 3.12 7.91
N SER A 78 -25.75 2.60 7.78
CA SER A 78 -26.95 3.44 7.81
C SER A 78 -27.20 3.96 9.22
N SER A 79 -27.59 5.24 9.31
CA SER A 79 -27.86 5.86 10.60
C SER A 79 -29.26 6.47 10.62
N GLY A 80 -29.76 6.75 11.82
CA GLY A 80 -31.08 7.34 11.96
C GLY A 80 -32.06 6.41 12.66
N GLY A 1 35.07 7.27 30.27
CA GLY A 1 35.49 7.52 28.91
C GLY A 1 35.12 6.40 27.96
N SER A 2 33.82 6.13 27.85
CA SER A 2 33.33 5.07 26.98
C SER A 2 32.79 5.65 25.67
N SER A 3 32.37 4.77 24.77
CA SER A 3 31.84 5.19 23.48
C SER A 3 30.38 4.74 23.33
N GLY A 4 30.14 3.45 23.54
CA GLY A 4 28.80 2.92 23.42
C GLY A 4 28.36 2.75 21.97
N SER A 5 28.32 3.85 21.24
CA SER A 5 27.92 3.83 19.84
C SER A 5 28.59 2.66 19.10
N SER A 6 27.78 1.76 18.57
CA SER A 6 28.28 0.60 17.85
C SER A 6 27.32 0.18 16.75
N GLY A 7 27.88 -0.22 15.60
CA GLY A 7 27.06 -0.64 14.49
C GLY A 7 26.25 -1.90 14.80
N GLY A 8 25.45 -2.33 13.83
CA GLY A 8 24.65 -3.52 14.03
C GLY A 8 24.55 -4.38 12.77
N THR A 9 23.38 -4.37 12.15
CA THR A 9 23.16 -5.15 10.94
C THR A 9 21.82 -4.80 10.29
N GLY A 10 21.86 -4.49 9.00
CA GLY A 10 20.64 -4.14 8.28
C GLY A 10 20.87 -3.98 6.79
N GLY A 11 21.84 -3.14 6.43
CA GLY A 11 22.14 -2.91 5.03
C GLY A 11 21.11 -2.03 4.35
N GLU A 12 21.53 -0.83 3.95
CA GLU A 12 20.64 0.11 3.28
C GLU A 12 19.82 -0.59 2.20
N GLU A 13 18.53 -0.28 2.14
CA GLU A 13 17.64 -0.87 1.15
C GLU A 13 17.76 -0.16 -0.19
N PRO A 14 17.44 -0.87 -1.28
CA PRO A 14 17.51 -0.33 -2.64
C PRO A 14 16.44 0.73 -2.89
N GLN A 15 16.86 1.91 -3.30
CA GLN A 15 15.92 3.00 -3.58
C GLN A 15 15.43 2.95 -5.02
N ARG A 16 16.38 2.92 -5.95
CA ARG A 16 16.05 2.87 -7.37
C ARG A 16 15.31 1.57 -7.71
N ASP A 17 13.99 1.65 -7.79
CA ASP A 17 13.18 0.48 -8.10
C ASP A 17 12.89 0.41 -9.60
N LYS A 18 12.87 -0.80 -10.13
CA LYS A 18 12.60 -1.01 -11.55
C LYS A 18 11.43 -1.95 -11.75
N ARG A 19 11.58 -3.19 -11.27
CA ARG A 19 10.52 -4.19 -11.41
C ARG A 19 9.74 -4.33 -10.11
N LEU A 20 8.45 -4.02 -10.16
CA LEU A 20 7.59 -4.11 -8.98
C LEU A 20 6.23 -4.70 -9.35
N ARG A 21 5.87 -5.81 -8.70
CA ARG A 21 4.60 -6.46 -8.96
C ARG A 21 3.47 -5.44 -9.04
N THR A 22 2.41 -5.79 -9.76
CA THR A 22 1.27 -4.90 -9.92
C THR A 22 0.21 -5.19 -8.86
N THR A 23 -0.28 -6.42 -8.83
CA THR A 23 -1.30 -6.81 -7.85
C THR A 23 -0.86 -6.50 -6.43
N ILE A 24 -1.74 -6.75 -5.48
CA ILE A 24 -1.43 -6.49 -4.07
C ILE A 24 -1.34 -7.80 -3.28
N THR A 25 -0.65 -7.75 -2.15
CA THR A 25 -0.49 -8.92 -1.30
C THR A 25 -1.29 -8.78 -0.01
N PRO A 26 -1.65 -9.92 0.59
CA PRO A 26 -2.42 -9.96 1.84
C PRO A 26 -1.61 -9.48 3.03
N GLU A 27 -0.30 -9.37 2.85
CA GLU A 27 0.60 -8.93 3.91
C GLU A 27 0.89 -7.43 3.78
N GLN A 28 0.53 -6.86 2.65
CA GLN A 28 0.75 -5.43 2.40
C GLN A 28 -0.50 -4.63 2.71
N LEU A 29 -1.65 -5.13 2.26
CA LEU A 29 -2.92 -4.45 2.49
C LEU A 29 -3.03 -3.96 3.93
N GLU A 30 -2.86 -4.87 4.89
CA GLU A 30 -2.94 -4.53 6.30
C GLU A 30 -2.38 -3.14 6.54
N ILE A 31 -1.12 -2.93 6.17
CA ILE A 31 -0.47 -1.64 6.35
C ILE A 31 -1.28 -0.52 5.71
N LEU A 32 -1.78 -0.78 4.50
CA LEU A 32 -2.58 0.20 3.78
C LEU A 32 -3.86 0.53 4.53
N TYR A 33 -4.57 -0.51 4.95
CA TYR A 33 -5.82 -0.33 5.68
C TYR A 33 -5.59 0.46 6.97
N GLN A 34 -4.55 0.10 7.70
CA GLN A 34 -4.22 0.77 8.94
C GLN A 34 -3.99 2.26 8.72
N LYS A 35 -3.36 2.59 7.60
CA LYS A 35 -3.08 3.98 7.26
C LYS A 35 -4.34 4.69 6.78
N TYR A 36 -5.24 3.93 6.17
CA TYR A 36 -6.49 4.48 5.66
C TYR A 36 -7.46 4.79 6.80
N LEU A 37 -7.67 3.79 7.66
CA LEU A 37 -8.58 3.94 8.79
C LEU A 37 -8.24 5.20 9.60
N LEU A 38 -6.95 5.45 9.77
CA LEU A 38 -6.50 6.62 10.51
C LEU A 38 -6.43 7.85 9.60
N ASP A 39 -6.12 7.62 8.33
CA ASP A 39 -6.02 8.69 7.36
C ASP A 39 -6.39 8.21 5.95
N SER A 40 -7.57 8.58 5.49
CA SER A 40 -8.05 8.16 4.18
C SER A 40 -7.98 9.33 3.19
N ASN A 41 -7.44 10.46 3.65
CA ASN A 41 -7.33 11.65 2.81
C ASN A 41 -5.90 12.18 2.84
N PRO A 42 -4.93 11.28 2.62
CA PRO A 42 -3.50 11.63 2.60
C PRO A 42 -3.13 12.46 1.38
N THR A 43 -1.87 12.89 1.32
CA THR A 43 -1.38 13.69 0.20
C THR A 43 -0.28 12.97 -0.56
N ARG A 44 -0.09 13.36 -1.82
CA ARG A 44 0.94 12.74 -2.65
C ARG A 44 2.16 12.35 -1.82
N LYS A 45 2.60 13.26 -0.96
CA LYS A 45 3.75 13.01 -0.11
C LYS A 45 3.58 11.71 0.67
N MET A 46 2.47 11.60 1.38
CA MET A 46 2.18 10.39 2.17
C MET A 46 2.13 9.16 1.27
N LEU A 47 1.25 9.20 0.28
CA LEU A 47 1.09 8.08 -0.64
C LEU A 47 2.45 7.51 -1.03
N ASP A 48 3.42 8.40 -1.26
CA ASP A 48 4.76 7.98 -1.65
C ASP A 48 5.44 7.21 -0.52
N HIS A 49 5.38 7.77 0.69
CA HIS A 49 5.98 7.14 1.85
C HIS A 49 5.33 5.79 2.14
N ILE A 50 4.02 5.81 2.37
CA ILE A 50 3.27 4.59 2.66
C ILE A 50 3.62 3.49 1.66
N ALA A 51 3.60 3.83 0.38
CA ALA A 51 3.92 2.86 -0.67
C ALA A 51 5.37 2.40 -0.57
N HIS A 52 6.20 3.21 0.08
CA HIS A 52 7.61 2.89 0.24
C HIS A 52 7.82 1.91 1.39
N GLU A 53 7.06 2.09 2.45
CA GLU A 53 7.15 1.22 3.62
C GLU A 53 6.48 -0.12 3.35
N VAL A 54 5.39 -0.09 2.60
CA VAL A 54 4.64 -1.30 2.28
C VAL A 54 5.35 -2.10 1.18
N GLY A 55 6.13 -1.40 0.37
CA GLY A 55 6.85 -2.07 -0.71
C GLY A 55 5.97 -2.36 -1.91
N LEU A 56 5.04 -1.46 -2.19
CA LEU A 56 4.12 -1.62 -3.31
C LEU A 56 4.13 -0.38 -4.20
N LYS A 57 4.02 -0.60 -5.51
CA LYS A 57 4.02 0.51 -6.47
C LYS A 57 3.24 1.69 -5.92
N LYS A 58 3.88 2.85 -5.90
CA LYS A 58 3.25 4.07 -5.40
C LYS A 58 1.89 4.28 -6.05
N ARG A 59 1.82 4.05 -7.35
CA ARG A 59 0.58 4.21 -8.10
C ARG A 59 -0.51 3.30 -7.54
N VAL A 60 -0.22 2.01 -7.50
CA VAL A 60 -1.18 1.03 -6.99
C VAL A 60 -1.67 1.41 -5.59
N VAL A 61 -0.77 1.98 -4.79
CA VAL A 61 -1.12 2.39 -3.43
C VAL A 61 -1.93 3.68 -3.44
N GLN A 62 -1.56 4.60 -4.33
CA GLN A 62 -2.26 5.87 -4.44
C GLN A 62 -3.71 5.66 -4.87
N VAL A 63 -3.91 4.81 -5.86
CA VAL A 63 -5.25 4.51 -6.37
C VAL A 63 -6.06 3.71 -5.35
N TRP A 64 -5.41 2.73 -4.74
CA TRP A 64 -6.06 1.88 -3.75
C TRP A 64 -6.85 2.72 -2.76
N PHE A 65 -6.42 3.97 -2.57
CA PHE A 65 -7.09 4.87 -1.64
C PHE A 65 -8.33 5.50 -2.29
N GLN A 66 -8.14 6.06 -3.48
CA GLN A 66 -9.23 6.70 -4.20
C GLN A 66 -10.36 5.69 -4.47
N ASN A 67 -9.99 4.42 -4.60
CA ASN A 67 -10.98 3.37 -4.86
C ASN A 67 -11.82 3.10 -3.63
N THR A 68 -11.18 3.11 -2.46
CA THR A 68 -11.88 2.88 -1.21
C THR A 68 -12.84 4.01 -0.88
N ARG A 69 -12.33 5.23 -0.88
CA ARG A 69 -13.15 6.40 -0.59
C ARG A 69 -14.47 6.36 -1.36
N ALA A 70 -14.39 6.05 -2.65
CA ALA A 70 -15.56 5.97 -3.49
C ALA A 70 -16.57 4.95 -2.95
N ARG A 71 -16.04 3.85 -2.40
CA ARG A 71 -16.89 2.80 -1.84
C ARG A 71 -17.55 3.27 -0.55
N GLU A 72 -16.74 3.78 0.38
CA GLU A 72 -17.25 4.26 1.65
C GLU A 72 -18.33 5.31 1.45
N ARG A 73 -18.06 6.24 0.54
CA ARG A 73 -19.01 7.31 0.25
C ARG A 73 -20.26 6.77 -0.43
N LYS A 74 -20.07 5.83 -1.35
CA LYS A 74 -21.18 5.22 -2.06
C LYS A 74 -22.34 4.91 -1.12
N SER A 75 -23.54 4.83 -1.68
CA SER A 75 -24.73 4.53 -0.89
C SER A 75 -24.82 3.04 -0.57
N GLY A 76 -25.86 2.67 0.18
CA GLY A 76 -26.04 1.27 0.54
C GLY A 76 -27.51 0.91 0.71
N PRO A 77 -27.90 -0.25 0.15
CA PRO A 77 -29.27 -0.73 0.22
C PRO A 77 -29.66 -1.16 1.63
N SER A 78 -28.75 -1.00 2.57
CA SER A 78 -29.00 -1.38 3.96
C SER A 78 -30.45 -1.12 4.33
N SER A 79 -30.93 0.09 4.08
CA SER A 79 -32.29 0.46 4.40
C SER A 79 -32.65 0.07 5.83
N GLY A 80 -31.76 0.41 6.76
CA GLY A 80 -31.99 0.09 8.16
C GLY A 80 -30.80 0.42 9.04
N GLY A 1 39.44 9.61 2.24
CA GLY A 1 39.59 9.80 3.67
C GLY A 1 39.17 8.58 4.47
N SER A 2 38.01 8.04 4.15
CA SER A 2 37.49 6.86 4.85
C SER A 2 38.51 5.73 4.82
N SER A 3 38.75 5.12 5.98
CA SER A 3 39.70 4.02 6.09
C SER A 3 39.05 2.70 5.71
N GLY A 4 39.76 1.92 4.90
CA GLY A 4 39.23 0.63 4.47
C GLY A 4 38.78 0.65 3.02
N SER A 5 39.71 0.91 2.11
CA SER A 5 39.40 0.95 0.68
C SER A 5 39.87 -0.31 -0.01
N SER A 6 39.04 -1.35 0.04
CA SER A 6 39.38 -2.63 -0.58
C SER A 6 38.12 -3.36 -1.02
N GLY A 7 38.28 -4.30 -1.95
CA GLY A 7 37.15 -5.07 -2.44
C GLY A 7 36.77 -6.20 -1.52
N GLY A 8 35.65 -6.05 -0.81
CA GLY A 8 35.20 -7.09 0.11
C GLY A 8 34.01 -6.65 0.93
N THR A 9 34.28 -5.93 2.02
CA THR A 9 33.21 -5.45 2.89
C THR A 9 33.00 -3.95 2.74
N GLY A 10 33.08 -3.47 1.50
CA GLY A 10 32.89 -2.05 1.24
C GLY A 10 32.83 -1.74 -0.25
N GLY A 11 31.65 -1.95 -0.84
CA GLY A 11 31.48 -1.69 -2.26
C GLY A 11 30.09 -2.04 -2.75
N GLU A 12 29.08 -1.54 -2.04
CA GLU A 12 27.68 -1.79 -2.41
C GLU A 12 26.88 -0.50 -2.44
N GLU A 13 25.75 -0.52 -3.15
CA GLU A 13 24.90 0.65 -3.26
C GLU A 13 23.54 0.40 -2.59
N PRO A 14 22.89 1.49 -2.18
CA PRO A 14 21.58 1.41 -1.51
C PRO A 14 20.47 0.99 -2.47
N GLN A 15 20.84 0.66 -3.70
CA GLN A 15 19.88 0.24 -4.71
C GLN A 15 19.32 -1.14 -4.37
N ARG A 16 18.14 -1.16 -3.76
CA ARG A 16 17.50 -2.41 -3.38
C ARG A 16 16.63 -2.95 -4.52
N ASP A 17 15.69 -2.12 -4.99
CA ASP A 17 14.81 -2.50 -6.07
C ASP A 17 14.26 -1.28 -6.79
N LYS A 18 13.74 -1.48 -8.00
CA LYS A 18 13.20 -0.38 -8.79
C LYS A 18 11.77 -0.71 -9.25
N ARG A 19 11.59 -1.93 -9.77
CA ARG A 19 10.29 -2.36 -10.24
C ARG A 19 9.49 -3.03 -9.13
N LEU A 20 8.18 -2.87 -9.16
CA LEU A 20 7.30 -3.44 -8.15
C LEU A 20 6.07 -4.08 -8.79
N ARG A 21 5.64 -5.21 -8.23
CA ARG A 21 4.48 -5.92 -8.75
C ARG A 21 3.24 -5.04 -8.68
N THR A 22 2.41 -5.13 -9.73
CA THR A 22 1.19 -4.34 -9.79
C THR A 22 0.14 -4.86 -8.82
N THR A 23 0.12 -6.17 -8.62
CA THR A 23 -0.83 -6.80 -7.71
C THR A 23 -0.52 -6.45 -6.26
N ILE A 24 -1.39 -6.87 -5.35
CA ILE A 24 -1.21 -6.59 -3.93
C ILE A 24 -1.13 -7.89 -3.13
N THR A 25 -0.43 -7.84 -1.99
CA THR A 25 -0.29 -9.00 -1.13
C THR A 25 -1.18 -8.90 0.09
N PRO A 26 -1.53 -10.05 0.67
CA PRO A 26 -2.39 -10.11 1.86
C PRO A 26 -1.68 -9.60 3.11
N GLU A 27 -0.37 -9.45 3.02
CA GLU A 27 0.43 -8.96 4.13
C GLU A 27 0.67 -7.46 4.03
N GLN A 28 0.57 -6.95 2.81
CA GLN A 28 0.78 -5.53 2.57
C GLN A 28 -0.50 -4.73 2.82
N LEU A 29 -1.63 -5.25 2.33
CA LEU A 29 -2.91 -4.59 2.51
C LEU A 29 -3.06 -4.04 3.91
N GLU A 30 -2.89 -4.92 4.90
CA GLU A 30 -3.00 -4.52 6.30
C GLU A 30 -2.50 -3.09 6.51
N ILE A 31 -1.23 -2.86 6.16
CA ILE A 31 -0.63 -1.54 6.30
C ILE A 31 -1.48 -0.47 5.64
N LEU A 32 -1.92 -0.74 4.41
CA LEU A 32 -2.74 0.19 3.66
C LEU A 32 -4.06 0.47 4.39
N TYR A 33 -4.71 -0.60 4.82
CA TYR A 33 -5.98 -0.48 5.54
C TYR A 33 -5.81 0.34 6.82
N GLN A 34 -4.76 0.01 7.58
CA GLN A 34 -4.49 0.71 8.83
C GLN A 34 -4.18 2.19 8.57
N LYS A 35 -3.42 2.45 7.52
CA LYS A 35 -3.05 3.82 7.16
C LYS A 35 -4.25 4.56 6.58
N TYR A 36 -5.14 3.83 5.92
CA TYR A 36 -6.32 4.43 5.33
C TYR A 36 -7.33 4.83 6.40
N LEU A 37 -7.63 3.89 7.29
CA LEU A 37 -8.59 4.14 8.37
C LEU A 37 -8.25 5.44 9.11
N LEU A 38 -6.95 5.68 9.30
CA LEU A 38 -6.49 6.87 9.99
C LEU A 38 -6.38 8.05 9.02
N ASP A 39 -5.98 7.76 7.79
CA ASP A 39 -5.84 8.79 6.78
C ASP A 39 -6.43 8.33 5.45
N SER A 40 -7.60 8.85 5.10
CA SER A 40 -8.27 8.50 3.87
C SER A 40 -8.11 9.59 2.82
N ASN A 41 -7.54 10.71 3.23
CA ASN A 41 -7.33 11.84 2.33
C ASN A 41 -5.88 12.33 2.41
N PRO A 42 -4.93 11.39 2.30
CA PRO A 42 -3.50 11.70 2.35
C PRO A 42 -3.03 12.45 1.11
N THR A 43 -1.82 13.01 1.19
CA THR A 43 -1.25 13.76 0.07
C THR A 43 -0.18 12.95 -0.64
N ARG A 44 0.14 13.33 -1.87
CA ARG A 44 1.15 12.65 -2.65
C ARG A 44 2.32 12.22 -1.78
N LYS A 45 2.77 13.13 -0.92
CA LYS A 45 3.88 12.85 -0.02
C LYS A 45 3.64 11.57 0.77
N MET A 46 2.51 11.50 1.46
CA MET A 46 2.16 10.33 2.25
C MET A 46 2.10 9.08 1.37
N LEU A 47 1.29 9.14 0.33
CA LEU A 47 1.14 8.01 -0.59
C LEU A 47 2.51 7.48 -1.03
N ASP A 48 3.44 8.40 -1.27
CA ASP A 48 4.78 8.04 -1.69
C ASP A 48 5.52 7.28 -0.58
N HIS A 49 5.50 7.84 0.63
CA HIS A 49 6.15 7.23 1.77
C HIS A 49 5.54 5.86 2.08
N ILE A 50 4.25 5.85 2.35
CA ILE A 50 3.55 4.61 2.65
C ILE A 50 3.92 3.51 1.67
N ALA A 51 3.85 3.84 0.38
CA ALA A 51 4.18 2.87 -0.67
C ALA A 51 5.65 2.46 -0.59
N HIS A 52 6.47 3.30 0.06
CA HIS A 52 7.89 3.02 0.20
C HIS A 52 8.14 2.02 1.32
N GLU A 53 7.38 2.17 2.41
CA GLU A 53 7.53 1.29 3.56
C GLU A 53 6.86 -0.06 3.30
N VAL A 54 5.70 -0.03 2.63
CA VAL A 54 4.97 -1.24 2.32
C VAL A 54 5.61 -1.99 1.15
N GLY A 55 6.29 -1.25 0.29
CA GLY A 55 6.95 -1.85 -0.86
C GLY A 55 5.98 -2.18 -1.98
N LEU A 56 5.05 -1.27 -2.22
CA LEU A 56 4.05 -1.47 -3.27
C LEU A 56 4.01 -0.26 -4.22
N LYS A 57 3.83 -0.54 -5.50
CA LYS A 57 3.77 0.51 -6.51
C LYS A 57 2.99 1.73 -5.98
N LYS A 58 3.69 2.84 -5.83
CA LYS A 58 3.07 4.07 -5.34
C LYS A 58 1.70 4.28 -5.99
N ARG A 59 1.63 4.09 -7.30
CA ARG A 59 0.39 4.26 -8.03
C ARG A 59 -0.72 3.41 -7.42
N VAL A 60 -0.48 2.11 -7.31
CA VAL A 60 -1.46 1.19 -6.75
C VAL A 60 -1.86 1.61 -5.34
N VAL A 61 -0.89 2.07 -4.57
CA VAL A 61 -1.13 2.51 -3.19
C VAL A 61 -1.91 3.82 -3.17
N GLN A 62 -1.68 4.65 -4.19
CA GLN A 62 -2.36 5.94 -4.29
C GLN A 62 -3.82 5.76 -4.67
N VAL A 63 -4.06 5.03 -5.75
CA VAL A 63 -5.42 4.77 -6.22
C VAL A 63 -6.20 3.93 -5.22
N TRP A 64 -5.60 2.83 -4.77
CA TRP A 64 -6.23 1.95 -3.81
C TRP A 64 -6.96 2.74 -2.72
N PHE A 65 -6.49 3.96 -2.48
CA PHE A 65 -7.10 4.82 -1.47
C PHE A 65 -8.32 5.54 -2.03
N GLN A 66 -8.17 6.12 -3.22
CA GLN A 66 -9.27 6.84 -3.85
C GLN A 66 -10.41 5.89 -4.20
N ASN A 67 -10.06 4.66 -4.53
CA ASN A 67 -11.06 3.65 -4.89
C ASN A 67 -11.82 3.18 -3.65
N THR A 68 -11.11 3.01 -2.55
CA THR A 68 -11.73 2.57 -1.31
C THR A 68 -12.80 3.54 -0.85
N ARG A 69 -12.48 4.83 -0.85
CA ARG A 69 -13.42 5.87 -0.44
C ARG A 69 -14.70 5.79 -1.26
N ALA A 70 -14.56 5.63 -2.56
CA ALA A 70 -15.71 5.54 -3.46
C ALA A 70 -16.60 4.35 -3.09
N ARG A 71 -15.97 3.21 -2.84
CA ARG A 71 -16.71 2.00 -2.47
C ARG A 71 -17.52 2.22 -1.21
N GLU A 72 -16.87 2.68 -0.15
CA GLU A 72 -17.53 2.93 1.12
C GLU A 72 -18.82 3.70 0.91
N ARG A 73 -18.82 4.58 -0.10
CA ARG A 73 -20.00 5.38 -0.41
C ARG A 73 -21.13 4.52 -0.95
N LYS A 74 -20.78 3.59 -1.83
CA LYS A 74 -21.77 2.69 -2.43
C LYS A 74 -22.82 2.29 -1.40
N SER A 75 -24.09 2.57 -1.71
CA SER A 75 -25.18 2.23 -0.81
C SER A 75 -26.16 1.28 -1.49
N GLY A 76 -26.81 0.44 -0.69
CA GLY A 76 -27.77 -0.52 -1.22
C GLY A 76 -27.53 -1.92 -0.70
N PRO A 77 -28.04 -2.92 -1.46
CA PRO A 77 -27.89 -4.34 -1.09
C PRO A 77 -26.46 -4.82 -1.22
N SER A 78 -26.15 -5.94 -0.56
CA SER A 78 -24.81 -6.51 -0.61
C SER A 78 -24.63 -7.37 -1.85
N SER A 79 -24.35 -6.73 -2.98
CA SER A 79 -24.16 -7.43 -4.24
C SER A 79 -22.88 -8.28 -4.20
N GLY A 80 -23.04 -9.59 -4.03
CA GLY A 80 -21.90 -10.48 -3.99
C GLY A 80 -22.20 -11.76 -3.25
N GLY A 1 29.57 -25.81 -13.22
CA GLY A 1 30.32 -24.65 -12.73
C GLY A 1 30.95 -24.89 -11.37
N SER A 2 31.84 -23.99 -10.97
CA SER A 2 32.52 -24.12 -9.68
C SER A 2 32.97 -22.75 -9.17
N SER A 3 32.30 -22.27 -8.13
CA SER A 3 32.63 -20.97 -7.54
C SER A 3 32.61 -21.03 -6.02
N GLY A 4 33.56 -20.36 -5.38
CA GLY A 4 33.63 -20.35 -3.93
C GLY A 4 32.31 -19.94 -3.30
N SER A 5 31.90 -20.69 -2.28
CA SER A 5 30.65 -20.41 -1.59
C SER A 5 30.81 -19.20 -0.65
N SER A 6 30.45 -18.02 -1.16
CA SER A 6 30.56 -16.80 -0.37
C SER A 6 29.92 -15.62 -1.11
N GLY A 7 29.86 -14.47 -0.44
CA GLY A 7 29.27 -13.30 -1.04
C GLY A 7 29.81 -12.01 -0.46
N GLY A 8 28.96 -11.26 0.23
CA GLY A 8 29.38 -10.01 0.83
C GLY A 8 29.36 -8.86 -0.16
N THR A 9 29.58 -7.65 0.35
CA THR A 9 29.58 -6.47 -0.50
C THR A 9 30.42 -6.68 -1.75
N GLY A 10 30.29 -5.77 -2.71
CA GLY A 10 31.04 -5.88 -3.94
C GLY A 10 30.26 -5.39 -5.15
N GLY A 11 29.03 -5.89 -5.30
CA GLY A 11 28.20 -5.50 -6.42
C GLY A 11 27.29 -4.33 -6.07
N GLU A 12 26.24 -4.16 -6.86
CA GLU A 12 25.29 -3.07 -6.64
C GLU A 12 23.86 -3.60 -6.52
N GLU A 13 22.94 -2.73 -6.15
CA GLU A 13 21.54 -3.12 -6.00
C GLU A 13 21.02 -3.78 -7.27
N PRO A 14 20.16 -4.79 -7.09
CA PRO A 14 19.56 -5.54 -8.21
C PRO A 14 18.57 -4.69 -9.00
N GLN A 15 19.01 -4.17 -10.14
CA GLN A 15 18.16 -3.34 -10.99
C GLN A 15 16.75 -3.92 -11.07
N ARG A 16 16.67 -5.22 -11.34
CA ARG A 16 15.39 -5.91 -11.46
C ARG A 16 14.54 -5.68 -10.21
N ASP A 17 13.23 -5.53 -10.40
CA ASP A 17 12.32 -5.32 -9.28
C ASP A 17 11.20 -6.36 -9.28
N LYS A 18 11.13 -7.14 -8.21
CA LYS A 18 10.12 -8.18 -8.08
C LYS A 18 9.01 -7.74 -7.13
N ARG A 19 9.40 -7.18 -6.00
CA ARG A 19 8.44 -6.73 -5.00
C ARG A 19 7.49 -5.70 -5.59
N LEU A 20 7.93 -5.05 -6.66
CA LEU A 20 7.11 -4.04 -7.34
C LEU A 20 6.19 -4.68 -8.38
N ARG A 21 4.91 -4.70 -8.09
CA ARG A 21 3.93 -5.27 -9.00
C ARG A 21 2.61 -4.50 -8.96
N THR A 22 1.83 -4.61 -10.03
CA THR A 22 0.55 -3.92 -10.12
C THR A 22 -0.47 -4.52 -9.15
N THR A 23 -0.23 -5.77 -8.75
CA THR A 23 -1.13 -6.45 -7.83
C THR A 23 -0.77 -6.13 -6.38
N ILE A 24 -1.58 -6.63 -5.45
CA ILE A 24 -1.33 -6.41 -4.03
C ILE A 24 -1.29 -7.73 -3.26
N THR A 25 -0.63 -7.71 -2.11
CA THR A 25 -0.52 -8.90 -1.27
C THR A 25 -1.38 -8.78 -0.03
N PRO A 26 -1.77 -9.94 0.52
CA PRO A 26 -2.61 -10.00 1.73
C PRO A 26 -1.85 -9.55 2.98
N GLU A 27 -0.53 -9.47 2.87
CA GLU A 27 0.31 -9.05 3.99
C GLU A 27 0.62 -7.55 3.90
N GLN A 28 0.48 -6.99 2.71
CA GLN A 28 0.76 -5.57 2.50
C GLN A 28 -0.49 -4.74 2.76
N LEU A 29 -1.65 -5.28 2.41
CA LEU A 29 -2.91 -4.59 2.61
C LEU A 29 -3.03 -4.05 4.04
N GLU A 30 -2.87 -4.96 5.01
CA GLU A 30 -2.96 -4.58 6.41
C GLU A 30 -2.39 -3.18 6.64
N ILE A 31 -1.17 -2.96 6.18
CA ILE A 31 -0.52 -1.66 6.33
C ILE A 31 -1.34 -0.55 5.67
N LEU A 32 -1.83 -0.83 4.47
CA LEU A 32 -2.64 0.14 3.73
C LEU A 32 -3.93 0.45 4.48
N TYR A 33 -4.65 -0.59 4.88
CA TYR A 33 -5.90 -0.41 5.60
C TYR A 33 -5.69 0.41 6.86
N GLN A 34 -4.64 0.09 7.62
CA GLN A 34 -4.33 0.81 8.85
C GLN A 34 -4.04 2.28 8.56
N LYS A 35 -3.23 2.52 7.54
CA LYS A 35 -2.86 3.89 7.16
C LYS A 35 -4.07 4.64 6.63
N TYR A 36 -5.03 3.90 6.07
CA TYR A 36 -6.23 4.50 5.51
C TYR A 36 -7.21 4.88 6.62
N LEU A 37 -7.50 3.93 7.49
CA LEU A 37 -8.42 4.16 8.60
C LEU A 37 -8.04 5.42 9.38
N LEU A 38 -6.73 5.68 9.47
CA LEU A 38 -6.24 6.85 10.18
C LEU A 38 -6.09 8.03 9.24
N ASP A 39 -5.71 7.75 7.99
CA ASP A 39 -5.54 8.80 6.99
C ASP A 39 -6.18 8.38 5.66
N SER A 40 -7.38 8.89 5.40
CA SER A 40 -8.10 8.57 4.18
C SER A 40 -7.98 9.71 3.17
N ASN A 41 -7.53 10.86 3.65
CA ASN A 41 -7.37 12.03 2.78
C ASN A 41 -5.90 12.44 2.70
N PRO A 42 -5.02 11.45 2.52
CA PRO A 42 -3.57 11.69 2.42
C PRO A 42 -3.19 12.39 1.12
N THR A 43 -2.01 13.01 1.11
CA THR A 43 -1.53 13.72 -0.06
C THR A 43 -0.41 12.94 -0.76
N ARG A 44 -0.15 13.28 -2.02
CA ARG A 44 0.90 12.62 -2.78
C ARG A 44 2.07 12.25 -1.89
N LYS A 45 2.43 13.16 -0.98
CA LYS A 45 3.55 12.92 -0.08
C LYS A 45 3.37 11.62 0.69
N MET A 46 2.26 11.52 1.42
CA MET A 46 1.96 10.32 2.20
C MET A 46 1.91 9.09 1.30
N LEU A 47 1.10 9.15 0.25
CA LEU A 47 0.96 8.05 -0.68
C LEU A 47 2.34 7.56 -1.15
N ASP A 48 3.31 8.46 -1.13
CA ASP A 48 4.67 8.13 -1.56
C ASP A 48 5.39 7.32 -0.49
N HIS A 49 5.32 7.80 0.75
CA HIS A 49 5.96 7.12 1.88
C HIS A 49 5.32 5.76 2.13
N ILE A 50 4.01 5.77 2.36
CA ILE A 50 3.28 4.53 2.61
C ILE A 50 3.63 3.46 1.59
N ALA A 51 3.71 3.85 0.33
CA ALA A 51 4.05 2.92 -0.74
C ALA A 51 5.49 2.44 -0.61
N HIS A 52 6.31 3.23 0.07
CA HIS A 52 7.72 2.87 0.27
C HIS A 52 7.88 1.95 1.48
N GLU A 53 7.02 2.11 2.46
CA GLU A 53 7.07 1.30 3.67
C GLU A 53 6.35 -0.03 3.46
N VAL A 54 5.29 0.00 2.66
CA VAL A 54 4.52 -1.22 2.38
C VAL A 54 5.20 -2.06 1.31
N GLY A 55 6.10 -1.43 0.55
CA GLY A 55 6.79 -2.13 -0.51
C GLY A 55 5.90 -2.44 -1.69
N LEU A 56 5.02 -1.51 -2.02
CA LEU A 56 4.10 -1.68 -3.14
C LEU A 56 4.21 -0.52 -4.12
N LYS A 57 3.72 -0.73 -5.34
CA LYS A 57 3.76 0.31 -6.37
C LYS A 57 3.10 1.59 -5.88
N LYS A 58 3.84 2.69 -5.92
CA LYS A 58 3.33 3.98 -5.48
C LYS A 58 1.96 4.25 -6.09
N ARG A 59 1.86 4.14 -7.40
CA ARG A 59 0.61 4.38 -8.10
C ARG A 59 -0.51 3.50 -7.54
N VAL A 60 -0.24 2.20 -7.46
CA VAL A 60 -1.21 1.25 -6.94
C VAL A 60 -1.70 1.67 -5.55
N VAL A 61 -0.77 2.13 -4.73
CA VAL A 61 -1.10 2.56 -3.38
C VAL A 61 -1.89 3.87 -3.39
N GLN A 62 -1.55 4.75 -4.33
CA GLN A 62 -2.22 6.04 -4.45
C GLN A 62 -3.67 5.85 -4.88
N VAL A 63 -3.89 4.92 -5.80
CA VAL A 63 -5.23 4.64 -6.31
C VAL A 63 -6.01 3.76 -5.34
N TRP A 64 -5.30 2.86 -4.66
CA TRP A 64 -5.92 1.96 -3.70
C TRP A 64 -6.66 2.74 -2.62
N PHE A 65 -6.34 4.03 -2.51
CA PHE A 65 -6.97 4.88 -1.50
C PHE A 65 -8.20 5.58 -2.08
N GLN A 66 -8.07 6.08 -3.31
CA GLN A 66 -9.17 6.77 -3.97
C GLN A 66 -10.31 5.81 -4.28
N ASN A 67 -9.97 4.54 -4.53
CA ASN A 67 -10.96 3.54 -4.83
C ASN A 67 -11.72 3.12 -3.58
N THR A 68 -11.00 2.99 -2.47
CA THR A 68 -11.60 2.59 -1.21
C THR A 68 -12.68 3.59 -0.78
N ARG A 69 -12.34 4.87 -0.82
CA ARG A 69 -13.28 5.92 -0.44
C ARG A 69 -14.57 5.82 -1.24
N ALA A 70 -14.43 5.70 -2.56
CA ALA A 70 -15.59 5.58 -3.44
C ALA A 70 -16.51 4.46 -3.00
N ARG A 71 -15.93 3.29 -2.74
CA ARG A 71 -16.71 2.13 -2.31
C ARG A 71 -17.34 2.38 -0.93
N GLU A 72 -16.58 3.01 -0.04
CA GLU A 72 -17.06 3.30 1.30
C GLU A 72 -18.32 4.18 1.24
N ARG A 73 -18.31 5.15 0.34
CA ARG A 73 -19.45 6.06 0.19
C ARG A 73 -20.60 5.37 -0.55
N LYS A 74 -20.31 4.20 -1.11
CA LYS A 74 -21.32 3.44 -1.85
C LYS A 74 -22.23 2.68 -0.89
N SER A 75 -23.54 2.82 -1.09
CA SER A 75 -24.52 2.14 -0.24
C SER A 75 -24.34 0.63 -0.31
N GLY A 76 -24.45 0.09 -1.52
CA GLY A 76 -24.30 -1.34 -1.71
C GLY A 76 -25.54 -2.11 -1.29
N PRO A 77 -25.69 -3.33 -1.82
CA PRO A 77 -26.83 -4.19 -1.51
C PRO A 77 -26.80 -4.71 -0.08
N SER A 78 -25.59 -5.01 0.41
CA SER A 78 -25.42 -5.52 1.76
C SER A 78 -25.01 -4.40 2.72
N SER A 79 -25.16 -4.65 4.01
CA SER A 79 -24.80 -3.66 5.03
C SER A 79 -23.32 -3.31 4.95
N GLY A 80 -23.03 -2.01 4.95
CA GLY A 80 -21.64 -1.57 4.88
C GLY A 80 -21.51 -0.07 5.07
N GLY A 1 -2.70 -15.83 -15.09
CA GLY A 1 -2.86 -16.32 -13.72
C GLY A 1 -1.86 -15.71 -12.76
N SER A 2 -1.60 -16.41 -11.66
CA SER A 2 -0.65 -15.93 -10.66
C SER A 2 0.71 -16.60 -10.83
N SER A 3 0.68 -17.92 -11.01
CA SER A 3 1.91 -18.68 -11.17
C SER A 3 2.44 -18.56 -12.60
N GLY A 4 3.76 -18.55 -12.73
CA GLY A 4 4.38 -18.43 -14.05
C GLY A 4 5.10 -17.12 -14.24
N SER A 5 6.34 -17.18 -14.70
CA SER A 5 7.14 -15.99 -14.92
C SER A 5 7.96 -16.12 -16.20
N SER A 6 8.05 -15.02 -16.95
CA SER A 6 8.80 -15.01 -18.20
C SER A 6 10.00 -14.07 -18.10
N GLY A 7 9.77 -12.87 -17.60
CA GLY A 7 10.84 -11.91 -17.46
C GLY A 7 12.15 -12.54 -17.04
N GLY A 8 13.26 -12.01 -17.55
CA GLY A 8 14.56 -12.55 -17.21
C GLY A 8 15.45 -11.52 -16.54
N THR A 9 16.29 -11.99 -15.62
CA THR A 9 17.21 -11.10 -14.90
C THR A 9 18.24 -10.49 -15.85
N GLY A 10 18.46 -9.19 -15.71
CA GLY A 10 19.43 -8.51 -16.55
C GLY A 10 20.86 -8.70 -16.08
N GLY A 11 21.57 -7.60 -15.94
CA GLY A 11 22.96 -7.67 -15.49
C GLY A 11 23.49 -6.34 -15.02
N GLU A 12 23.45 -5.34 -15.91
CA GLU A 12 23.94 -4.01 -15.58
C GLU A 12 22.94 -2.94 -16.01
N GLU A 13 22.00 -2.61 -15.12
CA GLU A 13 20.98 -1.61 -15.40
C GLU A 13 20.39 -1.06 -14.12
N PRO A 14 20.00 0.22 -14.14
CA PRO A 14 19.41 0.90 -12.99
C PRO A 14 18.01 0.38 -12.67
N GLN A 15 17.90 -0.40 -11.59
CA GLN A 15 16.62 -0.95 -11.18
C GLN A 15 15.81 0.08 -10.39
N ARG A 16 14.67 0.49 -10.95
CA ARG A 16 13.81 1.46 -10.30
C ARG A 16 12.34 1.06 -10.43
N ASP A 17 11.73 0.72 -9.30
CA ASP A 17 10.32 0.32 -9.29
C ASP A 17 10.09 -0.89 -10.20
N LYS A 18 11.01 -1.85 -10.15
CA LYS A 18 10.91 -3.04 -10.96
C LYS A 18 10.56 -4.26 -10.10
N ARG A 19 11.21 -4.37 -8.95
CA ARG A 19 10.97 -5.48 -8.04
C ARG A 19 9.52 -5.50 -7.57
N LEU A 20 8.87 -4.34 -7.65
CA LEU A 20 7.48 -4.22 -7.22
C LEU A 20 6.56 -5.04 -8.12
N ARG A 21 5.33 -5.24 -7.68
CA ARG A 21 4.35 -6.00 -8.44
C ARG A 21 3.05 -5.23 -8.60
N THR A 22 2.40 -5.40 -9.75
CA THR A 22 1.15 -4.71 -10.03
C THR A 22 0.07 -5.13 -9.05
N THR A 23 -0.02 -6.43 -8.79
CA THR A 23 -1.02 -6.97 -7.87
C THR A 23 -0.68 -6.61 -6.42
N ILE A 24 -1.56 -6.99 -5.50
CA ILE A 24 -1.34 -6.71 -4.08
C ILE A 24 -1.36 -8.00 -3.27
N THR A 25 -0.73 -7.96 -2.09
CA THR A 25 -0.67 -9.12 -1.21
C THR A 25 -1.53 -8.90 0.03
N PRO A 26 -1.98 -10.01 0.63
CA PRO A 26 -2.82 -9.98 1.84
C PRO A 26 -2.05 -9.50 3.06
N GLU A 27 -0.72 -9.45 2.94
CA GLU A 27 0.12 -9.01 4.04
C GLU A 27 0.47 -7.52 3.91
N GLN A 28 0.38 -7.01 2.69
CA GLN A 28 0.68 -5.61 2.42
C GLN A 28 -0.54 -4.73 2.67
N LEU A 29 -1.70 -5.23 2.29
CA LEU A 29 -2.96 -4.48 2.48
C LEU A 29 -3.08 -3.99 3.91
N GLU A 30 -2.96 -4.92 4.86
CA GLU A 30 -3.06 -4.58 6.28
C GLU A 30 -2.47 -3.20 6.55
N ILE A 31 -1.22 -3.00 6.16
CA ILE A 31 -0.55 -1.73 6.35
C ILE A 31 -1.32 -0.59 5.69
N LEU A 32 -1.81 -0.84 4.49
CA LEU A 32 -2.57 0.17 3.75
C LEU A 32 -3.87 0.51 4.48
N TYR A 33 -4.59 -0.51 4.91
CA TYR A 33 -5.84 -0.32 5.63
C TYR A 33 -5.64 0.50 6.90
N GLN A 34 -4.62 0.11 7.67
CA GLN A 34 -4.31 0.82 8.92
C GLN A 34 -3.98 2.28 8.65
N LYS A 35 -3.31 2.53 7.53
CA LYS A 35 -2.94 3.90 7.15
C LYS A 35 -4.13 4.65 6.59
N TYR A 36 -5.10 3.91 6.06
CA TYR A 36 -6.29 4.52 5.48
C TYR A 36 -7.30 4.89 6.57
N LEU A 37 -7.61 3.92 7.42
CA LEU A 37 -8.57 4.14 8.51
C LEU A 37 -8.23 5.43 9.27
N LEU A 38 -6.94 5.67 9.46
CA LEU A 38 -6.48 6.86 10.18
C LEU A 38 -6.32 8.03 9.21
N ASP A 39 -5.86 7.75 8.01
CA ASP A 39 -5.65 8.78 6.99
C ASP A 39 -6.24 8.34 5.65
N SER A 40 -7.43 8.83 5.34
CA SER A 40 -8.10 8.48 4.09
C SER A 40 -8.00 9.64 3.09
N ASN A 41 -7.38 10.73 3.52
CA ASN A 41 -7.23 11.90 2.66
C ASN A 41 -5.78 12.38 2.68
N PRO A 42 -4.83 11.44 2.56
CA PRO A 42 -3.40 11.76 2.56
C PRO A 42 -2.97 12.48 1.29
N THR A 43 -1.86 13.22 1.38
CA THR A 43 -1.34 13.95 0.24
C THR A 43 -0.30 13.13 -0.52
N ARG A 44 -0.03 13.53 -1.76
CA ARG A 44 0.94 12.84 -2.58
C ARG A 44 2.17 12.44 -1.77
N LYS A 45 2.65 13.37 -0.94
CA LYS A 45 3.81 13.12 -0.11
C LYS A 45 3.65 11.83 0.70
N MET A 46 2.54 11.73 1.42
CA MET A 46 2.25 10.56 2.23
C MET A 46 2.19 9.30 1.36
N LEU A 47 1.30 9.31 0.38
CA LEU A 47 1.14 8.18 -0.52
C LEU A 47 2.49 7.66 -0.99
N ASP A 48 3.48 8.54 -1.03
CA ASP A 48 4.82 8.17 -1.46
C ASP A 48 5.53 7.35 -0.38
N HIS A 49 5.47 7.84 0.86
CA HIS A 49 6.11 7.16 1.98
C HIS A 49 5.46 5.79 2.21
N ILE A 50 4.17 5.80 2.45
CA ILE A 50 3.43 4.56 2.70
C ILE A 50 3.77 3.50 1.65
N ALA A 51 3.74 3.91 0.38
CA ALA A 51 4.06 3.00 -0.72
C ALA A 51 5.51 2.55 -0.66
N HIS A 52 6.34 3.31 0.05
CA HIS A 52 7.75 2.99 0.18
C HIS A 52 7.98 2.00 1.32
N GLU A 53 7.16 2.11 2.36
CA GLU A 53 7.28 1.22 3.51
C GLU A 53 6.60 -0.12 3.23
N VAL A 54 5.47 -0.08 2.53
CA VAL A 54 4.74 -1.30 2.19
C VAL A 54 5.44 -2.07 1.07
N GLY A 55 6.22 -1.36 0.28
CA GLY A 55 6.93 -1.99 -0.82
C GLY A 55 6.02 -2.32 -1.99
N LEU A 56 5.07 -1.45 -2.25
CA LEU A 56 4.12 -1.65 -3.35
C LEU A 56 4.14 -0.45 -4.30
N LYS A 57 3.80 -0.71 -5.57
CA LYS A 57 3.77 0.35 -6.57
C LYS A 57 3.06 1.59 -6.04
N LYS A 58 3.76 2.72 -6.06
CA LYS A 58 3.20 3.98 -5.58
C LYS A 58 1.80 4.20 -6.15
N ARG A 59 1.69 4.11 -7.48
CA ARG A 59 0.41 4.30 -8.14
C ARG A 59 -0.67 3.41 -7.53
N VAL A 60 -0.36 2.13 -7.40
CA VAL A 60 -1.30 1.17 -6.83
C VAL A 60 -1.76 1.61 -5.44
N VAL A 61 -0.81 2.12 -4.65
CA VAL A 61 -1.11 2.57 -3.31
C VAL A 61 -1.91 3.87 -3.33
N GLN A 62 -1.60 4.74 -4.29
CA GLN A 62 -2.29 6.01 -4.42
C GLN A 62 -3.73 5.80 -4.86
N VAL A 63 -3.94 4.87 -5.78
CA VAL A 63 -5.28 4.57 -6.28
C VAL A 63 -6.06 3.71 -5.30
N TRP A 64 -5.37 2.76 -4.68
CA TRP A 64 -6.00 1.86 -3.72
C TRP A 64 -6.76 2.65 -2.66
N PHE A 65 -6.39 3.91 -2.48
CA PHE A 65 -7.03 4.78 -1.50
C PHE A 65 -8.28 5.42 -2.10
N GLN A 66 -8.16 5.97 -3.29
CA GLN A 66 -9.27 6.62 -3.96
C GLN A 66 -10.38 5.63 -4.26
N ASN A 67 -10.00 4.38 -4.51
CA ASN A 67 -10.97 3.32 -4.81
C ASN A 67 -11.73 2.91 -3.55
N THR A 68 -11.01 2.80 -2.44
CA THR A 68 -11.60 2.41 -1.17
C THR A 68 -12.64 3.44 -0.71
N ARG A 69 -12.35 4.72 -0.98
CA ARG A 69 -13.26 5.79 -0.60
C ARG A 69 -14.56 5.72 -1.38
N ALA A 70 -14.45 5.36 -2.66
CA ALA A 70 -15.62 5.25 -3.52
C ALA A 70 -16.53 4.12 -3.08
N ARG A 71 -15.93 3.06 -2.53
CA ARG A 71 -16.69 1.91 -2.06
C ARG A 71 -17.08 2.08 -0.59
N GLU A 72 -16.26 2.81 0.16
CA GLU A 72 -16.51 3.05 1.58
C GLU A 72 -17.70 3.99 1.75
N ARG A 73 -17.96 4.80 0.75
CA ARG A 73 -19.07 5.76 0.80
C ARG A 73 -20.40 5.06 0.56
N LYS A 74 -20.37 4.00 -0.25
CA LYS A 74 -21.57 3.23 -0.57
C LYS A 74 -22.22 2.69 0.70
N SER A 75 -23.53 2.87 0.81
CA SER A 75 -24.28 2.40 1.98
C SER A 75 -24.09 0.90 2.17
N GLY A 76 -24.51 0.13 1.16
CA GLY A 76 -24.38 -1.31 1.24
C GLY A 76 -22.99 -1.80 0.90
N PRO A 77 -22.47 -2.74 1.70
CA PRO A 77 -21.14 -3.30 1.50
C PRO A 77 -21.05 -4.18 0.25
N SER A 78 -22.17 -4.29 -0.46
CA SER A 78 -22.22 -5.11 -1.66
C SER A 78 -21.40 -4.49 -2.78
N SER A 79 -20.10 -4.81 -2.79
CA SER A 79 -19.20 -4.28 -3.81
C SER A 79 -19.22 -5.14 -5.07
N GLY A 80 -19.16 -6.46 -4.88
CA GLY A 80 -19.18 -7.37 -6.00
C GLY A 80 -18.28 -6.91 -7.13
N GLY A 1 6.90 -18.78 7.07
CA GLY A 1 8.26 -19.24 6.88
C GLY A 1 8.89 -18.69 5.63
N SER A 2 10.18 -18.97 5.44
CA SER A 2 10.91 -18.49 4.27
C SER A 2 10.99 -19.56 3.19
N SER A 3 11.49 -19.19 2.02
CA SER A 3 11.62 -20.12 0.91
C SER A 3 13.07 -20.23 0.46
N GLY A 4 13.68 -19.10 0.16
CA GLY A 4 15.06 -19.09 -0.29
C GLY A 4 15.32 -18.05 -1.36
N SER A 5 16.60 -17.84 -1.68
CA SER A 5 16.98 -16.86 -2.69
C SER A 5 18.48 -16.92 -2.97
N SER A 6 18.83 -17.09 -4.24
CA SER A 6 20.23 -17.16 -4.64
C SER A 6 20.55 -16.10 -5.69
N GLY A 7 21.84 -15.94 -5.97
CA GLY A 7 22.27 -14.96 -6.96
C GLY A 7 23.70 -15.17 -7.41
N GLY A 8 24.16 -14.33 -8.33
CA GLY A 8 25.52 -14.45 -8.83
C GLY A 8 26.05 -13.14 -9.38
N THR A 9 27.10 -13.22 -10.18
CA THR A 9 27.71 -12.03 -10.77
C THR A 9 27.08 -11.71 -12.12
N GLY A 10 27.08 -12.69 -13.01
CA GLY A 10 26.50 -12.48 -14.33
C GLY A 10 25.14 -13.13 -14.48
N GLY A 11 24.11 -12.47 -13.95
CA GLY A 11 22.76 -13.00 -14.04
C GLY A 11 21.70 -11.92 -13.89
N GLU A 12 21.65 -11.31 -12.71
CA GLU A 12 20.67 -10.26 -12.45
C GLU A 12 20.96 -9.02 -13.30
N GLU A 13 19.92 -8.23 -13.54
CA GLU A 13 20.06 -7.02 -14.35
C GLU A 13 19.73 -5.77 -13.52
N PRO A 14 20.45 -4.67 -13.80
CA PRO A 14 20.25 -3.41 -13.09
C PRO A 14 18.92 -2.75 -13.43
N GLN A 15 18.57 -1.71 -12.69
CA GLN A 15 17.32 -0.99 -12.92
C GLN A 15 16.16 -1.96 -13.11
N ARG A 16 16.12 -2.99 -12.27
CA ARG A 16 15.06 -3.99 -12.35
C ARG A 16 14.27 -4.05 -11.04
N ASP A 17 13.08 -3.46 -11.04
CA ASP A 17 12.24 -3.45 -9.86
C ASP A 17 11.34 -4.69 -9.81
N LYS A 18 11.62 -5.56 -8.86
CA LYS A 18 10.84 -6.79 -8.70
C LYS A 18 9.85 -6.66 -7.55
N ARG A 19 10.34 -6.29 -6.38
CA ARG A 19 9.50 -6.13 -5.20
C ARG A 19 8.23 -5.37 -5.55
N LEU A 20 8.29 -4.58 -6.62
CA LEU A 20 7.14 -3.79 -7.05
C LEU A 20 6.31 -4.56 -8.08
N ARG A 21 5.10 -4.92 -7.70
CA ARG A 21 4.20 -5.65 -8.58
C ARG A 21 2.82 -5.00 -8.63
N THR A 22 2.13 -5.16 -9.75
CA THR A 22 0.80 -4.59 -9.92
C THR A 22 -0.16 -5.10 -8.85
N THR A 23 -0.28 -6.43 -8.76
CA THR A 23 -1.16 -7.05 -7.78
C THR A 23 -0.78 -6.64 -6.37
N ILE A 24 -1.59 -7.07 -5.39
CA ILE A 24 -1.34 -6.76 -4.00
C ILE A 24 -1.29 -8.02 -3.15
N THR A 25 -0.59 -7.95 -2.02
CA THR A 25 -0.47 -9.08 -1.12
C THR A 25 -1.34 -8.91 0.12
N PRO A 26 -1.72 -10.03 0.74
CA PRO A 26 -2.56 -10.01 1.95
C PRO A 26 -1.83 -9.48 3.16
N GLU A 27 -0.51 -9.37 3.05
CA GLU A 27 0.31 -8.86 4.14
C GLU A 27 0.58 -7.37 3.98
N GLN A 28 0.49 -6.89 2.74
CA GLN A 28 0.73 -5.48 2.45
C GLN A 28 -0.53 -4.65 2.69
N LEU A 29 -1.68 -5.21 2.32
CA LEU A 29 -2.95 -4.52 2.49
C LEU A 29 -3.09 -3.99 3.92
N GLU A 30 -2.95 -4.89 4.89
CA GLU A 30 -3.07 -4.51 6.29
C GLU A 30 -2.52 -3.10 6.52
N ILE A 31 -1.28 -2.88 6.11
CA ILE A 31 -0.64 -1.59 6.27
C ILE A 31 -1.46 -0.48 5.61
N LEU A 32 -1.92 -0.74 4.40
CA LEU A 32 -2.72 0.22 3.66
C LEU A 32 -4.03 0.52 4.38
N TYR A 33 -4.70 -0.54 4.84
CA TYR A 33 -5.97 -0.39 5.55
C TYR A 33 -5.76 0.37 6.87
N GLN A 34 -4.75 -0.02 7.62
CA GLN A 34 -4.44 0.62 8.89
C GLN A 34 -4.17 2.10 8.70
N LYS A 35 -3.49 2.44 7.61
CA LYS A 35 -3.15 3.82 7.31
C LYS A 35 -4.39 4.59 6.85
N TYR A 36 -5.30 3.89 6.18
CA TYR A 36 -6.53 4.50 5.69
C TYR A 36 -7.51 4.75 6.84
N LEU A 37 -7.70 3.74 7.68
CA LEU A 37 -8.61 3.87 8.81
C LEU A 37 -8.29 5.10 9.65
N LEU A 38 -7.01 5.34 9.86
CA LEU A 38 -6.56 6.49 10.64
C LEU A 38 -6.43 7.73 9.76
N ASP A 39 -6.02 7.52 8.52
CA ASP A 39 -5.86 8.62 7.57
C ASP A 39 -6.21 8.18 6.16
N SER A 40 -7.38 8.61 5.68
CA SER A 40 -7.84 8.26 4.35
C SER A 40 -7.82 9.47 3.43
N ASN A 41 -7.30 10.59 3.94
CA ASN A 41 -7.22 11.82 3.17
C ASN A 41 -5.79 12.34 3.11
N PRO A 42 -4.84 11.43 2.86
CA PRO A 42 -3.41 11.77 2.78
C PRO A 42 -3.08 12.62 1.55
N THR A 43 -1.80 12.88 1.34
CA THR A 43 -1.35 13.66 0.20
C THR A 43 -0.26 12.94 -0.57
N ARG A 44 -0.02 13.39 -1.80
CA ARG A 44 1.01 12.79 -2.64
C ARG A 44 2.24 12.42 -1.82
N LYS A 45 2.65 13.32 -0.94
CA LYS A 45 3.81 13.09 -0.09
C LYS A 45 3.66 11.81 0.71
N MET A 46 2.53 11.67 1.40
CA MET A 46 2.26 10.49 2.22
C MET A 46 2.18 9.25 1.34
N LEU A 47 1.29 9.28 0.35
CA LEU A 47 1.11 8.15 -0.56
C LEU A 47 2.46 7.59 -0.99
N ASP A 48 3.41 8.48 -1.27
CA ASP A 48 4.74 8.08 -1.69
C ASP A 48 5.48 7.34 -0.57
N HIS A 49 5.43 7.91 0.63
CA HIS A 49 6.09 7.30 1.78
C HIS A 49 5.49 5.94 2.09
N ILE A 50 4.20 5.92 2.40
CA ILE A 50 3.51 4.67 2.71
C ILE A 50 3.85 3.58 1.69
N ALA A 51 3.76 3.93 0.41
CA ALA A 51 4.05 2.98 -0.66
C ALA A 51 5.52 2.55 -0.61
N HIS A 52 6.35 3.35 0.03
CA HIS A 52 7.78 3.05 0.15
C HIS A 52 8.02 2.03 1.26
N GLU A 53 7.28 2.18 2.36
CA GLU A 53 7.42 1.28 3.49
C GLU A 53 6.74 -0.06 3.22
N VAL A 54 5.61 0.00 2.51
CA VAL A 54 4.86 -1.21 2.18
C VAL A 54 5.54 -2.00 1.07
N GLY A 55 6.31 -1.29 0.23
CA GLY A 55 7.00 -1.95 -0.86
C GLY A 55 6.08 -2.30 -2.01
N LEU A 56 5.09 -1.45 -2.26
CA LEU A 56 4.13 -1.68 -3.33
C LEU A 56 4.12 -0.50 -4.31
N LYS A 57 3.92 -0.81 -5.58
CA LYS A 57 3.88 0.23 -6.62
C LYS A 57 3.11 1.46 -6.13
N LYS A 58 3.80 2.59 -6.05
CA LYS A 58 3.18 3.83 -5.59
C LYS A 58 1.79 4.00 -6.21
N ARG A 59 1.72 3.88 -7.53
CA ARG A 59 0.45 4.03 -8.24
C ARG A 59 -0.64 3.19 -7.57
N VAL A 60 -0.36 1.90 -7.40
CA VAL A 60 -1.31 0.99 -6.78
C VAL A 60 -1.75 1.50 -5.41
N VAL A 61 -0.80 2.03 -4.65
CA VAL A 61 -1.08 2.56 -3.32
C VAL A 61 -1.84 3.88 -3.40
N GLN A 62 -1.59 4.64 -4.47
CA GLN A 62 -2.25 5.92 -4.67
C GLN A 62 -3.71 5.73 -5.07
N VAL A 63 -3.95 4.77 -5.97
CA VAL A 63 -5.30 4.50 -6.45
C VAL A 63 -6.08 3.67 -5.41
N TRP A 64 -5.38 2.75 -4.75
CA TRP A 64 -6.01 1.91 -3.75
C TRP A 64 -6.76 2.74 -2.71
N PHE A 65 -6.33 3.99 -2.56
CA PHE A 65 -6.97 4.90 -1.60
C PHE A 65 -8.19 5.57 -2.22
N GLN A 66 -8.02 6.11 -3.42
CA GLN A 66 -9.11 6.79 -4.11
C GLN A 66 -10.26 5.83 -4.37
N ASN A 67 -9.94 4.54 -4.54
CA ASN A 67 -10.95 3.53 -4.79
C ASN A 67 -11.75 3.23 -3.53
N THR A 68 -11.05 2.96 -2.43
CA THR A 68 -11.70 2.66 -1.16
C THR A 68 -12.71 3.75 -0.80
N ARG A 69 -12.29 5.00 -0.86
CA ARG A 69 -13.16 6.12 -0.54
C ARG A 69 -14.47 6.04 -1.33
N ALA A 70 -14.34 5.89 -2.64
CA ALA A 70 -15.50 5.81 -3.52
C ALA A 70 -16.53 4.82 -2.97
N ARG A 71 -16.04 3.69 -2.47
CA ARG A 71 -16.91 2.66 -1.92
C ARG A 71 -17.58 3.15 -0.64
N GLU A 72 -16.77 3.61 0.31
CA GLU A 72 -17.29 4.10 1.58
C GLU A 72 -18.37 5.16 1.36
N ARG A 73 -18.12 6.05 0.41
CA ARG A 73 -19.06 7.12 0.10
C ARG A 73 -20.28 6.57 -0.65
N LYS A 74 -20.02 5.69 -1.61
CA LYS A 74 -21.08 5.08 -2.40
C LYS A 74 -22.31 4.81 -1.53
N SER A 75 -22.09 4.22 -0.37
CA SER A 75 -23.18 3.91 0.55
C SER A 75 -23.35 5.01 1.59
N GLY A 76 -24.59 5.20 2.04
CA GLY A 76 -24.87 6.22 3.03
C GLY A 76 -26.27 6.79 2.89
N PRO A 77 -26.88 7.16 4.03
CA PRO A 77 -28.23 7.72 4.05
C PRO A 77 -28.29 9.12 3.46
N SER A 78 -27.15 9.60 2.97
CA SER A 78 -27.08 10.93 2.37
C SER A 78 -28.33 11.23 1.56
N SER A 79 -28.66 10.35 0.62
CA SER A 79 -29.83 10.53 -0.22
C SER A 79 -31.10 10.54 0.61
N GLY A 80 -31.77 11.70 0.64
CA GLY A 80 -33.00 11.82 1.41
C GLY A 80 -33.94 12.87 0.83
N GLY A 1 -8.05 -10.13 -8.39
CA GLY A 1 -8.66 -10.74 -7.22
C GLY A 1 -8.60 -12.25 -7.26
N SER A 2 -9.32 -12.90 -6.36
CA SER A 2 -9.35 -14.36 -6.30
C SER A 2 -7.95 -14.91 -6.08
N SER A 3 -7.20 -14.29 -5.18
CA SER A 3 -5.83 -14.73 -4.89
C SER A 3 -5.81 -16.21 -4.50
N GLY A 4 -6.77 -16.62 -3.69
CA GLY A 4 -6.84 -18.00 -3.26
C GLY A 4 -6.72 -18.14 -1.76
N SER A 5 -5.68 -18.85 -1.32
CA SER A 5 -5.46 -19.07 0.11
C SER A 5 -5.32 -17.73 0.85
N SER A 6 -6.09 -17.56 1.91
CA SER A 6 -6.05 -16.34 2.70
C SER A 6 -5.80 -16.65 4.17
N GLY A 7 -6.66 -17.51 4.74
CA GLY A 7 -6.51 -17.87 6.13
C GLY A 7 -6.30 -16.67 7.03
N GLY A 8 -5.05 -16.42 7.40
CA GLY A 8 -4.74 -15.29 8.26
C GLY A 8 -3.50 -15.52 9.09
N THR A 9 -2.39 -15.83 8.43
CA THR A 9 -1.14 -16.09 9.12
C THR A 9 -0.10 -15.01 8.79
N GLY A 10 -0.54 -13.77 8.72
CA GLY A 10 0.35 -12.68 8.40
C GLY A 10 1.11 -12.17 9.62
N GLY A 11 2.40 -12.44 9.66
CA GLY A 11 3.22 -12.01 10.78
C GLY A 11 3.63 -10.56 10.68
N GLU A 12 4.94 -10.32 10.64
CA GLU A 12 5.47 -8.96 10.54
C GLU A 12 6.59 -8.88 9.50
N GLU A 13 6.51 -7.87 8.64
CA GLU A 13 7.51 -7.69 7.60
C GLU A 13 8.60 -6.72 8.05
N PRO A 14 9.84 -6.99 7.64
CA PRO A 14 10.99 -6.16 7.99
C PRO A 14 10.96 -4.80 7.31
N GLN A 15 11.57 -3.81 7.94
CA GLN A 15 11.61 -2.45 7.39
C GLN A 15 12.53 -2.39 6.17
N ARG A 16 11.97 -2.68 5.01
CA ARG A 16 12.73 -2.66 3.76
C ARG A 16 11.82 -2.55 2.56
N ASP A 17 12.40 -2.32 1.39
CA ASP A 17 11.63 -2.19 0.16
C ASP A 17 12.10 -3.20 -0.89
N LYS A 18 12.36 -4.44 -0.45
CA LYS A 18 12.81 -5.49 -1.34
C LYS A 18 11.63 -6.20 -1.99
N ARG A 19 10.65 -5.43 -2.43
CA ARG A 19 9.46 -5.98 -3.08
C ARG A 19 8.70 -4.90 -3.82
N LEU A 20 8.40 -5.16 -5.10
CA LEU A 20 7.67 -4.21 -5.92
C LEU A 20 6.88 -4.93 -7.01
N ARG A 21 5.56 -4.97 -6.87
CA ARG A 21 4.70 -5.62 -7.85
C ARG A 21 3.40 -4.84 -8.04
N THR A 22 2.81 -4.97 -9.22
CA THR A 22 1.57 -4.27 -9.53
C THR A 22 0.46 -4.65 -8.55
N THR A 23 0.01 -5.90 -8.64
CA THR A 23 -1.04 -6.39 -7.76
C THR A 23 -0.72 -6.09 -6.30
N ILE A 24 -1.60 -6.53 -5.40
CA ILE A 24 -1.42 -6.33 -3.97
C ILE A 24 -1.40 -7.64 -3.22
N THR A 25 -0.70 -7.66 -2.07
CA THR A 25 -0.61 -8.86 -1.26
C THR A 25 -1.45 -8.74 0.00
N PRO A 26 -1.86 -9.89 0.57
CA PRO A 26 -2.67 -9.93 1.78
C PRO A 26 -1.90 -9.50 3.02
N GLU A 27 -0.57 -9.41 2.88
CA GLU A 27 0.29 -9.00 3.99
C GLU A 27 0.61 -7.51 3.91
N GLN A 28 0.43 -6.93 2.72
CA GLN A 28 0.70 -5.51 2.52
C GLN A 28 -0.55 -4.68 2.80
N LEU A 29 -1.68 -5.12 2.26
CA LEU A 29 -2.94 -4.41 2.45
C LEU A 29 -3.08 -3.92 3.89
N GLU A 30 -2.95 -4.83 4.84
CA GLU A 30 -3.06 -4.48 6.25
C GLU A 30 -2.49 -3.09 6.51
N ILE A 31 -1.22 -2.90 6.16
CA ILE A 31 -0.56 -1.61 6.36
C ILE A 31 -1.34 -0.49 5.70
N LEU A 32 -1.84 -0.76 4.50
CA LEU A 32 -2.61 0.24 3.76
C LEU A 32 -3.91 0.57 4.47
N TYR A 33 -4.63 -0.47 4.90
CA TYR A 33 -5.89 -0.29 5.61
C TYR A 33 -5.70 0.53 6.87
N GLN A 34 -4.68 0.19 7.65
CA GLN A 34 -4.38 0.89 8.89
C GLN A 34 -4.09 2.37 8.63
N LYS A 35 -3.37 2.63 7.55
CA LYS A 35 -3.02 4.01 7.17
C LYS A 35 -4.24 4.75 6.66
N TYR A 36 -5.20 4.01 6.12
CA TYR A 36 -6.42 4.60 5.58
C TYR A 36 -7.39 4.96 6.71
N LEU A 37 -7.62 4.00 7.61
CA LEU A 37 -8.52 4.21 8.73
C LEU A 37 -8.14 5.46 9.51
N LEU A 38 -6.84 5.73 9.60
CA LEU A 38 -6.34 6.89 10.32
C LEU A 38 -6.27 8.11 9.41
N ASP A 39 -5.99 7.87 8.13
CA ASP A 39 -5.90 8.94 7.15
C ASP A 39 -6.43 8.49 5.80
N SER A 40 -7.62 8.97 5.45
CA SER A 40 -8.24 8.60 4.18
C SER A 40 -8.12 9.74 3.17
N ASN A 41 -7.51 10.84 3.60
CA ASN A 41 -7.32 12.00 2.73
C ASN A 41 -5.86 12.45 2.72
N PRO A 42 -4.95 11.48 2.53
CA PRO A 42 -3.51 11.74 2.50
C PRO A 42 -3.09 12.52 1.25
N THR A 43 -1.79 12.77 1.12
CA THR A 43 -1.26 13.49 -0.04
C THR A 43 -0.09 12.75 -0.66
N ARG A 44 0.28 13.16 -1.87
CA ARG A 44 1.39 12.54 -2.58
C ARG A 44 2.52 12.19 -1.62
N LYS A 45 2.80 13.09 -0.69
CA LYS A 45 3.85 12.89 0.30
C LYS A 45 3.62 11.60 1.09
N MET A 46 2.41 11.44 1.62
CA MET A 46 2.05 10.26 2.40
C MET A 46 1.97 9.03 1.50
N LEU A 47 1.26 9.16 0.39
CA LEU A 47 1.11 8.06 -0.55
C LEU A 47 2.47 7.54 -1.02
N ASP A 48 3.42 8.46 -1.17
CA ASP A 48 4.76 8.11 -1.61
C ASP A 48 5.49 7.32 -0.52
N HIS A 49 5.47 7.85 0.70
CA HIS A 49 6.14 7.21 1.82
C HIS A 49 5.51 5.86 2.12
N ILE A 50 4.20 5.85 2.33
CA ILE A 50 3.48 4.61 2.64
C ILE A 50 3.82 3.53 1.63
N ALA A 51 3.76 3.86 0.35
CA ALA A 51 4.06 2.91 -0.71
C ALA A 51 5.53 2.48 -0.66
N HIS A 52 6.36 3.31 -0.04
CA HIS A 52 7.79 3.02 0.09
C HIS A 52 8.04 2.03 1.22
N GLU A 53 7.27 2.15 2.29
CA GLU A 53 7.42 1.27 3.44
C GLU A 53 6.75 -0.08 3.18
N VAL A 54 5.62 -0.05 2.48
CA VAL A 54 4.87 -1.25 2.16
C VAL A 54 5.54 -2.02 1.02
N GLY A 55 6.26 -1.30 0.17
CA GLY A 55 6.93 -1.93 -0.96
C GLY A 55 5.99 -2.19 -2.11
N LEU A 56 5.04 -1.28 -2.33
CA LEU A 56 4.09 -1.42 -3.42
C LEU A 56 4.08 -0.19 -4.31
N LYS A 57 4.01 -0.39 -5.62
CA LYS A 57 4.00 0.71 -6.57
C LYS A 57 3.18 1.88 -6.04
N LYS A 58 3.84 3.02 -5.88
CA LYS A 58 3.19 4.23 -5.38
C LYS A 58 1.80 4.39 -5.99
N ARG A 59 1.72 4.24 -7.31
CA ARG A 59 0.46 4.37 -8.03
C ARG A 59 -0.59 3.42 -7.44
N VAL A 60 -0.28 2.14 -7.46
CA VAL A 60 -1.20 1.13 -6.94
C VAL A 60 -1.64 1.47 -5.52
N VAL A 61 -0.74 2.06 -4.75
CA VAL A 61 -1.03 2.44 -3.37
C VAL A 61 -1.88 3.71 -3.32
N GLN A 62 -1.63 4.62 -4.25
CA GLN A 62 -2.38 5.87 -4.31
C GLN A 62 -3.82 5.62 -4.73
N VAL A 63 -3.99 4.92 -5.85
CA VAL A 63 -5.32 4.61 -6.37
C VAL A 63 -6.11 3.77 -5.38
N TRP A 64 -5.48 2.71 -4.88
CA TRP A 64 -6.13 1.82 -3.92
C TRP A 64 -6.91 2.61 -2.88
N PHE A 65 -6.48 3.85 -2.65
CA PHE A 65 -7.15 4.72 -1.68
C PHE A 65 -8.39 5.36 -2.27
N GLN A 66 -8.24 5.96 -3.45
CA GLN A 66 -9.36 6.61 -4.11
C GLN A 66 -10.48 5.62 -4.40
N ASN A 67 -10.11 4.35 -4.56
CA ASN A 67 -11.08 3.30 -4.83
C ASN A 67 -11.86 2.94 -3.58
N THR A 68 -11.14 2.79 -2.47
CA THR A 68 -11.77 2.45 -1.19
C THR A 68 -12.83 3.46 -0.80
N ARG A 69 -12.49 4.74 -0.94
CA ARG A 69 -13.41 5.83 -0.60
C ARG A 69 -14.74 5.66 -1.35
N ALA A 70 -14.64 5.46 -2.66
CA ALA A 70 -15.82 5.29 -3.49
C ALA A 70 -16.72 4.17 -2.97
N ARG A 71 -16.09 3.07 -2.55
CA ARG A 71 -16.82 1.92 -2.03
C ARG A 71 -17.40 2.23 -0.65
N GLU A 72 -16.61 2.89 0.19
CA GLU A 72 -17.05 3.25 1.53
C GLU A 72 -18.26 4.19 1.48
N ARG A 73 -18.22 5.14 0.55
CA ARG A 73 -19.31 6.11 0.40
C ARG A 73 -20.54 5.44 -0.18
N LYS A 74 -20.33 4.56 -1.17
CA LYS A 74 -21.44 3.85 -1.81
C LYS A 74 -22.50 3.47 -0.78
N SER A 75 -23.63 4.16 -0.82
CA SER A 75 -24.72 3.88 0.10
C SER A 75 -25.57 2.70 -0.39
N GLY A 76 -25.65 1.67 0.44
CA GLY A 76 -26.43 0.50 0.07
C GLY A 76 -27.29 -0.01 1.22
N PRO A 77 -28.27 -0.86 0.89
CA PRO A 77 -29.18 -1.44 1.89
C PRO A 77 -28.49 -2.44 2.81
N SER A 78 -29.22 -2.91 3.81
CA SER A 78 -28.67 -3.87 4.77
C SER A 78 -29.56 -5.11 4.86
N SER A 79 -30.83 -4.89 5.17
CA SER A 79 -31.78 -5.99 5.30
C SER A 79 -32.29 -6.43 3.93
N GLY A 80 -31.79 -7.57 3.46
CA GLY A 80 -32.21 -8.08 2.17
C GLY A 80 -31.10 -8.03 1.14
N GLY A 1 -6.29 -7.40 19.53
CA GLY A 1 -5.37 -8.02 18.59
C GLY A 1 -3.94 -7.98 19.06
N SER A 2 -3.70 -8.48 20.27
CA SER A 2 -2.36 -8.48 20.85
C SER A 2 -1.75 -9.88 20.79
N SER A 3 -0.87 -10.10 19.82
CA SER A 3 -0.22 -11.39 19.65
C SER A 3 1.11 -11.24 18.90
N GLY A 4 2.18 -11.77 19.49
CA GLY A 4 3.48 -11.68 18.87
C GLY A 4 4.17 -10.36 19.15
N SER A 5 5.22 -10.39 19.95
CA SER A 5 5.97 -9.19 20.30
C SER A 5 6.23 -8.34 19.05
N SER A 6 6.15 -7.03 19.22
CA SER A 6 6.38 -6.11 18.11
C SER A 6 7.56 -5.18 18.40
N GLY A 7 8.58 -5.25 17.57
CA GLY A 7 9.76 -4.41 17.76
C GLY A 7 10.36 -3.97 16.44
N GLY A 8 11.17 -2.91 16.51
CA GLY A 8 11.81 -2.40 15.30
C GLY A 8 11.71 -0.89 15.19
N THR A 9 12.62 -0.29 14.43
CA THR A 9 12.64 1.15 14.25
C THR A 9 11.59 1.60 13.25
N GLY A 10 11.60 0.98 12.07
CA GLY A 10 10.64 1.33 11.04
C GLY A 10 10.95 0.68 9.71
N GLY A 11 11.59 1.43 8.82
CA GLY A 11 11.94 0.89 7.51
C GLY A 11 12.75 1.89 6.68
N GLU A 12 14.07 1.84 6.83
CA GLU A 12 14.95 2.74 6.10
C GLU A 12 15.81 1.96 5.11
N GLU A 13 15.49 2.10 3.82
CA GLU A 13 16.23 1.40 2.78
C GLU A 13 16.23 2.21 1.48
N PRO A 14 17.26 2.03 0.66
CA PRO A 14 17.41 2.73 -0.62
C PRO A 14 16.39 2.25 -1.66
N GLN A 15 16.33 2.94 -2.79
CA GLN A 15 15.41 2.58 -3.85
C GLN A 15 16.06 1.62 -4.84
N ARG A 16 16.83 0.68 -4.31
CA ARG A 16 17.51 -0.30 -5.14
C ARG A 16 16.51 -1.11 -5.98
N ASP A 17 15.54 -1.71 -5.30
CA ASP A 17 14.52 -2.50 -5.98
C ASP A 17 13.84 -1.69 -7.07
N LYS A 18 14.02 -2.12 -8.32
CA LYS A 18 13.43 -1.43 -9.46
C LYS A 18 12.11 -2.09 -9.87
N ARG A 19 12.18 -3.37 -10.23
CA ARG A 19 11.00 -4.12 -10.64
C ARG A 19 9.98 -4.19 -9.51
N LEU A 20 8.70 -4.20 -9.86
CA LEU A 20 7.64 -4.26 -8.87
C LEU A 20 6.45 -5.06 -9.40
N ARG A 21 5.47 -5.30 -8.55
CA ARG A 21 4.28 -6.06 -8.92
C ARG A 21 3.03 -5.21 -8.78
N THR A 22 2.28 -5.06 -9.88
CA THR A 22 1.06 -4.27 -9.87
C THR A 22 0.05 -4.83 -8.87
N THR A 23 -0.01 -6.15 -8.78
CA THR A 23 -0.93 -6.81 -7.85
C THR A 23 -0.62 -6.45 -6.41
N ILE A 24 -1.46 -6.90 -5.49
CA ILE A 24 -1.27 -6.62 -4.07
C ILE A 24 -1.27 -7.92 -3.26
N THR A 25 -0.62 -7.89 -2.11
CA THR A 25 -0.56 -9.05 -1.23
C THR A 25 -1.42 -8.87 0.00
N PRO A 26 -1.86 -9.99 0.60
CA PRO A 26 -2.70 -9.98 1.80
C PRO A 26 -1.94 -9.50 3.03
N GLU A 27 -0.63 -9.40 2.92
CA GLU A 27 0.21 -8.96 4.03
C GLU A 27 0.51 -7.47 3.91
N GLN A 28 0.46 -6.96 2.69
CA GLN A 28 0.73 -5.54 2.44
C GLN A 28 -0.52 -4.70 2.69
N LEU A 29 -1.67 -5.21 2.27
CA LEU A 29 -2.93 -4.51 2.44
C LEU A 29 -3.08 -3.98 3.86
N GLU A 30 -2.95 -4.88 4.84
CA GLU A 30 -3.07 -4.51 6.24
C GLU A 30 -2.51 -3.11 6.49
N ILE A 31 -1.24 -2.92 6.15
CA ILE A 31 -0.60 -1.62 6.32
C ILE A 31 -1.39 -0.52 5.64
N LEU A 32 -1.84 -0.79 4.42
CA LEU A 32 -2.62 0.19 3.66
C LEU A 32 -3.93 0.51 4.37
N TYR A 33 -4.62 -0.51 4.80
CA TYR A 33 -5.89 -0.34 5.50
C TYR A 33 -5.70 0.43 6.80
N GLN A 34 -4.71 0.03 7.58
CA GLN A 34 -4.41 0.69 8.85
C GLN A 34 -4.11 2.16 8.65
N LYS A 35 -3.44 2.48 7.54
CA LYS A 35 -3.10 3.86 7.22
C LYS A 35 -4.32 4.63 6.76
N TYR A 36 -5.24 3.94 6.10
CA TYR A 36 -6.46 4.57 5.61
C TYR A 36 -7.42 4.89 6.75
N LEU A 37 -7.65 3.90 7.61
CA LEU A 37 -8.55 4.07 8.75
C LEU A 37 -8.18 5.32 9.55
N LEU A 38 -6.89 5.57 9.68
CA LEU A 38 -6.41 6.74 10.41
C LEU A 38 -6.34 7.96 9.50
N ASP A 39 -5.95 7.74 8.26
CA ASP A 39 -5.85 8.83 7.29
C ASP A 39 -6.38 8.39 5.92
N SER A 40 -7.57 8.86 5.56
CA SER A 40 -8.18 8.51 4.30
C SER A 40 -8.10 9.69 3.32
N ASN A 41 -7.44 10.76 3.74
CA ASN A 41 -7.30 11.94 2.90
C ASN A 41 -5.85 12.40 2.86
N PRO A 42 -4.93 11.46 2.59
CA PRO A 42 -3.50 11.74 2.51
C PRO A 42 -3.14 12.58 1.29
N THR A 43 -1.84 12.77 1.06
CA THR A 43 -1.36 13.56 -0.07
C THR A 43 -0.20 12.86 -0.76
N ARG A 44 0.07 13.26 -2.00
CA ARG A 44 1.15 12.68 -2.78
C ARG A 44 2.34 12.33 -1.89
N LYS A 45 2.65 13.23 -0.96
CA LYS A 45 3.76 13.04 -0.04
C LYS A 45 3.58 11.75 0.76
N MET A 46 2.40 11.58 1.36
CA MET A 46 2.10 10.40 2.15
C MET A 46 2.02 9.15 1.26
N LEU A 47 1.18 9.22 0.24
CA LEU A 47 1.02 8.10 -0.68
C LEU A 47 2.37 7.56 -1.14
N ASP A 48 3.37 8.45 -1.18
CA ASP A 48 4.72 8.06 -1.58
C ASP A 48 5.45 7.34 -0.45
N HIS A 49 5.34 7.89 0.75
CA HIS A 49 5.99 7.31 1.92
C HIS A 49 5.41 5.94 2.24
N ILE A 50 4.09 5.89 2.42
CA ILE A 50 3.40 4.64 2.74
C ILE A 50 3.78 3.55 1.75
N ALA A 51 3.67 3.85 0.46
CA ALA A 51 4.01 2.89 -0.57
C ALA A 51 5.49 2.51 -0.52
N HIS A 52 6.30 3.37 0.10
CA HIS A 52 7.73 3.13 0.23
C HIS A 52 8.01 2.09 1.31
N GLU A 53 7.25 2.16 2.40
CA GLU A 53 7.42 1.24 3.51
C GLU A 53 6.76 -0.11 3.20
N VAL A 54 5.62 -0.06 2.53
CA VAL A 54 4.89 -1.28 2.17
C VAL A 54 5.58 -2.00 1.02
N GLY A 55 6.31 -1.25 0.20
CA GLY A 55 7.01 -1.85 -0.92
C GLY A 55 6.09 -2.20 -2.07
N LEU A 56 5.11 -1.32 -2.33
CA LEU A 56 4.16 -1.53 -3.41
C LEU A 56 4.12 -0.34 -4.35
N LYS A 57 4.01 -0.62 -5.65
CA LYS A 57 3.97 0.44 -6.66
C LYS A 57 3.20 1.65 -6.14
N LYS A 58 3.90 2.77 -5.99
CA LYS A 58 3.29 4.00 -5.51
C LYS A 58 1.91 4.18 -6.11
N ARG A 59 1.81 4.05 -7.42
CA ARG A 59 0.54 4.20 -8.12
C ARG A 59 -0.54 3.31 -7.49
N VAL A 60 -0.25 2.02 -7.41
CA VAL A 60 -1.19 1.06 -6.84
C VAL A 60 -1.67 1.52 -5.46
N VAL A 61 -0.74 2.04 -4.66
CA VAL A 61 -1.06 2.52 -3.32
C VAL A 61 -1.87 3.81 -3.38
N GLN A 62 -1.54 4.67 -4.34
CA GLN A 62 -2.23 5.95 -4.51
C GLN A 62 -3.69 5.72 -4.86
N VAL A 63 -3.93 4.92 -5.91
CA VAL A 63 -5.29 4.63 -6.34
C VAL A 63 -6.04 3.81 -5.30
N TRP A 64 -5.40 2.76 -4.81
CA TRP A 64 -6.02 1.89 -3.81
C TRP A 64 -6.78 2.72 -2.78
N PHE A 65 -6.33 3.94 -2.55
CA PHE A 65 -6.98 4.82 -1.58
C PHE A 65 -8.24 5.45 -2.19
N GLN A 66 -8.10 6.01 -3.38
CA GLN A 66 -9.23 6.64 -4.06
C GLN A 66 -10.36 5.64 -4.28
N ASN A 67 -9.99 4.38 -4.45
CA ASN A 67 -10.98 3.33 -4.68
C ASN A 67 -11.76 3.02 -3.40
N THR A 68 -11.04 2.95 -2.28
CA THR A 68 -11.65 2.67 -0.99
C THR A 68 -12.71 3.70 -0.66
N ARG A 69 -12.37 4.98 -0.83
CA ARG A 69 -13.29 6.07 -0.53
C ARG A 69 -14.62 5.85 -1.25
N ALA A 70 -14.57 5.74 -2.57
CA ALA A 70 -15.78 5.53 -3.36
C ALA A 70 -16.62 4.40 -2.79
N ARG A 71 -15.96 3.39 -2.23
CA ARG A 71 -16.66 2.25 -1.65
C ARG A 71 -17.33 2.64 -0.32
N GLU A 72 -16.58 3.33 0.53
CA GLU A 72 -17.11 3.76 1.82
C GLU A 72 -18.32 4.67 1.65
N ARG A 73 -18.23 5.58 0.68
CA ARG A 73 -19.32 6.51 0.41
C ARG A 73 -20.49 5.80 -0.26
N LYS A 74 -20.17 4.89 -1.19
CA LYS A 74 -21.19 4.14 -1.91
C LYS A 74 -22.31 3.71 -0.98
N SER A 75 -21.95 3.04 0.11
CA SER A 75 -22.93 2.56 1.08
C SER A 75 -22.87 3.41 2.35
N GLY A 76 -24.05 3.83 2.83
CA GLY A 76 -24.12 4.63 4.03
C GLY A 76 -23.64 3.88 5.26
N PRO A 77 -23.03 4.61 6.21
CA PRO A 77 -22.52 4.02 7.45
C PRO A 77 -23.63 3.56 8.38
N SER A 78 -23.39 2.45 9.08
CA SER A 78 -24.38 1.90 10.00
C SER A 78 -25.03 3.00 10.82
N SER A 79 -26.13 2.67 11.49
CA SER A 79 -26.86 3.62 12.31
C SER A 79 -26.82 5.01 11.69
N GLY A 80 -26.98 5.07 10.36
CA GLY A 80 -26.96 6.34 9.67
C GLY A 80 -28.18 7.19 9.97
N GLY A 1 17.71 -14.39 -17.43
CA GLY A 1 18.62 -15.52 -17.40
C GLY A 1 20.06 -15.10 -17.20
N SER A 2 20.80 -15.89 -16.44
CA SER A 2 22.20 -15.59 -16.16
C SER A 2 22.97 -16.86 -15.83
N SER A 3 24.24 -16.91 -16.22
CA SER A 3 25.08 -18.07 -15.95
C SER A 3 25.90 -17.87 -14.68
N GLY A 4 26.54 -18.94 -14.22
CA GLY A 4 27.34 -18.86 -13.01
C GLY A 4 28.73 -19.48 -13.20
N SER A 5 29.45 -19.63 -12.09
CA SER A 5 30.79 -20.21 -12.13
C SER A 5 31.21 -20.71 -10.76
N SER A 6 32.05 -21.74 -10.74
CA SER A 6 32.53 -22.31 -9.49
C SER A 6 32.80 -21.23 -8.46
N GLY A 7 32.18 -21.38 -7.28
CA GLY A 7 32.37 -20.40 -6.22
C GLY A 7 31.14 -19.52 -6.02
N GLY A 8 30.55 -19.08 -7.13
CA GLY A 8 29.37 -18.23 -7.04
C GLY A 8 28.09 -19.03 -6.92
N THR A 9 27.41 -18.89 -5.78
CA THR A 9 26.17 -19.60 -5.55
C THR A 9 25.18 -18.74 -4.78
N GLY A 10 23.92 -18.74 -5.23
CA GLY A 10 22.89 -17.96 -4.57
C GLY A 10 21.73 -17.65 -5.48
N GLY A 11 21.22 -16.42 -5.42
CA GLY A 11 20.10 -16.04 -6.24
C GLY A 11 19.95 -14.53 -6.34
N GLU A 12 18.75 -14.08 -6.71
CA GLU A 12 18.48 -12.65 -6.85
C GLU A 12 17.67 -12.13 -5.66
N GLU A 13 17.55 -10.82 -5.56
CA GLU A 13 16.81 -10.20 -4.46
C GLU A 13 16.19 -8.88 -4.91
N PRO A 14 15.12 -8.46 -4.22
CA PRO A 14 14.41 -7.21 -4.52
C PRO A 14 15.24 -5.98 -4.17
N GLN A 15 16.48 -6.21 -3.74
CA GLN A 15 17.37 -5.11 -3.37
C GLN A 15 17.14 -3.90 -4.26
N ARG A 16 17.01 -4.13 -5.56
CA ARG A 16 16.79 -3.05 -6.52
C ARG A 16 15.93 -3.53 -7.68
N ASP A 17 14.69 -3.05 -7.72
CA ASP A 17 13.75 -3.43 -8.77
C ASP A 17 12.86 -2.25 -9.16
N LYS A 18 12.79 -1.97 -10.46
CA LYS A 18 11.98 -0.87 -10.95
C LYS A 18 10.51 -1.27 -11.02
N ARG A 19 10.24 -2.44 -11.61
CA ARG A 19 8.89 -2.94 -11.74
C ARG A 19 8.52 -3.84 -10.56
N LEU A 20 7.42 -3.51 -9.89
CA LEU A 20 6.97 -4.30 -8.75
C LEU A 20 5.70 -5.09 -9.09
N ARG A 21 5.27 -5.93 -8.16
CA ARG A 21 4.06 -6.73 -8.37
C ARG A 21 2.84 -5.85 -8.51
N THR A 22 2.32 -5.74 -9.74
CA THR A 22 1.15 -4.93 -10.01
C THR A 22 0.06 -5.17 -8.96
N THR A 23 -0.40 -6.41 -8.86
CA THR A 23 -1.43 -6.77 -7.90
C THR A 23 -1.00 -6.44 -6.47
N ILE A 24 -1.86 -6.74 -5.51
CA ILE A 24 -1.55 -6.49 -4.10
C ILE A 24 -1.49 -7.80 -3.32
N THR A 25 -0.77 -7.78 -2.21
CA THR A 25 -0.63 -8.95 -1.36
C THR A 25 -1.42 -8.80 -0.06
N PRO A 26 -1.80 -9.93 0.55
CA PRO A 26 -2.56 -9.94 1.80
C PRO A 26 -1.72 -9.48 2.99
N GLU A 27 -0.41 -9.38 2.78
CA GLU A 27 0.49 -8.94 3.84
C GLU A 27 0.80 -7.46 3.72
N GLN A 28 0.43 -6.88 2.59
CA GLN A 28 0.66 -5.45 2.35
C GLN A 28 -0.58 -4.64 2.66
N LEU A 29 -1.73 -5.14 2.24
CA LEU A 29 -3.01 -4.45 2.47
C LEU A 29 -3.09 -3.96 3.90
N GLU A 30 -2.96 -4.88 4.86
CA GLU A 30 -3.02 -4.53 6.27
C GLU A 30 -2.43 -3.14 6.52
N ILE A 31 -1.17 -2.95 6.13
CA ILE A 31 -0.51 -1.67 6.30
C ILE A 31 -1.30 -0.54 5.65
N LEU A 32 -1.83 -0.81 4.46
CA LEU A 32 -2.61 0.19 3.73
C LEU A 32 -3.89 0.53 4.49
N TYR A 33 -4.61 -0.49 4.92
CA TYR A 33 -5.86 -0.30 5.64
C TYR A 33 -5.62 0.49 6.93
N GLN A 34 -4.59 0.10 7.67
CA GLN A 34 -4.26 0.78 8.92
C GLN A 34 -3.99 2.27 8.69
N LYS A 35 -3.33 2.57 7.57
CA LYS A 35 -3.01 3.95 7.22
C LYS A 35 -4.25 4.70 6.75
N TYR A 36 -5.19 3.96 6.15
CA TYR A 36 -6.43 4.56 5.65
C TYR A 36 -7.38 4.87 6.79
N LEU A 37 -7.57 3.89 7.67
CA LEU A 37 -8.47 4.06 8.82
C LEU A 37 -8.10 5.32 9.61
N LEU A 38 -6.81 5.57 9.74
CA LEU A 38 -6.33 6.74 10.47
C LEU A 38 -6.26 7.95 9.56
N ASP A 39 -5.98 7.72 8.28
CA ASP A 39 -5.89 8.80 7.31
C ASP A 39 -6.27 8.31 5.91
N SER A 40 -7.45 8.71 5.46
CA SER A 40 -7.94 8.31 4.14
C SER A 40 -7.88 9.47 3.16
N ASN A 41 -7.26 10.57 3.59
CA ASN A 41 -7.14 11.76 2.74
C ASN A 41 -5.69 12.25 2.72
N PRO A 42 -4.75 11.32 2.54
CA PRO A 42 -3.32 11.63 2.49
C PRO A 42 -2.94 12.41 1.22
N THR A 43 -1.80 13.09 1.28
CA THR A 43 -1.32 13.88 0.14
C THR A 43 -0.23 13.13 -0.61
N ARG A 44 -0.04 13.49 -1.87
CA ARG A 44 0.97 12.86 -2.71
C ARG A 44 2.20 12.50 -1.89
N LYS A 45 2.61 13.41 -1.01
CA LYS A 45 3.77 13.19 -0.16
C LYS A 45 3.63 11.89 0.62
N MET A 46 2.53 11.75 1.34
CA MET A 46 2.27 10.54 2.13
C MET A 46 2.23 9.31 1.24
N LEU A 47 1.34 9.32 0.25
CA LEU A 47 1.20 8.21 -0.68
C LEU A 47 2.56 7.64 -1.05
N ASP A 48 3.58 8.49 -1.04
CA ASP A 48 4.93 8.08 -1.39
C ASP A 48 5.56 7.27 -0.26
N HIS A 49 5.45 7.79 0.97
CA HIS A 49 6.00 7.12 2.14
C HIS A 49 5.33 5.76 2.36
N ILE A 50 4.00 5.80 2.51
CA ILE A 50 3.24 4.57 2.73
C ILE A 50 3.62 3.50 1.72
N ALA A 51 3.63 3.88 0.43
CA ALA A 51 3.97 2.95 -0.63
C ALA A 51 5.44 2.51 -0.53
N HIS A 52 6.23 3.29 0.20
CA HIS A 52 7.65 2.98 0.37
C HIS A 52 7.85 1.98 1.50
N GLU A 53 6.99 2.05 2.52
CA GLU A 53 7.08 1.15 3.65
C GLU A 53 6.40 -0.18 3.35
N VAL A 54 5.31 -0.12 2.59
CA VAL A 54 4.57 -1.33 2.22
C VAL A 54 5.28 -2.09 1.11
N GLY A 55 6.07 -1.36 0.30
CA GLY A 55 6.78 -1.98 -0.79
C GLY A 55 5.89 -2.29 -1.97
N LEU A 56 4.93 -1.41 -2.23
CA LEU A 56 4.00 -1.60 -3.35
C LEU A 56 4.02 -0.40 -4.28
N LYS A 57 3.91 -0.66 -5.58
CA LYS A 57 3.91 0.41 -6.57
C LYS A 57 3.14 1.63 -6.06
N LYS A 58 3.80 2.78 -6.05
CA LYS A 58 3.18 4.01 -5.60
C LYS A 58 1.77 4.16 -6.17
N ARG A 59 1.66 4.07 -7.50
CA ARG A 59 0.38 4.20 -8.17
C ARG A 59 -0.65 3.24 -7.56
N VAL A 60 -0.28 1.96 -7.46
CA VAL A 60 -1.17 0.96 -6.90
C VAL A 60 -1.62 1.35 -5.50
N VAL A 61 -0.72 1.98 -4.75
CA VAL A 61 -1.03 2.41 -3.38
C VAL A 61 -1.87 3.69 -3.39
N GLN A 62 -1.63 4.54 -4.38
CA GLN A 62 -2.36 5.79 -4.49
C GLN A 62 -3.81 5.54 -4.88
N VAL A 63 -4.00 4.81 -5.98
CA VAL A 63 -5.35 4.50 -6.46
C VAL A 63 -6.13 3.68 -5.43
N TRP A 64 -5.45 2.71 -4.82
CA TRP A 64 -6.08 1.87 -3.82
C TRP A 64 -6.86 2.70 -2.80
N PHE A 65 -6.41 3.94 -2.60
CA PHE A 65 -7.06 4.85 -1.66
C PHE A 65 -8.28 5.49 -2.28
N GLN A 66 -8.11 6.06 -3.46
CA GLN A 66 -9.21 6.72 -4.16
C GLN A 66 -10.35 5.74 -4.43
N ASN A 67 -9.99 4.46 -4.59
CA ASN A 67 -10.99 3.43 -4.86
C ASN A 67 -11.75 3.06 -3.59
N THR A 68 -11.02 2.93 -2.48
CA THR A 68 -11.62 2.59 -1.21
C THR A 68 -12.68 3.62 -0.80
N ARG A 69 -12.29 4.89 -0.79
CA ARG A 69 -13.19 5.97 -0.42
C ARG A 69 -14.50 5.87 -1.21
N ALA A 70 -14.38 5.67 -2.52
CA ALA A 70 -15.55 5.56 -3.39
C ALA A 70 -16.46 4.44 -2.94
N ARG A 71 -15.87 3.31 -2.55
CA ARG A 71 -16.63 2.16 -2.09
C ARG A 71 -17.30 2.44 -0.74
N GLU A 72 -16.53 3.01 0.18
CA GLU A 72 -17.04 3.33 1.51
C GLU A 72 -18.25 4.25 1.41
N ARG A 73 -18.16 5.26 0.55
CA ARG A 73 -19.24 6.21 0.36
C ARG A 73 -20.43 5.55 -0.32
N LYS A 74 -20.14 4.64 -1.24
CA LYS A 74 -21.20 3.93 -1.97
C LYS A 74 -22.20 3.29 -1.01
N SER A 75 -23.48 3.46 -1.30
CA SER A 75 -24.54 2.90 -0.45
C SER A 75 -24.27 3.19 1.01
N GLY A 76 -23.99 4.46 1.31
CA GLY A 76 -23.72 4.84 2.69
C GLY A 76 -23.98 6.32 2.94
N PRO A 77 -22.89 7.09 3.09
CA PRO A 77 -22.99 8.54 3.34
C PRO A 77 -23.49 9.31 2.12
N SER A 78 -23.77 8.57 1.05
CA SER A 78 -24.25 9.19 -0.19
C SER A 78 -25.73 9.57 -0.07
N SER A 79 -26.54 8.62 0.37
CA SER A 79 -27.98 8.85 0.54
C SER A 79 -28.24 10.18 1.23
N GLY A 80 -27.49 10.44 2.31
CA GLY A 80 -27.66 11.67 3.05
C GLY A 80 -27.76 11.44 4.54
N GLY A 1 29.33 -6.90 -14.40
CA GLY A 1 28.28 -6.66 -13.43
C GLY A 1 28.23 -5.22 -12.96
N SER A 2 28.34 -5.02 -11.65
CA SER A 2 28.30 -3.67 -11.08
C SER A 2 27.24 -2.82 -11.76
N SER A 3 26.09 -3.42 -12.02
CA SER A 3 24.99 -2.71 -12.68
C SER A 3 24.00 -2.17 -11.65
N GLY A 4 23.43 -1.00 -11.96
CA GLY A 4 22.48 -0.39 -11.05
C GLY A 4 22.63 1.12 -10.98
N SER A 5 23.49 1.59 -10.09
CA SER A 5 23.72 3.02 -9.93
C SER A 5 25.19 3.31 -9.67
N SER A 6 25.58 4.56 -9.88
CA SER A 6 26.97 4.96 -9.69
C SER A 6 27.05 6.24 -8.85
N GLY A 7 28.26 6.58 -8.42
CA GLY A 7 28.44 7.78 -7.61
C GLY A 7 29.55 7.62 -6.59
N GLY A 8 29.17 7.57 -5.32
CA GLY A 8 30.16 7.43 -4.26
C GLY A 8 29.88 6.23 -3.38
N THR A 9 28.61 6.01 -3.04
CA THR A 9 28.21 4.90 -2.19
C THR A 9 29.04 4.86 -0.90
N GLY A 10 29.19 6.03 -0.28
CA GLY A 10 29.96 6.11 0.95
C GLY A 10 29.08 5.96 2.18
N GLY A 11 28.25 4.92 2.20
CA GLY A 11 27.37 4.69 3.33
C GLY A 11 26.29 3.68 3.02
N GLU A 12 25.75 3.06 4.07
CA GLU A 12 24.70 2.06 3.91
C GLU A 12 23.34 2.72 3.70
N GLU A 13 22.67 2.37 2.61
CA GLU A 13 21.36 2.94 2.31
C GLU A 13 20.62 2.06 1.30
N PRO A 14 19.28 2.10 1.37
CA PRO A 14 18.42 1.32 0.47
C PRO A 14 18.46 1.83 -0.96
N GLN A 15 18.82 0.96 -1.90
CA GLN A 15 18.90 1.33 -3.31
C GLN A 15 17.57 1.06 -4.01
N ARG A 16 17.46 1.55 -5.24
CA ARG A 16 16.24 1.37 -6.03
C ARG A 16 15.74 -0.07 -5.93
N ASP A 17 14.55 -0.31 -6.45
CA ASP A 17 13.95 -1.64 -6.42
C ASP A 17 12.84 -1.76 -7.45
N LYS A 18 13.04 -2.62 -8.45
CA LYS A 18 12.05 -2.82 -9.51
C LYS A 18 11.22 -4.07 -9.23
N ARG A 19 10.86 -4.28 -7.97
CA ARG A 19 10.07 -5.44 -7.57
C ARG A 19 8.60 -5.06 -7.43
N LEU A 20 8.34 -3.77 -7.22
CA LEU A 20 6.97 -3.30 -7.06
C LEU A 20 6.08 -3.78 -8.19
N ARG A 21 5.10 -4.62 -7.86
CA ARG A 21 4.18 -5.16 -8.85
C ARG A 21 2.84 -4.44 -8.80
N THR A 22 1.96 -4.78 -9.74
CA THR A 22 0.64 -4.16 -9.81
C THR A 22 -0.29 -4.73 -8.75
N THR A 23 -0.50 -6.05 -8.80
CA THR A 23 -1.36 -6.73 -7.85
C THR A 23 -1.01 -6.35 -6.41
N ILE A 24 -1.75 -6.90 -5.46
CA ILE A 24 -1.51 -6.62 -4.05
C ILE A 24 -1.48 -7.90 -3.23
N THR A 25 -0.79 -7.86 -2.09
CA THR A 25 -0.68 -9.02 -1.22
C THR A 25 -1.53 -8.84 0.04
N PRO A 26 -1.92 -9.97 0.64
CA PRO A 26 -2.74 -9.97 1.86
C PRO A 26 -1.98 -9.47 3.08
N GLU A 27 -0.65 -9.40 2.95
CA GLU A 27 0.19 -8.94 4.05
C GLU A 27 0.51 -7.45 3.89
N GLN A 28 0.38 -6.94 2.67
CA GLN A 28 0.65 -5.54 2.40
C GLN A 28 -0.58 -4.69 2.65
N LEU A 29 -1.74 -5.22 2.29
CA LEU A 29 -3.01 -4.50 2.48
C LEU A 29 -3.14 -4.00 3.91
N GLU A 30 -3.03 -4.91 4.88
CA GLU A 30 -3.13 -4.56 6.28
C GLU A 30 -2.54 -3.18 6.54
N ILE A 31 -1.31 -2.97 6.10
CA ILE A 31 -0.64 -1.69 6.28
C ILE A 31 -1.42 -0.55 5.62
N LEU A 32 -1.90 -0.81 4.41
CA LEU A 32 -2.67 0.19 3.68
C LEU A 32 -3.98 0.52 4.41
N TYR A 33 -4.68 -0.51 4.86
CA TYR A 33 -5.93 -0.34 5.58
C TYR A 33 -5.72 0.46 6.86
N GLN A 34 -4.69 0.10 7.61
CA GLN A 34 -4.37 0.79 8.85
C GLN A 34 -4.05 2.26 8.60
N LYS A 35 -3.31 2.52 7.54
CA LYS A 35 -2.93 3.89 7.19
C LYS A 35 -4.13 4.66 6.65
N TYR A 36 -5.05 3.95 6.01
CA TYR A 36 -6.24 4.57 5.44
C TYR A 36 -7.21 4.99 6.54
N LEU A 37 -7.50 4.05 7.44
CA LEU A 37 -8.42 4.31 8.55
C LEU A 37 -8.04 5.59 9.28
N LEU A 38 -6.74 5.82 9.42
CA LEU A 38 -6.25 7.01 10.10
C LEU A 38 -6.11 8.17 9.13
N ASP A 39 -5.80 7.86 7.87
CA ASP A 39 -5.64 8.89 6.84
C ASP A 39 -6.35 8.48 5.56
N SER A 40 -7.52 9.07 5.32
CA SER A 40 -8.30 8.76 4.14
C SER A 40 -8.18 9.88 3.11
N ASN A 41 -7.53 10.96 3.49
CA ASN A 41 -7.34 12.10 2.61
C ASN A 41 -5.88 12.55 2.59
N PRO A 42 -4.96 11.58 2.49
CA PRO A 42 -3.53 11.85 2.47
C PRO A 42 -3.08 12.53 1.18
N THR A 43 -1.87 13.08 1.18
CA THR A 43 -1.33 13.76 0.01
C THR A 43 -0.20 12.96 -0.61
N ARG A 44 0.12 13.27 -1.87
CA ARG A 44 1.18 12.57 -2.59
C ARG A 44 2.34 12.25 -1.65
N LYS A 45 2.69 13.20 -0.78
CA LYS A 45 3.78 13.01 0.16
C LYS A 45 3.58 11.74 0.97
N MET A 46 2.36 11.53 1.47
CA MET A 46 2.05 10.35 2.26
C MET A 46 1.97 9.11 1.37
N LEU A 47 1.15 9.19 0.32
CA LEU A 47 0.99 8.07 -0.60
C LEU A 47 2.34 7.58 -1.11
N ASP A 48 3.32 8.47 -1.12
CA ASP A 48 4.67 8.12 -1.58
C ASP A 48 5.43 7.36 -0.50
N HIS A 49 5.34 7.85 0.74
CA HIS A 49 6.02 7.21 1.85
C HIS A 49 5.41 5.84 2.15
N ILE A 50 4.11 5.83 2.42
CA ILE A 50 3.39 4.60 2.72
C ILE A 50 3.73 3.51 1.70
N ALA A 51 3.72 3.88 0.43
CA ALA A 51 4.02 2.94 -0.64
C ALA A 51 5.48 2.48 -0.58
N HIS A 52 6.33 3.30 0.05
CA HIS A 52 7.74 2.99 0.17
C HIS A 52 7.97 2.00 1.32
N GLU A 53 7.18 2.13 2.38
CA GLU A 53 7.30 1.25 3.54
C GLU A 53 6.60 -0.07 3.29
N VAL A 54 5.51 -0.04 2.54
CA VAL A 54 4.74 -1.24 2.23
C VAL A 54 5.39 -2.01 1.09
N GLY A 55 6.15 -1.33 0.26
CA GLY A 55 6.81 -1.97 -0.85
C GLY A 55 5.87 -2.24 -2.01
N LEU A 56 4.96 -1.31 -2.26
CA LEU A 56 4.00 -1.45 -3.34
C LEU A 56 4.03 -0.24 -4.26
N LYS A 57 3.89 -0.48 -5.56
CA LYS A 57 3.89 0.59 -6.55
C LYS A 57 3.15 1.81 -6.02
N LYS A 58 3.82 2.95 -6.01
CA LYS A 58 3.21 4.19 -5.53
C LYS A 58 1.82 4.39 -6.14
N ARG A 59 1.72 4.17 -7.45
CA ARG A 59 0.45 4.32 -8.15
C ARG A 59 -0.63 3.43 -7.52
N VAL A 60 -0.35 2.13 -7.47
CA VAL A 60 -1.28 1.17 -6.89
C VAL A 60 -1.69 1.58 -5.49
N VAL A 61 -0.75 2.12 -4.73
CA VAL A 61 -1.02 2.55 -3.36
C VAL A 61 -1.84 3.84 -3.35
N GLN A 62 -1.56 4.71 -4.31
CA GLN A 62 -2.27 5.99 -4.41
C GLN A 62 -3.73 5.77 -4.78
N VAL A 63 -3.96 4.97 -5.81
CA VAL A 63 -5.31 4.68 -6.27
C VAL A 63 -6.06 3.83 -5.24
N TRP A 64 -5.41 2.79 -4.75
CA TRP A 64 -6.02 1.90 -3.77
C TRP A 64 -6.77 2.69 -2.70
N PHE A 65 -6.31 3.92 -2.46
CA PHE A 65 -6.94 4.78 -1.47
C PHE A 65 -8.21 5.42 -2.02
N GLN A 66 -8.10 5.99 -3.22
CA GLN A 66 -9.25 6.64 -3.86
C GLN A 66 -10.34 5.63 -4.18
N ASN A 67 -9.93 4.39 -4.45
CA ASN A 67 -10.88 3.33 -4.78
C ASN A 67 -11.65 2.90 -3.53
N THR A 68 -10.93 2.70 -2.43
CA THR A 68 -11.55 2.28 -1.18
C THR A 68 -12.61 3.27 -0.73
N ARG A 69 -12.31 4.56 -0.90
CA ARG A 69 -13.24 5.62 -0.51
C ARG A 69 -14.57 5.47 -1.23
N ALA A 70 -14.49 5.30 -2.55
CA ALA A 70 -15.70 5.15 -3.36
C ALA A 70 -16.54 3.96 -2.89
N ARG A 71 -15.89 2.81 -2.76
CA ARG A 71 -16.58 1.60 -2.31
C ARG A 71 -16.96 1.71 -0.84
N GLU A 72 -16.20 2.49 -0.08
CA GLU A 72 -16.46 2.67 1.34
C GLU A 72 -17.81 3.36 1.56
N ARG A 73 -18.18 4.23 0.63
CA ARG A 73 -19.44 4.95 0.72
C ARG A 73 -20.63 4.02 0.45
N LYS A 74 -20.48 3.17 -0.56
CA LYS A 74 -21.53 2.23 -0.93
C LYS A 74 -22.19 1.64 0.31
N SER A 75 -23.52 1.62 0.33
CA SER A 75 -24.27 1.09 1.46
C SER A 75 -24.67 -0.36 1.21
N GLY A 76 -24.26 -1.24 2.10
CA GLY A 76 -24.58 -2.66 1.96
C GLY A 76 -26.05 -2.94 2.24
N PRO A 77 -26.47 -4.18 1.98
CA PRO A 77 -27.86 -4.61 2.20
C PRO A 77 -28.22 -4.67 3.68
N SER A 78 -27.26 -4.34 4.53
CA SER A 78 -27.48 -4.37 5.98
C SER A 78 -27.73 -2.96 6.51
N SER A 79 -28.36 -2.89 7.68
CA SER A 79 -28.67 -1.60 8.30
C SER A 79 -27.99 -1.48 9.66
N GLY A 80 -26.75 -1.02 9.65
CA GLY A 80 -26.00 -0.86 10.90
C GLY A 80 -24.87 0.14 10.77
#